data_6QU4
#
_entry.id   6QU4
#
_cell.length_a   150.584
_cell.length_b   165.088
_cell.length_c   83.384
_cell.angle_alpha   90.00
_cell.angle_beta   90.00
_cell.angle_gamma   90.00
#
_symmetry.space_group_name_H-M   'P 21 21 2'
#
loop_
_entity.id
_entity.type
_entity.pdbx_description
1 polymer 'ATP-dependent 6-phosphofructokinase'
2 non-polymer 1-[(3,4-dichlorophenyl)methyl]-5-[2-(dimethylamino)ethyl]pyrrolo[3,2-c]pyridin-4-one
3 non-polymer 'CITRIC ACID'
4 non-polymer GLYCEROL
5 water water
#
_entity_poly.entity_id   1
_entity_poly.type   'polypeptide(L)'
_entity_poly.pdbx_seq_one_letter_code
;MGSSHHHHHHSSGLVPRGSHMAVESRSRVTSKLVKAHRAMLNSVTQEDLKVDRLPGADYPNPSKKYSSRTEFRDKTDYIM
YNPRPRDEPSSENPVSVSPLLCELAAARSRIHFNPTETTIGIVTCGGICPGLNDVIRSITLTGINVYNVKRVIGFRFGYW
GLSKKGSQTAIELHRGRVTNIHHYGGTILGSSRGPQDPKEMVDTLERLGVNILFTVGGDGTQRGALVISQEAKRRGVDIS
VFGVPKTIDNDLSFSHRTFGFQTAVEKAVQAIRAAYAEAVSANYGVGVVKLMGRDSGFIAAQAAVASAQANICLVPENPI
SEQEVMSLLERRFCHSRSCVIIVAEGFGQDWGRGSGGYDASGNKKLIDIGVILTEKVKAFLKANKSRYPDSTVKYIDPSY
MIRACPPSANDALFCATLATLAVHEAMAGATGCIIAMRHNNYILVPIKVATSVRRVLDLRGQLWRQVREITVDLGSDVRL
ARKLEIRRELEAINRNRDRLHEELAKL
;
_entity_poly.pdbx_strand_id   A,B,C,D
#
# COMPACT_ATOMS: atom_id res chain seq x y z
N MET A 40 22.33 -18.78 -37.85
CA MET A 40 21.61 -19.82 -37.06
C MET A 40 20.13 -19.44 -36.96
N LEU A 41 19.21 -20.39 -37.20
CA LEU A 41 17.75 -20.26 -36.97
C LEU A 41 17.34 -21.37 -36.00
N ASN A 42 16.40 -21.11 -35.10
CA ASN A 42 15.78 -22.19 -34.30
C ASN A 42 15.03 -23.10 -35.25
N SER A 43 14.77 -24.34 -34.85
CA SER A 43 14.11 -25.37 -35.67
C SER A 43 12.96 -25.97 -34.87
N VAL A 44 11.98 -25.14 -34.57
CA VAL A 44 10.70 -25.62 -33.97
C VAL A 44 9.83 -26.18 -35.10
N THR A 45 9.46 -27.46 -34.98
CA THR A 45 8.56 -28.18 -35.91
C THR A 45 7.26 -28.49 -35.18
N GLN A 46 6.18 -28.79 -35.91
CA GLN A 46 4.84 -29.09 -35.31
C GLN A 46 5.00 -30.27 -34.35
N GLU A 47 5.84 -31.24 -34.68
CA GLU A 47 6.11 -32.44 -33.82
C GLU A 47 6.62 -31.95 -32.47
N ASP A 48 7.48 -30.92 -32.45
CA ASP A 48 8.10 -30.39 -31.22
C ASP A 48 7.01 -29.87 -30.28
N LEU A 49 5.89 -29.38 -30.82
CA LEU A 49 4.76 -28.77 -30.05
C LEU A 49 3.73 -29.84 -29.65
N LYS A 50 3.79 -31.06 -30.20
CA LYS A 50 2.84 -32.13 -29.81
C LYS A 50 3.13 -32.51 -28.35
N VAL A 51 2.20 -32.26 -27.43
CA VAL A 51 2.42 -32.58 -25.98
C VAL A 51 2.00 -34.02 -25.75
N ASP A 52 2.84 -34.76 -25.02
CA ASP A 52 2.60 -36.15 -24.55
C ASP A 52 1.28 -36.25 -23.77
N ARG A 53 0.64 -37.40 -23.92
CA ARG A 53 -0.48 -37.89 -23.08
C ARG A 53 -0.12 -39.29 -22.60
N LEU A 54 -0.33 -39.59 -21.32
CA LEU A 54 -0.24 -40.99 -20.83
C LEU A 54 -1.34 -41.80 -21.53
N PRO A 55 -1.06 -43.06 -21.96
CA PRO A 55 -2.02 -43.81 -22.77
C PRO A 55 -3.29 -44.15 -21.97
N GLY A 56 -4.47 -43.85 -22.52
CA GLY A 56 -5.78 -44.15 -21.89
C GLY A 56 -6.40 -42.93 -21.24
N ALA A 57 -7.68 -42.69 -21.55
CA ALA A 57 -8.56 -41.68 -20.92
C ALA A 57 -9.90 -42.35 -20.63
N ASP A 58 -9.91 -43.24 -19.64
CA ASP A 58 -10.98 -44.27 -19.45
C ASP A 58 -11.93 -43.85 -18.31
N TYR A 59 -12.02 -42.56 -17.95
CA TYR A 59 -12.91 -42.07 -16.86
C TYR A 59 -13.54 -40.74 -17.24
N PRO A 60 -14.81 -40.51 -16.86
CA PRO A 60 -15.49 -39.24 -17.11
C PRO A 60 -15.00 -38.13 -16.17
N ASN A 61 -15.17 -36.88 -16.57
CA ASN A 61 -14.81 -35.67 -15.78
C ASN A 61 -15.93 -35.41 -14.77
N PRO A 62 -15.61 -35.38 -13.45
CA PRO A 62 -16.61 -35.08 -12.42
C PRO A 62 -17.35 -33.75 -12.56
N SER A 63 -16.73 -32.71 -13.13
CA SER A 63 -17.19 -31.29 -13.04
C SER A 63 -17.96 -30.86 -14.30
N ASP A 74 -15.29 -34.10 -27.37
CA ASP A 74 -14.17 -33.26 -26.85
C ASP A 74 -12.86 -33.79 -27.48
N LYS A 75 -12.31 -33.02 -28.41
CA LYS A 75 -11.00 -33.24 -29.09
C LYS A 75 -10.05 -32.12 -28.67
N THR A 76 -8.76 -32.23 -29.00
CA THR A 76 -7.75 -31.17 -28.77
C THR A 76 -8.00 -30.02 -29.75
N ASP A 77 -8.17 -28.81 -29.24
CA ASP A 77 -8.24 -27.56 -30.05
C ASP A 77 -6.87 -26.88 -30.02
N TYR A 78 -6.61 -26.04 -31.02
CA TYR A 78 -5.29 -25.42 -31.28
C TYR A 78 -5.47 -23.92 -31.45
N ILE A 79 -4.38 -23.18 -31.24
CA ILE A 79 -4.25 -21.74 -31.59
C ILE A 79 -2.98 -21.59 -32.44
N MET A 80 -3.03 -20.69 -33.42
CA MET A 80 -1.90 -20.38 -34.32
C MET A 80 -0.80 -19.72 -33.52
N TYR A 81 0.44 -20.21 -33.68
CA TYR A 81 1.65 -19.64 -33.05
C TYR A 81 1.76 -18.16 -33.44
N ASN A 82 1.67 -17.85 -34.73
CA ASN A 82 1.75 -16.47 -35.26
C ASN A 82 0.44 -16.13 -35.96
N PRO A 83 -0.44 -15.31 -35.34
CA PRO A 83 -1.67 -14.85 -35.95
C PRO A 83 -1.54 -13.74 -37.01
N ARG A 84 -0.38 -13.56 -37.65
CA ARG A 84 -0.22 -12.57 -38.73
C ARG A 84 -0.37 -13.28 -40.07
N PRO A 85 -1.09 -12.63 -41.02
CA PRO A 85 -1.39 -13.23 -42.31
C PRO A 85 -0.21 -13.14 -43.30
N ARG A 86 -0.14 -14.09 -44.24
CA ARG A 86 0.80 -14.05 -45.40
C ARG A 86 0.40 -12.87 -46.31
N ASP A 87 -0.86 -12.86 -46.76
CA ASP A 87 -1.37 -11.90 -47.78
C ASP A 87 -2.37 -10.93 -47.14
N GLU A 88 -2.62 -9.80 -47.82
CA GLU A 88 -3.59 -8.75 -47.44
C GLU A 88 -5.01 -9.30 -47.49
N PRO A 89 -6.01 -8.59 -46.94
CA PRO A 89 -7.39 -9.06 -46.97
C PRO A 89 -7.85 -9.39 -48.39
N SER A 90 -8.57 -10.51 -48.58
CA SER A 90 -9.05 -11.05 -49.88
C SER A 90 -10.32 -11.89 -49.70
N SER A 91 -10.84 -12.46 -50.80
CA SER A 91 -12.08 -13.29 -50.85
C SER A 91 -11.99 -14.46 -49.85
N GLU A 92 -10.82 -15.11 -49.73
CA GLU A 92 -10.61 -16.28 -48.82
C GLU A 92 -10.11 -15.78 -47.46
N ASN A 93 -10.21 -16.62 -46.44
CA ASN A 93 -9.78 -16.33 -45.05
C ASN A 93 -8.25 -16.24 -45.04
N PRO A 94 -7.65 -15.42 -44.15
CA PRO A 94 -6.19 -15.27 -44.12
C PRO A 94 -5.48 -16.47 -43.49
N VAL A 95 -4.22 -16.65 -43.89
CA VAL A 95 -3.39 -17.87 -43.61
C VAL A 95 -2.17 -17.40 -42.83
N SER A 96 -1.75 -18.17 -41.84
CA SER A 96 -0.65 -17.79 -40.91
C SER A 96 0.66 -17.73 -41.71
N VAL A 97 1.45 -16.70 -41.41
CA VAL A 97 2.90 -16.57 -41.77
C VAL A 97 3.68 -17.79 -41.26
N SER A 98 3.20 -18.48 -40.22
CA SER A 98 3.86 -19.67 -39.62
C SER A 98 2.99 -20.92 -39.78
N PRO A 99 3.59 -22.13 -39.90
CA PRO A 99 2.81 -23.36 -39.93
C PRO A 99 2.45 -23.89 -38.54
N LEU A 100 2.97 -23.26 -37.48
CA LEU A 100 2.91 -23.83 -36.13
C LEU A 100 1.56 -23.51 -35.46
N LEU A 101 1.00 -24.56 -34.86
CA LEU A 101 -0.19 -24.56 -33.98
C LEU A 101 0.23 -25.00 -32.57
N CYS A 102 -0.30 -24.33 -31.54
CA CYS A 102 -0.08 -24.65 -30.11
C CYS A 102 -1.36 -25.26 -29.52
N GLU A 103 -1.21 -26.32 -28.72
CA GLU A 103 -2.35 -27.02 -28.07
C GLU A 103 -2.94 -26.10 -27.00
N LEU A 104 -4.26 -25.83 -27.06
CA LEU A 104 -4.97 -24.98 -26.07
C LEU A 104 -5.25 -25.83 -24.82
N ALA A 105 -5.06 -25.23 -23.64
CA ALA A 105 -5.37 -25.84 -22.34
C ALA A 105 -6.86 -25.66 -22.05
N ALA A 106 -7.50 -26.70 -21.50
CA ALA A 106 -8.95 -26.75 -21.20
C ALA A 106 -9.29 -28.01 -20.42
N ALA A 107 -10.31 -27.94 -19.57
CA ALA A 107 -10.92 -29.12 -18.91
C ALA A 107 -11.43 -30.08 -19.98
N ARG A 108 -11.13 -31.39 -19.85
CA ARG A 108 -11.51 -32.41 -20.88
C ARG A 108 -12.66 -33.27 -20.34
N SER A 109 -13.45 -33.87 -21.22
CA SER A 109 -14.65 -34.70 -20.89
C SER A 109 -14.20 -36.07 -20.38
N ARG A 110 -13.20 -36.66 -21.03
CA ARG A 110 -12.55 -37.91 -20.57
C ARG A 110 -11.20 -37.53 -19.96
N ILE A 111 -10.81 -38.20 -18.87
CA ILE A 111 -9.54 -37.94 -18.15
C ILE A 111 -8.80 -39.27 -17.97
N HIS A 112 -7.49 -39.22 -17.77
CA HIS A 112 -6.59 -40.40 -17.69
C HIS A 112 -6.72 -41.06 -16.31
N PHE A 113 -6.62 -40.27 -15.24
CA PHE A 113 -6.57 -40.74 -13.83
C PHE A 113 -8.00 -40.84 -13.26
N ASN A 114 -8.28 -41.94 -12.56
CA ASN A 114 -9.51 -42.12 -11.75
C ASN A 114 -9.44 -41.16 -10.56
N PRO A 115 -10.23 -40.07 -10.54
CA PRO A 115 -9.98 -38.96 -9.61
C PRO A 115 -9.83 -39.41 -8.15
N THR A 116 -10.77 -40.22 -7.66
CA THR A 116 -10.91 -40.68 -6.25
C THR A 116 -9.71 -41.56 -5.85
N GLU A 117 -8.88 -42.01 -6.79
CA GLU A 117 -7.74 -42.92 -6.54
C GLU A 117 -6.41 -42.18 -6.77
N THR A 118 -6.45 -40.90 -7.12
CA THR A 118 -5.28 -40.11 -7.60
C THR A 118 -4.65 -39.34 -6.44
N THR A 119 -3.34 -39.49 -6.23
CA THR A 119 -2.54 -38.60 -5.35
C THR A 119 -1.85 -37.54 -6.22
N ILE A 120 -2.00 -36.25 -5.87
CA ILE A 120 -1.30 -35.11 -6.53
C ILE A 120 -0.12 -34.71 -5.65
N GLY A 121 1.05 -34.51 -6.28
CA GLY A 121 2.29 -34.05 -5.64
C GLY A 121 2.66 -32.67 -6.13
N ILE A 122 3.13 -31.80 -5.23
CA ILE A 122 3.56 -30.42 -5.56
C ILE A 122 4.97 -30.20 -4.99
N VAL A 123 5.83 -29.54 -5.77
CA VAL A 123 7.21 -29.15 -5.36
C VAL A 123 7.51 -27.76 -5.94
N THR A 124 8.15 -26.90 -5.15
CA THR A 124 8.57 -25.53 -5.54
C THR A 124 10.09 -25.45 -5.39
N CYS A 125 10.78 -24.97 -6.43
CA CYS A 125 12.26 -25.01 -6.59
C CYS A 125 12.80 -23.63 -6.98
N GLY A 126 14.03 -23.31 -6.55
CA GLY A 126 14.75 -22.08 -6.94
C GLY A 126 14.27 -20.83 -6.21
N GLY A 127 14.78 -19.67 -6.61
CA GLY A 127 14.36 -18.36 -6.07
C GLY A 127 12.85 -18.29 -5.92
N ILE A 128 12.37 -17.74 -4.80
CA ILE A 128 10.91 -17.46 -4.64
C ILE A 128 10.53 -16.41 -5.68
N CYS A 129 9.24 -16.22 -5.87
CA CYS A 129 8.62 -15.44 -6.96
C CYS A 129 7.19 -15.15 -6.53
N PRO A 130 6.70 -13.90 -6.63
CA PRO A 130 5.37 -13.58 -6.10
C PRO A 130 4.32 -14.45 -6.79
N GLY A 131 3.55 -15.25 -6.04
CA GLY A 131 2.51 -16.13 -6.60
C GLY A 131 2.68 -17.60 -6.28
N LEU A 132 3.85 -18.04 -5.82
CA LEU A 132 4.08 -19.49 -5.55
C LEU A 132 2.94 -20.05 -4.69
N ASN A 133 2.51 -19.35 -3.64
CA ASN A 133 1.50 -19.87 -2.69
C ASN A 133 0.14 -20.00 -3.38
N ASP A 134 -0.18 -19.07 -4.27
CA ASP A 134 -1.40 -19.10 -5.12
C ASP A 134 -1.41 -20.38 -5.96
N VAL A 135 -0.30 -20.66 -6.65
CA VAL A 135 -0.15 -21.88 -7.49
C VAL A 135 -0.33 -23.12 -6.60
N ILE A 136 0.31 -23.15 -5.43
CA ILE A 136 0.13 -24.26 -4.43
C ILE A 136 -1.36 -24.35 -4.07
N ARG A 137 -1.98 -23.22 -3.73
CA ARG A 137 -3.38 -23.16 -3.24
C ARG A 137 -4.31 -23.69 -4.33
N SER A 138 -4.18 -23.15 -5.54
CA SER A 138 -5.09 -23.46 -6.69
C SER A 138 -4.94 -24.92 -7.12
N ILE A 139 -3.71 -25.44 -7.22
CA ILE A 139 -3.48 -26.88 -7.53
C ILE A 139 -4.21 -27.70 -6.47
N THR A 140 -4.00 -27.39 -5.20
CA THR A 140 -4.62 -28.10 -4.05
C THR A 140 -6.15 -28.02 -4.16
N LEU A 141 -6.74 -26.83 -4.28
CA LEU A 141 -8.22 -26.64 -4.26
C LEU A 141 -8.88 -27.20 -5.54
N THR A 142 -8.25 -27.02 -6.71
CA THR A 142 -8.78 -27.60 -7.98
C THR A 142 -8.82 -29.12 -7.85
N GLY A 143 -7.71 -29.73 -7.41
CA GLY A 143 -7.64 -31.17 -7.09
C GLY A 143 -8.78 -31.63 -6.22
N ILE A 144 -9.01 -30.95 -5.09
CA ILE A 144 -9.95 -31.38 -4.01
C ILE A 144 -11.40 -31.07 -4.40
N ASN A 145 -11.69 -29.82 -4.77
CA ASN A 145 -13.08 -29.32 -4.94
C ASN A 145 -13.67 -29.79 -6.28
N VAL A 146 -12.85 -29.88 -7.33
CA VAL A 146 -13.33 -30.16 -8.71
C VAL A 146 -13.21 -31.66 -9.00
N TYR A 147 -12.00 -32.24 -8.82
CA TYR A 147 -11.71 -33.65 -9.17
C TYR A 147 -11.87 -34.56 -7.95
N ASN A 148 -11.73 -34.03 -6.74
CA ASN A 148 -12.04 -34.78 -5.49
C ASN A 148 -10.99 -35.88 -5.29
N VAL A 149 -9.72 -35.54 -5.56
CA VAL A 149 -8.57 -36.50 -5.54
C VAL A 149 -8.39 -37.06 -4.13
N LYS A 150 -7.87 -38.29 -4.01
CA LYS A 150 -7.70 -39.04 -2.73
C LYS A 150 -6.84 -38.21 -1.77
N ARG A 151 -5.76 -37.62 -2.26
CA ARG A 151 -4.71 -37.01 -1.41
C ARG A 151 -3.94 -35.96 -2.23
N VAL A 152 -3.37 -34.96 -1.56
CA VAL A 152 -2.44 -33.95 -2.15
C VAL A 152 -1.25 -33.78 -1.21
N ILE A 153 -0.04 -33.99 -1.72
CA ILE A 153 1.23 -33.95 -0.95
C ILE A 153 2.04 -32.73 -1.41
N GLY A 154 2.62 -31.99 -0.46
CA GLY A 154 3.55 -30.88 -0.72
C GLY A 154 4.96 -31.27 -0.32
N PHE A 155 5.89 -31.27 -1.28
CA PHE A 155 7.31 -31.66 -1.06
C PHE A 155 8.10 -30.41 -0.65
N ARG A 156 8.80 -30.52 0.47
CA ARG A 156 9.46 -29.37 1.13
C ARG A 156 10.81 -29.09 0.49
N PHE A 157 11.14 -27.82 0.30
CA PHE A 157 12.51 -27.32 -0.04
C PHE A 157 12.96 -27.98 -1.34
N GLY A 158 12.14 -27.87 -2.39
CA GLY A 158 12.51 -28.23 -3.76
C GLY A 158 12.66 -29.74 -3.92
N TYR A 159 13.48 -30.16 -4.88
CA TYR A 159 13.64 -31.59 -5.27
C TYR A 159 14.15 -32.39 -4.06
N TRP A 160 14.89 -31.74 -3.16
CA TRP A 160 15.32 -32.30 -1.84
C TRP A 160 14.11 -32.94 -1.12
N GLY A 161 12.90 -32.40 -1.32
CA GLY A 161 11.65 -32.88 -0.70
C GLY A 161 11.28 -34.31 -1.11
N LEU A 162 11.77 -34.76 -2.27
CA LEU A 162 11.45 -36.10 -2.85
C LEU A 162 12.58 -37.11 -2.60
N SER A 163 13.79 -36.65 -2.29
CA SER A 163 14.90 -37.54 -1.80
C SER A 163 14.42 -38.30 -0.58
N LYS A 164 14.92 -39.52 -0.34
CA LYS A 164 14.47 -40.42 0.75
C LYS A 164 14.60 -39.71 2.12
N LYS A 165 15.56 -38.80 2.24
CA LYS A 165 15.84 -37.98 3.46
C LYS A 165 14.73 -36.92 3.64
N GLY A 166 14.41 -36.18 2.59
CA GLY A 166 13.43 -35.08 2.62
C GLY A 166 11.99 -35.55 2.52
N SER A 167 11.75 -36.79 2.08
CA SER A 167 10.42 -37.40 1.98
C SER A 167 9.78 -37.48 3.37
N GLN A 168 10.61 -37.54 4.42
CA GLN A 168 10.18 -37.46 5.84
C GLN A 168 9.34 -36.19 6.05
N THR A 169 9.80 -35.04 5.53
CA THR A 169 9.26 -33.68 5.81
C THR A 169 8.00 -33.39 5.00
N ALA A 170 7.73 -34.13 3.92
CA ALA A 170 6.60 -33.88 2.98
C ALA A 170 5.29 -33.73 3.76
N ILE A 171 4.39 -32.83 3.31
CA ILE A 171 3.21 -32.37 4.10
C ILE A 171 1.91 -32.76 3.39
N GLU A 172 0.85 -32.98 4.17
CA GLU A 172 -0.53 -33.23 3.65
C GLU A 172 -1.20 -31.88 3.37
N LEU A 173 -1.64 -31.66 2.13
CA LEU A 173 -2.32 -30.42 1.69
C LEU A 173 -3.84 -30.66 1.62
N HIS A 174 -4.58 -30.08 2.57
CA HIS A 174 -6.07 -30.05 2.62
C HIS A 174 -6.53 -28.58 2.53
N ARG A 175 -7.85 -28.34 2.45
CA ARG A 175 -8.44 -26.98 2.26
C ARG A 175 -7.99 -26.06 3.38
N GLY A 176 -8.04 -26.55 4.63
CA GLY A 176 -7.65 -25.80 5.83
C GLY A 176 -6.20 -25.32 5.77
N ARG A 177 -5.31 -26.13 5.19
CA ARG A 177 -3.85 -25.90 5.22
C ARG A 177 -3.46 -24.86 4.16
N VAL A 178 -4.35 -24.54 3.21
CA VAL A 178 -4.04 -23.64 2.06
C VAL A 178 -4.98 -22.42 2.04
N THR A 179 -5.91 -22.29 3.01
CA THR A 179 -7.00 -21.29 2.99
C THR A 179 -6.49 -19.88 2.61
N ASN A 180 -5.43 -19.39 3.28
CA ASN A 180 -5.00 -17.97 3.18
C ASN A 180 -3.54 -17.84 2.75
N ILE A 181 -2.91 -18.93 2.30
CA ILE A 181 -1.45 -18.96 2.05
C ILE A 181 -1.13 -18.01 0.89
N HIS A 182 -2.08 -17.73 -0.01
CA HIS A 182 -1.87 -16.78 -1.12
C HIS A 182 -1.71 -15.35 -0.60
N HIS A 183 -2.09 -15.04 0.65
CA HIS A 183 -1.91 -13.68 1.24
C HIS A 183 -0.43 -13.39 1.56
N TYR A 184 0.47 -14.39 1.51
CA TYR A 184 1.88 -14.26 1.95
C TYR A 184 2.84 -14.63 0.82
N GLY A 185 3.93 -13.86 0.69
CA GLY A 185 5.07 -14.18 -0.20
C GLY A 185 5.79 -15.46 0.23
N GLY A 186 6.72 -15.93 -0.60
CA GLY A 186 7.48 -17.18 -0.37
C GLY A 186 6.65 -18.39 -0.74
N THR A 187 6.91 -19.53 -0.10
CA THR A 187 6.28 -20.85 -0.41
C THR A 187 6.14 -21.64 0.90
N ILE A 188 4.92 -22.03 1.27
CA ILE A 188 4.70 -22.82 2.52
C ILE A 188 5.40 -24.17 2.39
N LEU A 189 5.70 -24.64 1.18
CA LEU A 189 6.47 -25.89 0.97
C LEU A 189 7.96 -25.65 1.25
N GLY A 190 8.44 -24.45 0.92
CA GLY A 190 9.87 -24.14 0.93
C GLY A 190 10.50 -24.46 -0.42
N SER A 191 11.72 -23.99 -0.65
CA SER A 191 12.38 -24.05 -1.96
C SER A 191 13.91 -24.17 -1.80
N SER A 192 14.54 -25.05 -2.57
CA SER A 192 16.01 -25.15 -2.74
C SER A 192 16.37 -25.15 -4.23
N ARG A 193 17.58 -24.67 -4.52
CA ARG A 193 18.25 -24.85 -5.81
C ARG A 193 18.83 -26.27 -5.86
N GLY A 194 18.98 -26.83 -7.05
CA GLY A 194 19.78 -28.06 -7.23
C GLY A 194 18.93 -29.29 -7.48
N PRO A 195 19.43 -30.23 -8.31
CA PRO A 195 18.77 -31.51 -8.53
C PRO A 195 19.02 -32.50 -7.38
N GLN A 196 18.33 -33.63 -7.44
CA GLN A 196 18.59 -34.86 -6.66
C GLN A 196 18.66 -36.03 -7.64
N ASP A 197 19.03 -37.21 -7.12
CA ASP A 197 19.05 -38.49 -7.87
C ASP A 197 17.64 -38.81 -8.36
N PRO A 198 17.38 -38.78 -9.70
CA PRO A 198 16.05 -39.06 -10.24
C PRO A 198 15.51 -40.42 -9.75
N LYS A 199 16.39 -41.41 -9.65
CA LYS A 199 16.09 -42.77 -9.12
C LYS A 199 15.41 -42.61 -7.75
N GLU A 200 16.10 -41.93 -6.82
CA GLU A 200 15.69 -41.78 -5.39
C GLU A 200 14.35 -41.05 -5.31
N MET A 201 14.15 -40.02 -6.16
CA MET A 201 12.91 -39.21 -6.20
C MET A 201 11.72 -40.09 -6.60
N VAL A 202 11.86 -40.88 -7.66
CA VAL A 202 10.76 -41.71 -8.23
C VAL A 202 10.44 -42.86 -7.27
N ASP A 203 11.39 -43.25 -6.43
CA ASP A 203 11.17 -44.18 -5.29
C ASP A 203 10.09 -43.58 -4.39
N THR A 204 10.29 -42.33 -3.94
CA THR A 204 9.35 -41.58 -3.07
C THR A 204 7.98 -41.47 -3.76
N LEU A 205 7.96 -41.12 -5.04
CA LEU A 205 6.70 -40.96 -5.82
C LEU A 205 5.93 -42.28 -5.80
N GLU A 206 6.62 -43.40 -6.03
CA GLU A 206 6.04 -44.76 -6.02
C GLU A 206 5.58 -45.09 -4.59
N ARG A 207 6.42 -44.78 -3.59
CA ARG A 207 6.19 -45.12 -2.17
C ARG A 207 4.91 -44.45 -1.66
N LEU A 208 4.68 -43.17 -2.00
CA LEU A 208 3.51 -42.37 -1.54
C LEU A 208 2.33 -42.54 -2.50
N GLY A 209 2.51 -43.30 -3.59
CA GLY A 209 1.50 -43.51 -4.64
C GLY A 209 1.13 -42.21 -5.34
N VAL A 210 2.10 -41.29 -5.51
CA VAL A 210 1.91 -40.02 -6.25
C VAL A 210 1.66 -40.34 -7.73
N ASN A 211 0.55 -39.86 -8.30
CA ASN A 211 0.15 -40.15 -9.71
C ASN A 211 0.49 -38.94 -10.61
N ILE A 212 0.36 -37.72 -10.08
CA ILE A 212 0.76 -36.46 -10.79
C ILE A 212 1.73 -35.70 -9.89
N LEU A 213 2.81 -35.16 -10.47
CA LEU A 213 3.75 -34.23 -9.80
C LEU A 213 3.77 -32.91 -10.55
N PHE A 214 3.35 -31.82 -9.90
CA PHE A 214 3.47 -30.44 -10.44
C PHE A 214 4.83 -29.88 -10.01
N THR A 215 5.62 -29.45 -11.00
CA THR A 215 6.99 -28.91 -10.80
C THR A 215 6.92 -27.41 -11.05
N VAL A 216 6.99 -26.63 -9.99
CA VAL A 216 6.97 -25.14 -10.05
C VAL A 216 8.41 -24.67 -9.89
N GLY A 217 9.00 -24.08 -10.94
CA GLY A 217 10.43 -23.74 -11.02
C GLY A 217 10.80 -23.19 -12.38
N GLY A 218 12.05 -22.80 -12.57
CA GLY A 218 12.59 -22.28 -13.84
C GLY A 218 13.03 -23.40 -14.77
N ASP A 219 13.73 -23.03 -15.84
CA ASP A 219 14.14 -23.96 -16.92
C ASP A 219 14.79 -25.21 -16.31
N GLY A 220 15.75 -25.03 -15.42
CA GLY A 220 16.48 -26.12 -14.74
C GLY A 220 15.55 -27.11 -14.08
N THR A 221 14.48 -26.63 -13.44
CA THR A 221 13.50 -27.45 -12.67
C THR A 221 12.73 -28.35 -13.65
N GLN A 222 12.25 -27.77 -14.76
CA GLN A 222 11.46 -28.52 -15.77
C GLN A 222 12.37 -29.53 -16.47
N ARG A 223 13.62 -29.14 -16.77
CA ARG A 223 14.64 -30.06 -17.34
C ARG A 223 14.71 -31.30 -16.45
N GLY A 224 14.71 -31.11 -15.12
CA GLY A 224 14.71 -32.20 -14.14
C GLY A 224 13.38 -32.93 -14.14
N ALA A 225 12.28 -32.19 -14.39
CA ALA A 225 10.91 -32.72 -14.43
C ALA A 225 10.82 -33.78 -15.54
N LEU A 226 11.33 -33.46 -16.73
CA LEU A 226 11.27 -34.45 -17.85
C LEU A 226 12.21 -35.63 -17.54
N VAL A 227 13.28 -35.44 -16.77
CA VAL A 227 14.21 -36.54 -16.32
C VAL A 227 13.48 -37.45 -15.30
N ILE A 228 12.59 -36.91 -14.47
CA ILE A 228 11.70 -37.71 -13.57
C ILE A 228 10.74 -38.52 -14.44
N SER A 229 10.12 -37.87 -15.43
CA SER A 229 9.16 -38.46 -16.41
C SER A 229 9.80 -39.69 -17.09
N GLN A 230 11.04 -39.55 -17.56
CA GLN A 230 11.80 -40.60 -18.29
C GLN A 230 12.17 -41.73 -17.31
N GLU A 231 12.58 -41.39 -16.09
CA GLU A 231 12.91 -42.38 -15.03
C GLU A 231 11.63 -43.16 -14.64
N ALA A 232 10.48 -42.51 -14.72
CA ALA A 232 9.15 -43.10 -14.41
C ALA A 232 8.78 -44.13 -15.49
N LYS A 233 8.74 -43.72 -16.77
CA LYS A 233 8.40 -44.62 -17.92
C LYS A 233 9.42 -45.78 -18.00
N ARG A 234 10.65 -45.56 -17.55
CA ARG A 234 11.76 -46.57 -17.44
C ARG A 234 11.33 -47.74 -16.55
N ARG A 235 10.49 -47.51 -15.54
CA ARG A 235 9.91 -48.57 -14.65
C ARG A 235 8.48 -48.91 -15.05
N GLY A 236 7.90 -48.19 -16.02
CA GLY A 236 6.51 -48.37 -16.46
C GLY A 236 5.52 -48.03 -15.35
N VAL A 237 5.71 -46.89 -14.69
CA VAL A 237 4.79 -46.36 -13.62
C VAL A 237 3.87 -45.32 -14.26
N ASP A 238 2.65 -45.22 -13.74
CA ASP A 238 1.60 -44.27 -14.19
C ASP A 238 1.82 -42.92 -13.48
N ILE A 239 2.75 -42.09 -14.01
CA ILE A 239 3.09 -40.75 -13.45
C ILE A 239 2.91 -39.67 -14.53
N SER A 240 2.22 -38.58 -14.21
CA SER A 240 2.25 -37.31 -14.97
C SER A 240 3.20 -36.35 -14.27
N VAL A 241 4.13 -35.75 -15.02
CA VAL A 241 5.03 -34.66 -14.53
C VAL A 241 4.68 -33.40 -15.33
N PHE A 242 4.09 -32.40 -14.68
CA PHE A 242 3.51 -31.19 -15.30
C PHE A 242 4.13 -29.93 -14.68
N GLY A 243 4.69 -29.07 -15.52
CA GLY A 243 5.40 -27.85 -15.10
C GLY A 243 4.48 -26.64 -15.08
N VAL A 244 4.53 -25.88 -13.99
CA VAL A 244 4.06 -24.47 -13.93
C VAL A 244 5.30 -23.60 -13.94
N PRO A 245 5.64 -22.96 -15.08
CA PRO A 245 6.81 -22.08 -15.18
C PRO A 245 6.83 -20.98 -14.11
N LYS A 246 7.90 -20.97 -13.32
CA LYS A 246 8.26 -19.87 -12.39
C LYS A 246 9.49 -19.17 -12.97
N THR A 247 9.36 -17.90 -13.33
CA THR A 247 10.43 -17.02 -13.83
C THR A 247 9.91 -15.58 -13.81
N ILE A 248 10.39 -14.80 -12.84
CA ILE A 248 9.96 -13.39 -12.62
C ILE A 248 10.39 -12.54 -13.83
N ASP A 249 11.40 -12.96 -14.60
CA ASP A 249 11.96 -12.18 -15.74
C ASP A 249 11.12 -12.34 -17.00
N ASN A 250 10.14 -13.24 -16.97
CA ASN A 250 9.14 -13.38 -18.05
C ASN A 250 9.87 -13.71 -19.37
N ASP A 251 10.82 -14.64 -19.31
CA ASP A 251 11.74 -14.96 -20.42
C ASP A 251 11.46 -16.38 -20.94
N LEU A 252 10.36 -16.98 -20.50
CA LEU A 252 9.81 -18.22 -21.11
C LEU A 252 9.34 -17.90 -22.53
N SER A 253 9.67 -18.75 -23.49
CA SER A 253 9.22 -18.65 -24.91
C SER A 253 7.87 -19.35 -25.04
N PHE A 254 7.15 -19.11 -26.13
CA PHE A 254 5.75 -19.57 -26.31
C PHE A 254 4.89 -18.99 -25.19
N SER A 255 5.24 -17.79 -24.71
CA SER A 255 4.64 -17.08 -23.54
C SER A 255 4.74 -15.57 -23.78
N HIS A 256 3.73 -14.79 -23.39
CA HIS A 256 3.82 -13.31 -23.28
C HIS A 256 3.84 -12.88 -21.80
N ARG A 257 3.64 -13.84 -20.88
CA ARG A 257 3.49 -13.54 -19.44
C ARG A 257 3.65 -14.82 -18.60
N THR A 258 4.47 -14.72 -17.56
CA THR A 258 4.60 -15.74 -16.49
C THR A 258 4.13 -15.11 -15.17
N PHE A 259 3.65 -15.94 -14.26
CA PHE A 259 3.11 -15.48 -12.97
C PHE A 259 4.26 -14.80 -12.23
N GLY A 260 3.94 -13.70 -11.53
CA GLY A 260 4.85 -12.93 -10.68
C GLY A 260 5.44 -11.70 -11.38
N PHE A 261 5.51 -11.70 -12.70
CA PHE A 261 6.25 -10.66 -13.46
C PHE A 261 5.54 -9.31 -13.25
N GLN A 262 4.22 -9.24 -13.43
CA GLN A 262 3.46 -7.96 -13.27
C GLN A 262 3.67 -7.42 -11.84
N THR A 263 3.60 -8.28 -10.83
CA THR A 263 3.85 -7.91 -9.41
C THR A 263 5.28 -7.36 -9.28
N ALA A 264 6.25 -8.01 -9.90
CA ALA A 264 7.68 -7.64 -9.79
C ALA A 264 7.91 -6.24 -10.36
N VAL A 265 7.21 -5.88 -11.44
CA VAL A 265 7.37 -4.53 -12.08
C VAL A 265 6.79 -3.47 -11.15
N GLU A 266 5.71 -3.78 -10.43
CA GLU A 266 5.08 -2.86 -9.44
C GLU A 266 6.12 -2.46 -8.41
N LYS A 267 6.84 -3.46 -7.87
CA LYS A 267 7.87 -3.26 -6.82
C LYS A 267 9.06 -2.51 -7.40
N ALA A 268 9.52 -2.87 -8.59
CA ALA A 268 10.65 -2.20 -9.26
C ALA A 268 10.36 -0.70 -9.33
N VAL A 269 9.15 -0.32 -9.74
CA VAL A 269 8.75 1.11 -9.89
C VAL A 269 8.80 1.80 -8.52
N GLN A 270 8.43 1.09 -7.46
CA GLN A 270 8.48 1.59 -6.07
C GLN A 270 9.93 1.86 -5.70
N ALA A 271 10.82 0.89 -5.92
CA ALA A 271 12.27 1.02 -5.70
C ALA A 271 12.79 2.26 -6.43
N ILE A 272 12.32 2.50 -7.66
CA ILE A 272 12.81 3.61 -8.52
C ILE A 272 12.35 4.94 -7.91
N ARG A 273 11.10 5.01 -7.46
CA ARG A 273 10.50 6.22 -6.80
C ARG A 273 11.40 6.64 -5.63
N ALA A 274 11.86 5.68 -4.82
CA ALA A 274 12.79 5.90 -3.69
C ALA A 274 14.14 6.40 -4.19
N ALA A 275 14.79 5.67 -5.10
CA ALA A 275 16.08 6.05 -5.70
C ALA A 275 15.96 7.47 -6.23
N TYR A 276 14.89 7.76 -6.97
CA TYR A 276 14.65 9.07 -7.61
C TYR A 276 14.67 10.16 -6.52
N ALA A 277 13.98 9.94 -5.41
CA ALA A 277 13.85 10.91 -4.29
C ALA A 277 15.23 11.17 -3.67
N GLU A 278 15.98 10.10 -3.38
CA GLU A 278 17.38 10.16 -2.86
C GLU A 278 18.19 11.03 -3.84
N ALA A 279 18.13 10.71 -5.13
CA ALA A 279 19.04 11.25 -6.16
C ALA A 279 18.74 12.73 -6.41
N VAL A 280 17.48 13.09 -6.59
CA VAL A 280 17.09 14.50 -6.89
C VAL A 280 17.39 15.37 -5.66
N SER A 281 17.49 14.77 -4.47
CA SER A 281 17.80 15.46 -3.19
C SER A 281 19.27 15.88 -3.10
N ALA A 282 20.17 15.21 -3.84
CA ALA A 282 21.62 15.53 -3.85
C ALA A 282 21.98 16.33 -5.10
N ASN A 283 22.97 17.23 -4.97
CA ASN A 283 23.60 17.93 -6.12
C ASN A 283 24.54 16.93 -6.81
N TYR A 284 24.33 16.70 -8.11
CA TYR A 284 24.98 15.61 -8.89
C TYR A 284 24.79 14.31 -8.11
N GLY A 285 23.52 13.98 -7.86
CA GLY A 285 23.08 12.75 -7.20
C GLY A 285 22.86 11.64 -8.21
N VAL A 286 23.31 10.42 -7.89
CA VAL A 286 23.15 9.24 -8.78
C VAL A 286 22.52 8.10 -7.98
N GLY A 287 21.31 7.69 -8.38
CA GLY A 287 20.70 6.44 -7.91
C GLY A 287 20.97 5.32 -8.89
N VAL A 288 21.67 4.28 -8.46
CA VAL A 288 21.84 3.02 -9.23
C VAL A 288 20.88 1.98 -8.62
N VAL A 289 19.94 1.46 -9.41
CA VAL A 289 18.95 0.44 -8.97
C VAL A 289 19.18 -0.85 -9.77
N LYS A 290 19.42 -1.97 -9.09
CA LYS A 290 19.52 -3.30 -9.75
C LYS A 290 18.14 -3.96 -9.76
N LEU A 291 17.63 -4.28 -10.95
CA LEU A 291 16.24 -4.78 -11.15
C LEU A 291 16.26 -6.15 -11.81
N MET A 292 16.58 -7.20 -11.06
CA MET A 292 16.46 -8.61 -11.53
C MET A 292 17.06 -8.70 -12.93
N GLY A 293 16.65 -9.69 -13.74
CA GLY A 293 17.05 -9.78 -15.17
C GLY A 293 18.38 -10.48 -15.37
N ARG A 294 18.44 -11.79 -15.13
CA ARG A 294 19.66 -12.61 -15.28
C ARG A 294 20.10 -12.63 -16.75
N ASP A 295 19.19 -12.93 -17.68
CA ASP A 295 19.51 -13.14 -19.12
C ASP A 295 18.67 -12.26 -20.03
N SER A 296 17.66 -11.58 -19.49
CA SER A 296 16.73 -10.70 -20.23
C SER A 296 16.45 -9.46 -19.37
N GLY A 297 15.96 -8.38 -19.97
CA GLY A 297 15.75 -7.07 -19.31
C GLY A 297 14.29 -6.62 -19.36
N PHE A 298 13.34 -7.55 -19.24
CA PHE A 298 11.89 -7.21 -19.32
C PHE A 298 11.46 -6.40 -18.09
N ILE A 299 11.93 -6.76 -16.88
CA ILE A 299 11.62 -6.01 -15.65
C ILE A 299 12.26 -4.62 -15.77
N ALA A 300 13.57 -4.58 -16.04
CA ALA A 300 14.33 -3.32 -16.19
C ALA A 300 13.58 -2.40 -17.16
N ALA A 301 13.21 -2.87 -18.35
CA ALA A 301 12.58 -2.06 -19.44
C ALA A 301 11.19 -1.56 -19.00
N GLN A 302 10.32 -2.45 -18.51
CA GLN A 302 8.93 -2.05 -18.15
C GLN A 302 8.96 -1.07 -16.96
N ALA A 303 9.72 -1.38 -15.90
CA ALA A 303 9.92 -0.51 -14.72
C ALA A 303 10.41 0.87 -15.19
N ALA A 304 11.39 0.90 -16.09
CA ALA A 304 12.00 2.15 -16.61
C ALA A 304 10.91 3.00 -17.24
N VAL A 305 10.07 2.39 -18.08
CA VAL A 305 9.00 3.11 -18.84
C VAL A 305 7.89 3.51 -17.86
N ALA A 306 7.41 2.58 -17.02
CA ALA A 306 6.30 2.81 -16.07
C ALA A 306 6.69 3.94 -15.13
N SER A 307 7.79 3.78 -14.40
CA SER A 307 8.35 4.80 -13.47
C SER A 307 8.44 6.17 -14.15
N ALA A 308 8.82 6.23 -15.42
CA ALA A 308 9.19 7.47 -16.12
C ALA A 308 10.28 8.23 -15.36
N GLN A 309 11.17 7.54 -14.62
CA GLN A 309 12.15 8.21 -13.72
C GLN A 309 13.60 7.74 -13.95
N ALA A 310 13.79 6.73 -14.79
CA ALA A 310 15.08 6.19 -15.27
C ALA A 310 15.63 7.10 -16.36
N ASN A 311 16.90 7.50 -16.27
CA ASN A 311 17.61 8.26 -17.34
C ASN A 311 18.59 7.36 -18.12
N ILE A 312 18.97 6.24 -17.55
CA ILE A 312 19.87 5.22 -18.17
C ILE A 312 19.34 3.86 -17.74
N CYS A 313 19.11 2.99 -18.72
CA CYS A 313 18.52 1.66 -18.50
C CYS A 313 19.45 0.61 -19.14
N LEU A 314 20.18 -0.14 -18.32
CA LEU A 314 21.23 -1.08 -18.76
C LEU A 314 20.69 -2.51 -18.70
N VAL A 315 20.53 -3.12 -19.87
CA VAL A 315 19.98 -4.50 -20.00
C VAL A 315 21.00 -5.34 -20.74
N PRO A 316 20.97 -6.67 -20.54
CA PRO A 316 21.92 -7.59 -21.17
C PRO A 316 21.84 -7.54 -22.69
N GLU A 317 20.63 -7.47 -23.23
CA GLU A 317 20.37 -7.45 -24.70
C GLU A 317 21.16 -6.31 -25.35
N ASN A 318 21.47 -5.23 -24.63
CA ASN A 318 22.17 -4.04 -25.18
C ASN A 318 23.49 -3.83 -24.43
N PRO A 319 24.49 -4.72 -24.61
CA PRO A 319 25.74 -4.60 -23.86
C PRO A 319 26.55 -3.40 -24.40
N ILE A 320 26.69 -2.33 -23.63
CA ILE A 320 27.53 -1.16 -23.99
C ILE A 320 28.69 -1.11 -23.00
N SER A 321 29.68 -0.28 -23.28
CA SER A 321 30.93 -0.17 -22.49
C SER A 321 30.70 0.74 -21.28
N GLU A 322 31.49 0.50 -20.23
CA GLU A 322 31.73 1.42 -19.10
C GLU A 322 31.89 2.85 -19.63
N GLN A 323 32.68 3.05 -20.68
CA GLN A 323 32.97 4.40 -21.22
C GLN A 323 31.67 4.99 -21.77
N GLU A 324 30.84 4.19 -22.43
CA GLU A 324 29.55 4.64 -23.04
C GLU A 324 28.62 5.11 -21.92
N VAL A 325 28.49 4.31 -20.86
CA VAL A 325 27.65 4.61 -19.67
C VAL A 325 28.05 5.99 -19.12
N MET A 326 29.34 6.25 -18.94
CA MET A 326 29.82 7.50 -18.28
C MET A 326 29.49 8.72 -19.14
N SER A 327 29.43 8.58 -20.46
CA SER A 327 29.13 9.72 -21.37
C SER A 327 27.62 9.97 -21.38
N LEU A 328 26.81 8.94 -21.13
CA LEU A 328 25.36 9.12 -20.89
C LEU A 328 25.19 9.94 -19.61
N LEU A 329 25.86 9.52 -18.53
CA LEU A 329 25.84 10.19 -17.20
C LEU A 329 26.27 11.65 -17.39
N GLU A 330 27.39 11.84 -18.09
CA GLU A 330 28.01 13.17 -18.37
C GLU A 330 27.00 14.07 -19.07
N ARG A 331 26.28 13.54 -20.07
CA ARG A 331 25.28 14.30 -20.86
C ARG A 331 24.07 14.63 -20.00
N ARG A 332 23.71 13.75 -19.08
CA ARG A 332 22.61 13.96 -18.11
C ARG A 332 22.97 15.17 -17.24
N PHE A 333 24.22 15.23 -16.78
CA PHE A 333 24.72 16.29 -15.85
C PHE A 333 25.02 17.58 -16.61
N CYS A 334 24.73 17.66 -17.90
CA CYS A 334 24.87 18.93 -18.67
C CYS A 334 23.75 19.89 -18.27
N HIS A 335 22.52 19.39 -18.11
CA HIS A 335 21.31 20.21 -17.83
C HIS A 335 20.45 19.51 -16.78
N SER A 336 21.08 18.86 -15.80
CA SER A 336 20.40 18.15 -14.68
C SER A 336 21.40 17.86 -13.56
N ARG A 337 20.94 17.86 -12.31
CA ARG A 337 21.79 17.65 -11.12
C ARG A 337 21.52 16.26 -10.53
N SER A 338 20.73 15.43 -11.20
CA SER A 338 20.44 14.04 -10.76
C SER A 338 20.37 13.08 -11.95
N CYS A 339 20.62 11.80 -11.69
CA CYS A 339 20.56 10.68 -12.65
C CYS A 339 20.14 9.41 -11.91
N VAL A 340 19.13 8.71 -12.44
CA VAL A 340 18.73 7.34 -11.99
C VAL A 340 19.20 6.35 -13.06
N ILE A 341 19.90 5.29 -12.64
CA ILE A 341 20.47 4.25 -13.54
C ILE A 341 19.85 2.91 -13.16
N ILE A 342 19.00 2.36 -14.04
CA ILE A 342 18.47 0.97 -13.91
C ILE A 342 19.56 0.06 -14.50
N VAL A 343 19.82 -1.08 -13.85
CA VAL A 343 20.82 -2.07 -14.31
C VAL A 343 20.29 -3.46 -13.97
N ALA A 344 20.19 -4.32 -15.00
CA ALA A 344 19.80 -5.73 -14.87
C ALA A 344 21.00 -6.50 -14.34
N GLU A 345 20.78 -7.50 -13.49
CA GLU A 345 21.87 -8.28 -12.84
C GLU A 345 22.72 -8.95 -13.92
N GLY A 346 22.20 -9.11 -15.13
CA GLY A 346 22.86 -9.79 -16.26
C GLY A 346 23.62 -8.86 -17.18
N PHE A 347 23.51 -7.55 -16.99
CA PHE A 347 24.24 -6.55 -17.82
C PHE A 347 25.73 -6.63 -17.48
N GLY A 348 26.57 -6.30 -18.47
CA GLY A 348 28.02 -6.16 -18.30
C GLY A 348 28.68 -7.40 -17.73
N GLN A 349 28.41 -8.57 -18.33
CA GLN A 349 29.12 -9.83 -18.00
C GLN A 349 30.56 -9.78 -18.57
N ASP A 350 30.88 -8.75 -19.38
CA ASP A 350 32.21 -8.52 -19.99
C ASP A 350 32.90 -7.32 -19.33
N TRP A 351 32.57 -7.00 -18.07
CA TRP A 351 33.06 -5.82 -17.31
C TRP A 351 34.02 -6.32 -16.23
N GLY A 352 33.91 -7.61 -15.93
CA GLY A 352 34.71 -8.37 -14.97
C GLY A 352 34.66 -9.84 -15.32
N ARG A 353 35.38 -10.66 -14.57
CA ARG A 353 35.43 -12.15 -14.74
C ARG A 353 34.93 -12.77 -13.43
N GLY A 354 33.84 -13.54 -13.50
CA GLY A 354 33.37 -14.41 -12.40
C GLY A 354 34.38 -15.52 -12.11
N SER A 355 34.43 -15.97 -10.85
CA SER A 355 35.06 -17.23 -10.38
C SER A 355 35.13 -18.29 -11.50
N GLY A 356 34.00 -18.53 -12.19
CA GLY A 356 33.83 -19.55 -13.24
C GLY A 356 32.89 -20.67 -12.79
N GLY A 357 32.24 -20.52 -11.63
CA GLY A 357 31.38 -21.55 -11.01
C GLY A 357 29.92 -21.38 -11.37
N TYR A 358 29.10 -22.36 -10.96
CA TYR A 358 27.61 -22.33 -11.01
C TYR A 358 27.03 -22.41 -9.58
N ASP A 359 25.88 -21.80 -9.33
CA ASP A 359 24.98 -22.18 -8.22
C ASP A 359 24.39 -23.57 -8.56
N ALA A 360 23.75 -24.22 -7.59
CA ALA A 360 23.29 -25.63 -7.68
C ALA A 360 22.29 -25.83 -8.82
N SER A 361 21.59 -24.76 -9.23
CA SER A 361 20.49 -24.77 -10.24
C SER A 361 21.04 -24.79 -11.68
N GLY A 362 22.32 -24.44 -11.85
CA GLY A 362 23.01 -24.42 -13.16
C GLY A 362 23.04 -23.04 -13.80
N ASN A 363 22.90 -21.97 -13.01
CA ASN A 363 23.09 -20.57 -13.44
C ASN A 363 24.56 -20.20 -13.22
N LYS A 364 25.13 -19.37 -14.09
CA LYS A 364 26.48 -18.76 -13.97
C LYS A 364 26.51 -17.84 -12.74
N LYS A 365 27.51 -18.00 -11.86
CA LYS A 365 27.72 -17.12 -10.69
C LYS A 365 28.27 -15.79 -11.25
N LEU A 366 27.40 -14.77 -11.25
CA LEU A 366 27.56 -13.50 -12.00
C LEU A 366 28.43 -12.52 -11.21
N ILE A 367 29.12 -11.61 -11.92
CA ILE A 367 29.92 -10.51 -11.33
C ILE A 367 28.89 -9.49 -10.83
N ASP A 368 28.85 -9.19 -9.54
CA ASP A 368 27.87 -8.26 -8.95
C ASP A 368 27.97 -6.90 -9.66
N ILE A 369 27.33 -6.79 -10.82
CA ILE A 369 27.36 -5.59 -11.70
C ILE A 369 26.80 -4.37 -10.93
N GLY A 370 25.91 -4.59 -9.97
CA GLY A 370 25.35 -3.53 -9.10
C GLY A 370 26.45 -2.77 -8.38
N VAL A 371 27.29 -3.49 -7.62
CA VAL A 371 28.41 -2.90 -6.82
C VAL A 371 29.44 -2.31 -7.78
N ILE A 372 29.73 -3.00 -8.90
CA ILE A 372 30.82 -2.63 -9.84
C ILE A 372 30.44 -1.33 -10.55
N LEU A 373 29.24 -1.26 -11.12
CA LEU A 373 28.72 -0.04 -11.79
C LEU A 373 28.78 1.15 -10.82
N THR A 374 28.38 0.95 -9.57
CA THR A 374 28.38 1.99 -8.51
C THR A 374 29.82 2.49 -8.25
N GLU A 375 30.77 1.57 -8.11
CA GLU A 375 32.21 1.87 -7.92
C GLU A 375 32.74 2.66 -9.13
N LYS A 376 32.36 2.26 -10.34
CA LYS A 376 32.91 2.84 -11.59
C LYS A 376 32.33 4.24 -11.80
N VAL A 377 31.05 4.44 -11.46
CA VAL A 377 30.39 5.78 -11.47
C VAL A 377 31.10 6.69 -10.47
N LYS A 378 31.32 6.21 -9.24
CA LYS A 378 32.06 6.96 -8.19
C LYS A 378 33.45 7.36 -8.71
N ALA A 379 34.24 6.39 -9.19
CA ALA A 379 35.59 6.58 -9.75
C ALA A 379 35.55 7.70 -10.79
N PHE A 380 34.58 7.65 -11.71
CA PHE A 380 34.40 8.64 -12.80
C PHE A 380 34.14 10.02 -12.20
N LEU A 381 33.20 10.11 -11.25
CA LEU A 381 32.83 11.40 -10.61
C LEU A 381 34.02 11.94 -9.80
N LYS A 382 34.80 11.05 -9.17
CA LYS A 382 35.99 11.45 -8.36
C LYS A 382 37.10 11.98 -9.26
N ALA A 383 37.34 11.34 -10.40
CA ALA A 383 38.30 11.81 -11.44
C ALA A 383 37.90 13.20 -11.94
N ASN A 384 36.61 13.54 -11.91
CA ASN A 384 36.05 14.75 -12.56
C ASN A 384 35.48 15.71 -11.52
N LYS A 385 35.98 15.69 -10.27
CA LYS A 385 35.49 16.61 -9.21
C LYS A 385 35.54 18.04 -9.76
N SER A 386 36.55 18.35 -10.58
CA SER A 386 36.67 19.54 -11.46
C SER A 386 35.29 20.12 -11.81
N ARG A 387 34.39 19.32 -12.38
CA ARG A 387 33.11 19.78 -12.97
C ARG A 387 31.91 19.31 -12.14
N TYR A 388 32.05 18.24 -11.36
CA TYR A 388 31.01 17.68 -10.46
C TYR A 388 31.50 17.80 -9.02
N PRO A 389 31.52 19.04 -8.46
CA PRO A 389 32.33 19.36 -7.28
C PRO A 389 31.95 18.54 -6.04
N ASP A 390 30.68 18.61 -5.61
CA ASP A 390 30.09 17.63 -4.66
C ASP A 390 29.28 16.68 -5.52
N SER A 391 29.41 15.37 -5.31
CA SER A 391 28.61 14.32 -5.99
C SER A 391 28.20 13.27 -4.95
N THR A 392 27.17 12.50 -5.24
CA THR A 392 26.59 11.46 -4.35
C THR A 392 26.08 10.31 -5.22
N VAL A 393 26.41 9.08 -4.84
CA VAL A 393 26.05 7.82 -5.56
C VAL A 393 25.48 6.85 -4.53
N LYS A 394 24.18 6.59 -4.60
CA LYS A 394 23.50 5.58 -3.75
C LYS A 394 23.19 4.38 -4.64
N TYR A 395 23.64 3.18 -4.23
CA TYR A 395 23.26 1.87 -4.83
C TYR A 395 22.09 1.28 -4.05
N ILE A 396 21.09 0.75 -4.76
CA ILE A 396 19.89 0.09 -4.18
C ILE A 396 19.73 -1.30 -4.79
N ASP A 397 19.63 -2.34 -3.94
CA ASP A 397 19.31 -3.72 -4.36
C ASP A 397 17.97 -4.15 -3.76
N PRO A 398 16.85 -3.88 -4.45
CA PRO A 398 15.54 -4.27 -3.99
C PRO A 398 15.12 -5.69 -4.36
N SER A 399 16.05 -6.57 -4.72
CA SER A 399 15.73 -7.98 -5.05
C SER A 399 14.82 -8.59 -3.97
N TYR A 400 15.25 -8.55 -2.72
CA TYR A 400 14.51 -9.02 -1.53
C TYR A 400 13.03 -8.64 -1.67
N MET A 401 12.75 -7.38 -2.01
CA MET A 401 11.41 -6.76 -1.91
C MET A 401 10.55 -7.17 -3.12
N ILE A 402 11.18 -7.54 -4.23
CA ILE A 402 10.49 -7.81 -5.53
C ILE A 402 10.03 -9.27 -5.58
N ARG A 403 10.83 -10.22 -5.08
CA ARG A 403 10.50 -11.68 -5.11
C ARG A 403 9.58 -12.07 -3.97
N ALA A 404 9.75 -11.40 -2.83
CA ALA A 404 9.29 -11.91 -1.52
C ALA A 404 7.86 -11.47 -1.20
N CYS A 405 7.26 -10.58 -2.00
CA CYS A 405 5.91 -10.01 -1.71
C CYS A 405 4.84 -10.96 -2.19
N PRO A 406 3.61 -10.84 -1.67
CA PRO A 406 2.45 -11.54 -2.25
C PRO A 406 2.08 -10.93 -3.60
N PRO A 407 1.34 -11.64 -4.47
CA PRO A 407 1.06 -11.13 -5.81
C PRO A 407 0.02 -10.00 -5.82
N SER A 408 0.11 -9.10 -6.80
CA SER A 408 -0.97 -8.19 -7.23
C SER A 408 -2.23 -9.03 -7.49
N ALA A 409 -3.40 -8.41 -7.44
CA ALA A 409 -4.70 -9.09 -7.64
C ALA A 409 -4.70 -9.70 -9.05
N ASN A 410 -4.22 -8.94 -10.03
CA ASN A 410 -4.07 -9.43 -11.43
C ASN A 410 -3.18 -10.69 -11.43
N ASP A 411 -2.07 -10.72 -10.69
CA ASP A 411 -1.19 -11.93 -10.67
C ASP A 411 -1.86 -13.05 -9.86
N ALA A 412 -2.63 -12.75 -8.82
CA ALA A 412 -3.40 -13.77 -8.06
C ALA A 412 -4.32 -14.53 -9.03
N LEU A 413 -5.07 -13.80 -9.85
CA LEU A 413 -6.02 -14.37 -10.85
C LEU A 413 -5.26 -15.23 -11.86
N PHE A 414 -4.15 -14.70 -12.37
CA PHE A 414 -3.32 -15.38 -13.39
C PHE A 414 -2.80 -16.70 -12.81
N CYS A 415 -2.22 -16.67 -11.61
CA CYS A 415 -1.72 -17.87 -10.90
C CYS A 415 -2.84 -18.89 -10.76
N ALA A 416 -4.01 -18.46 -10.30
CA ALA A 416 -5.18 -19.33 -10.00
C ALA A 416 -5.61 -20.02 -11.30
N THR A 417 -5.70 -19.25 -12.38
CA THR A 417 -6.06 -19.74 -13.74
C THR A 417 -5.00 -20.74 -14.23
N LEU A 418 -3.71 -20.42 -14.15
CA LEU A 418 -2.64 -21.35 -14.64
C LEU A 418 -2.74 -22.68 -13.90
N ALA A 419 -2.93 -22.63 -12.58
CA ALA A 419 -2.90 -23.80 -11.67
C ALA A 419 -4.09 -24.71 -11.99
N THR A 420 -5.29 -24.15 -12.17
CA THR A 420 -6.53 -24.94 -12.38
C THR A 420 -6.45 -25.63 -13.75
N LEU A 421 -6.04 -24.92 -14.79
CA LEU A 421 -5.87 -25.49 -16.15
C LEU A 421 -4.78 -26.56 -16.12
N ALA A 422 -3.74 -26.37 -15.30
CA ALA A 422 -2.65 -27.36 -15.10
C ALA A 422 -3.24 -28.67 -14.58
N VAL A 423 -4.13 -28.60 -13.58
CA VAL A 423 -4.79 -29.79 -12.98
C VAL A 423 -5.74 -30.42 -14.01
N HIS A 424 -6.56 -29.61 -14.68
CA HIS A 424 -7.51 -30.08 -15.72
C HIS A 424 -6.77 -30.94 -16.75
N GLU A 425 -5.58 -30.50 -17.16
CA GLU A 425 -4.79 -31.10 -18.28
C GLU A 425 -3.97 -32.29 -17.79
N ALA A 426 -3.37 -32.19 -16.60
CA ALA A 426 -2.63 -33.32 -15.96
C ALA A 426 -3.60 -34.48 -15.70
N MET A 427 -4.81 -34.19 -15.23
CA MET A 427 -5.87 -35.21 -14.99
C MET A 427 -6.23 -35.86 -16.35
N ALA A 428 -6.22 -35.05 -17.42
CA ALA A 428 -6.45 -35.51 -18.81
C ALA A 428 -5.16 -36.12 -19.38
N GLY A 429 -4.17 -36.42 -18.53
CA GLY A 429 -3.04 -37.31 -18.87
C GLY A 429 -1.89 -36.59 -19.56
N ALA A 430 -1.95 -35.26 -19.68
CA ALA A 430 -0.80 -34.44 -20.15
C ALA A 430 0.38 -34.64 -19.19
N THR A 431 1.61 -34.59 -19.72
CA THR A 431 2.87 -34.91 -19.02
C THR A 431 4.06 -34.48 -19.89
N GLY A 432 5.16 -34.11 -19.24
CA GLY A 432 6.39 -33.64 -19.89
C GLY A 432 6.19 -32.28 -20.52
N CYS A 433 5.17 -31.54 -20.07
CA CYS A 433 4.82 -30.20 -20.62
C CYS A 433 4.72 -29.16 -19.50
N ILE A 434 4.77 -27.89 -19.90
CA ILE A 434 4.45 -26.70 -19.08
C ILE A 434 3.10 -26.17 -19.55
N ILE A 435 2.48 -25.32 -18.74
CA ILE A 435 1.34 -24.47 -19.16
C ILE A 435 1.87 -23.05 -19.32
N ALA A 436 1.53 -22.40 -20.44
CA ALA A 436 1.94 -21.03 -20.75
C ALA A 436 0.73 -20.24 -21.24
N MET A 437 0.90 -18.91 -21.35
CA MET A 437 -0.15 -17.95 -21.77
C MET A 437 0.43 -17.11 -22.92
N ARG A 438 -0.29 -17.06 -24.03
CA ARG A 438 0.23 -16.52 -25.31
C ARG A 438 -0.97 -16.05 -26.14
N HIS A 439 -0.93 -14.84 -26.68
CA HIS A 439 -2.03 -14.26 -27.49
C HIS A 439 -3.34 -14.37 -26.69
N ASN A 440 -3.30 -14.10 -25.39
CA ASN A 440 -4.50 -14.00 -24.53
C ASN A 440 -5.11 -15.38 -24.27
N ASN A 441 -4.36 -16.47 -24.52
CA ASN A 441 -4.86 -17.86 -24.39
C ASN A 441 -3.86 -18.74 -23.66
N TYR A 442 -4.35 -19.75 -22.96
CA TYR A 442 -3.54 -20.72 -22.19
C TYR A 442 -3.24 -21.91 -23.10
N ILE A 443 -1.95 -22.22 -23.24
CA ILE A 443 -1.46 -23.28 -24.18
C ILE A 443 -0.61 -24.26 -23.39
N LEU A 444 -0.46 -25.48 -23.89
CA LEU A 444 0.50 -26.48 -23.38
C LEU A 444 1.70 -26.49 -24.32
N VAL A 445 2.91 -26.67 -23.78
CA VAL A 445 4.20 -26.67 -24.53
C VAL A 445 5.04 -27.81 -23.97
N PRO A 446 5.55 -28.74 -24.80
CA PRO A 446 6.50 -29.72 -24.31
C PRO A 446 7.72 -29.02 -23.69
N ILE A 447 8.15 -29.50 -22.54
CA ILE A 447 9.35 -29.02 -21.79
C ILE A 447 10.57 -29.01 -22.74
N LYS A 448 10.71 -30.07 -23.56
CA LYS A 448 11.89 -30.24 -24.44
C LYS A 448 12.08 -28.95 -25.26
N VAL A 449 11.06 -28.50 -25.98
CA VAL A 449 11.16 -27.25 -26.80
C VAL A 449 11.26 -26.04 -25.86
N ALA A 450 10.46 -26.01 -24.79
CA ALA A 450 10.32 -24.85 -23.86
C ALA A 450 11.68 -24.46 -23.28
N THR A 451 12.58 -25.44 -23.13
CA THR A 451 13.89 -25.31 -22.45
C THR A 451 15.03 -25.22 -23.47
N SER A 452 14.72 -25.18 -24.76
CA SER A 452 15.70 -25.11 -25.87
C SER A 452 15.74 -23.69 -26.46
N VAL A 453 14.79 -22.85 -26.08
CA VAL A 453 14.67 -21.45 -26.58
C VAL A 453 14.29 -20.58 -25.39
N ARG A 454 14.74 -19.34 -25.40
CA ARG A 454 14.41 -18.34 -24.36
C ARG A 454 14.08 -17.02 -25.03
N ARG A 455 13.45 -16.14 -24.25
CA ARG A 455 12.88 -14.85 -24.69
C ARG A 455 13.81 -13.72 -24.23
N VAL A 456 13.81 -12.60 -24.96
CA VAL A 456 14.83 -11.51 -24.87
C VAL A 456 14.20 -10.23 -25.43
N LEU A 457 14.65 -9.06 -25.01
CA LEU A 457 14.12 -7.77 -25.53
C LEU A 457 14.44 -7.68 -27.02
N ASP A 458 13.48 -7.26 -27.83
CA ASP A 458 13.70 -6.79 -29.21
C ASP A 458 14.12 -5.32 -29.12
N LEU A 459 15.38 -4.99 -29.36
CA LEU A 459 15.91 -3.60 -29.29
C LEU A 459 15.29 -2.73 -30.39
N ARG A 460 14.51 -3.29 -31.32
CA ARG A 460 13.85 -2.51 -32.40
C ARG A 460 12.33 -2.48 -32.18
N GLY A 461 11.84 -3.01 -31.06
CA GLY A 461 10.41 -3.13 -30.70
C GLY A 461 9.88 -1.96 -29.89
N GLN A 462 8.57 -1.92 -29.64
CA GLN A 462 7.85 -0.72 -29.10
C GLN A 462 8.30 -0.47 -27.66
N LEU A 463 8.44 -1.53 -26.85
CA LEU A 463 8.85 -1.35 -25.43
C LEU A 463 10.20 -0.64 -25.40
N TRP A 464 11.21 -1.18 -26.09
CA TRP A 464 12.57 -0.60 -26.08
C TRP A 464 12.55 0.80 -26.70
N ARG A 465 11.67 1.05 -27.65
CA ARG A 465 11.53 2.41 -28.25
C ARG A 465 11.11 3.38 -27.14
N GLN A 466 10.19 2.96 -26.28
CA GLN A 466 9.66 3.81 -25.16
C GLN A 466 10.79 4.08 -24.14
N VAL A 467 11.68 3.11 -23.91
CA VAL A 467 12.87 3.29 -23.02
C VAL A 467 13.78 4.37 -23.63
N ARG A 468 14.00 4.33 -24.94
CA ARG A 468 14.95 5.25 -25.63
C ARG A 468 14.38 6.67 -25.65
N GLU A 469 13.05 6.81 -25.74
CA GLU A 469 12.36 8.14 -25.70
C GLU A 469 12.58 8.80 -24.33
N ILE A 470 12.72 8.03 -23.24
CA ILE A 470 12.83 8.57 -21.84
C ILE A 470 14.30 8.74 -21.44
N THR A 471 15.13 7.72 -21.72
CA THR A 471 16.56 7.67 -21.30
C THR A 471 17.39 8.64 -22.12
N VAL A 472 18.58 8.99 -21.60
CA VAL A 472 19.51 9.99 -22.19
C VAL A 472 19.92 9.49 -23.58
N ASP A 473 19.97 10.41 -24.53
CA ASP A 473 20.30 10.16 -25.94
C ASP A 473 21.46 11.08 -26.33
N LEU A 474 22.62 10.51 -26.68
CA LEU A 474 23.84 11.26 -27.08
C LEU A 474 23.61 11.96 -28.41
N GLY A 475 22.63 11.49 -29.19
CA GLY A 475 22.31 11.97 -30.55
C GLY A 475 21.95 13.44 -30.56
N SER A 476 20.84 13.82 -29.92
CA SER A 476 20.28 15.21 -29.96
C SER A 476 21.36 16.19 -29.49
N ASP A 477 21.67 17.21 -30.30
CA ASP A 477 22.74 18.21 -30.05
C ASP A 477 22.37 18.97 -28.77
N VAL A 478 23.13 18.75 -27.68
CA VAL A 478 22.88 19.20 -26.28
C VAL A 478 22.26 20.59 -26.23
N ARG A 479 22.98 21.60 -26.73
CA ARG A 479 22.72 23.03 -26.39
C ARG A 479 21.68 23.60 -27.36
N LEU A 480 21.63 23.14 -28.62
CA LEU A 480 20.51 23.45 -29.55
C LEU A 480 19.22 22.89 -28.94
N ALA A 481 19.19 21.58 -28.64
CA ALA A 481 18.05 20.86 -28.02
C ALA A 481 17.49 21.67 -26.85
N ARG A 482 18.38 22.30 -26.07
CA ARG A 482 18.07 23.05 -24.82
C ARG A 482 17.46 24.41 -25.15
N LYS A 483 17.89 25.06 -26.25
CA LYS A 483 17.34 26.39 -26.67
C LYS A 483 15.82 26.27 -26.83
N LEU A 484 15.35 25.24 -27.54
CA LEU A 484 13.92 25.04 -27.89
C LEU A 484 13.16 24.69 -26.60
N GLU A 485 13.75 23.85 -25.75
CA GLU A 485 13.24 23.52 -24.40
C GLU A 485 12.78 24.81 -23.72
N ILE A 486 13.68 25.80 -23.67
CA ILE A 486 13.47 27.10 -22.96
C ILE A 486 12.32 27.86 -23.64
N ARG A 487 12.41 28.08 -24.95
CA ARG A 487 11.41 28.83 -25.77
C ARG A 487 9.99 28.28 -25.49
N ARG A 488 9.84 26.95 -25.47
CA ARG A 488 8.56 26.27 -25.18
C ARG A 488 8.09 26.64 -23.77
N GLU A 489 9.01 26.64 -22.78
CA GLU A 489 8.72 26.93 -21.35
C GLU A 489 8.31 28.40 -21.20
N LEU A 490 9.00 29.32 -21.88
CA LEU A 490 8.70 30.78 -21.90
C LEU A 490 7.29 31.00 -22.44
N GLU A 491 6.98 30.33 -23.57
CA GLU A 491 5.69 30.40 -24.29
C GLU A 491 4.57 29.96 -23.34
N ALA A 492 4.83 28.96 -22.49
CA ALA A 492 3.88 28.49 -21.44
C ALA A 492 3.77 29.55 -20.34
N ILE A 493 4.90 30.06 -19.85
CA ILE A 493 4.98 31.03 -18.71
C ILE A 493 4.24 32.30 -19.11
N ASN A 494 4.53 32.85 -20.29
CA ASN A 494 3.98 34.16 -20.74
C ASN A 494 2.46 34.07 -20.93
N ARG A 495 1.93 32.90 -21.28
CA ARG A 495 0.45 32.67 -21.38
C ARG A 495 -0.15 32.65 -19.98
N ASN A 496 0.41 31.82 -19.09
CA ASN A 496 0.05 31.77 -17.65
C ASN A 496 0.09 33.19 -17.09
N ARG A 497 1.11 33.97 -17.46
CA ARG A 497 1.32 35.38 -17.02
C ARG A 497 0.09 36.23 -17.40
N ASP A 498 -0.41 36.12 -18.63
CA ASP A 498 -1.52 36.96 -19.13
C ASP A 498 -2.85 36.52 -18.50
N ARG A 499 -3.14 35.21 -18.51
CA ARG A 499 -4.41 34.63 -17.96
C ARG A 499 -4.62 35.16 -16.53
N LEU A 500 -3.56 35.23 -15.72
CA LEU A 500 -3.57 35.84 -14.36
C LEU A 500 -4.01 37.30 -14.49
N HIS A 501 -3.24 38.11 -15.25
CA HIS A 501 -3.49 39.56 -15.48
C HIS A 501 -4.97 39.78 -15.80
N GLU A 502 -5.53 38.97 -16.69
CA GLU A 502 -6.94 39.04 -17.18
C GLU A 502 -7.88 39.09 -15.97
N GLU A 503 -7.74 38.14 -15.04
CA GLU A 503 -8.68 37.92 -13.91
C GLU A 503 -8.88 39.23 -13.13
N LEU A 504 -7.81 39.96 -12.83
CA LEU A 504 -7.87 41.23 -12.07
C LEU A 504 -8.83 42.20 -12.78
N ALA A 505 -8.35 42.93 -13.79
CA ALA A 505 -8.93 44.22 -14.25
C ALA A 505 -10.45 44.11 -14.44
N SER B 43 -21.99 -10.98 -38.83
CA SER B 43 -22.07 -10.19 -40.07
C SER B 43 -21.19 -8.94 -39.98
N VAL B 44 -20.07 -8.98 -39.27
CA VAL B 44 -18.99 -7.96 -39.35
C VAL B 44 -18.15 -8.30 -40.59
N THR B 45 -17.90 -7.33 -41.47
CA THR B 45 -17.18 -7.52 -42.76
C THR B 45 -15.84 -6.80 -42.71
N GLN B 46 -14.90 -7.22 -43.55
CA GLN B 46 -13.54 -6.62 -43.65
C GLN B 46 -13.68 -5.11 -43.90
N GLU B 47 -14.67 -4.69 -44.70
CA GLU B 47 -14.95 -3.25 -44.98
C GLU B 47 -15.20 -2.53 -43.65
N ASP B 48 -15.92 -3.16 -42.72
CA ASP B 48 -16.27 -2.55 -41.41
C ASP B 48 -14.98 -2.22 -40.65
N LEU B 49 -13.91 -3.02 -40.85
CA LEU B 49 -12.62 -2.89 -40.13
C LEU B 49 -11.63 -1.97 -40.86
N LYS B 50 -11.94 -1.56 -42.08
CA LYS B 50 -11.02 -0.66 -42.85
C LYS B 50 -11.02 0.70 -42.15
N VAL B 51 -9.91 1.13 -41.56
CA VAL B 51 -9.86 2.42 -40.83
C VAL B 51 -9.50 3.52 -41.83
N ASP B 52 -10.23 4.63 -41.78
CA ASP B 52 -10.01 5.87 -42.57
C ASP B 52 -8.61 6.42 -42.36
N ARG B 53 -8.09 7.04 -43.42
CA ARG B 53 -6.89 7.89 -43.45
C ARG B 53 -7.26 9.20 -44.13
N LEU B 54 -6.85 10.34 -43.59
CA LEU B 54 -6.89 11.64 -44.31
C LEU B 54 -6.00 11.52 -45.54
N PRO B 55 -6.42 12.06 -46.71
CA PRO B 55 -5.67 11.86 -47.95
C PRO B 55 -4.31 12.57 -47.90
N GLY B 56 -3.22 11.86 -48.22
CA GLY B 56 -1.86 12.43 -48.28
C GLY B 56 -1.03 12.07 -47.07
N ALA B 57 0.20 11.62 -47.31
CA ALA B 57 1.25 11.36 -46.31
C ALA B 57 2.56 11.94 -46.85
N ASP B 58 2.65 13.28 -46.89
CA ASP B 58 3.64 14.03 -47.70
C ASP B 58 4.79 14.54 -46.83
N TYR B 59 5.04 13.96 -45.65
CA TYR B 59 6.13 14.39 -44.73
C TYR B 59 6.78 13.18 -44.07
N PRO B 60 8.13 13.22 -43.87
CA PRO B 60 8.84 12.14 -43.19
C PRO B 60 8.59 12.15 -41.67
N ASN B 61 8.79 11.01 -41.01
CA ASN B 61 8.64 10.86 -39.54
C ASN B 61 9.91 11.35 -38.85
N PRO B 62 9.81 12.36 -37.94
CA PRO B 62 10.97 12.84 -37.20
C PRO B 62 11.72 11.80 -36.36
N SER B 63 11.03 10.76 -35.86
CA SER B 63 11.58 9.76 -34.88
C SER B 63 12.02 8.47 -35.58
N LYS B 64 11.09 7.80 -36.28
CA LYS B 64 11.24 6.41 -36.84
C LYS B 64 12.23 6.42 -38.03
N LYS B 75 3.99 0.49 -45.30
CA LYS B 75 2.98 -0.60 -45.49
C LYS B 75 2.10 -0.75 -44.25
N THR B 76 0.77 -0.83 -44.36
CA THR B 76 -0.11 -1.30 -43.25
C THR B 76 0.10 -2.81 -43.09
N ASP B 77 0.45 -3.26 -41.88
CA ASP B 77 0.41 -4.70 -41.50
C ASP B 77 -0.87 -4.98 -40.72
N TYR B 78 -1.26 -6.26 -40.68
CA TYR B 78 -2.53 -6.75 -40.15
C TYR B 78 -2.28 -7.88 -39.16
N ILE B 79 -3.25 -8.10 -38.27
CA ILE B 79 -3.33 -9.29 -37.39
C ILE B 79 -4.72 -9.91 -37.57
N MET B 80 -4.79 -11.23 -37.51
CA MET B 80 -6.04 -12.02 -37.61
C MET B 80 -6.92 -11.72 -36.41
N TYR B 81 -8.20 -11.43 -36.64
CA TYR B 81 -9.21 -11.21 -35.59
C TYR B 81 -9.27 -12.46 -34.70
N ASN B 82 -9.42 -13.64 -35.31
CA ASN B 82 -9.49 -14.93 -34.59
C ASN B 82 -8.33 -15.80 -35.06
N PRO B 83 -7.29 -15.98 -34.23
CA PRO B 83 -6.15 -16.84 -34.56
C PRO B 83 -6.38 -18.36 -34.41
N ARG B 84 -7.63 -18.85 -34.47
CA ARG B 84 -7.88 -20.32 -34.41
C ARG B 84 -8.05 -20.85 -35.83
N PRO B 85 -7.52 -22.05 -36.12
CA PRO B 85 -7.58 -22.63 -37.46
C PRO B 85 -8.93 -23.28 -37.79
N ARG B 86 -9.30 -23.33 -39.08
CA ARG B 86 -10.47 -24.11 -39.58
C ARG B 86 -10.18 -25.61 -39.42
N ASP B 87 -9.05 -26.08 -39.96
CA ASP B 87 -8.69 -27.52 -40.08
C ASP B 87 -7.59 -27.92 -39.09
N GLU B 88 -7.44 -29.23 -38.90
CA GLU B 88 -6.44 -29.86 -37.99
C GLU B 88 -5.04 -29.53 -38.48
N PRO B 89 -3.98 -29.76 -37.66
CA PRO B 89 -2.60 -29.66 -38.15
C PRO B 89 -2.38 -30.51 -39.42
N SER B 90 -1.70 -29.96 -40.44
CA SER B 90 -1.44 -30.60 -41.76
C SER B 90 -0.21 -29.99 -42.43
N SER B 91 0.16 -30.49 -43.62
CA SER B 91 1.35 -30.08 -44.40
C SER B 91 1.32 -28.56 -44.69
N GLU B 92 0.14 -28.00 -44.98
CA GLU B 92 -0.02 -26.55 -45.29
C GLU B 92 -0.31 -25.77 -44.00
N ASN B 93 -0.09 -24.46 -44.03
CA ASN B 93 -0.33 -23.54 -42.89
C ASN B 93 -1.82 -23.48 -42.59
N PRO B 94 -2.22 -23.25 -41.33
CA PRO B 94 -3.63 -23.11 -41.00
C PRO B 94 -4.24 -21.77 -41.44
N VAL B 95 -5.54 -21.77 -41.65
CA VAL B 95 -6.35 -20.60 -42.11
C VAL B 95 -7.31 -20.24 -40.98
N SER B 96 -7.56 -18.95 -40.79
CA SER B 96 -8.43 -18.44 -39.70
C SER B 96 -9.86 -18.94 -39.89
N VAL B 97 -10.47 -19.36 -38.78
CA VAL B 97 -11.93 -19.58 -38.58
C VAL B 97 -12.72 -18.32 -38.97
N SER B 98 -12.11 -17.12 -38.93
CA SER B 98 -12.74 -15.83 -39.31
C SER B 98 -12.05 -15.23 -40.53
N PRO B 99 -12.76 -14.46 -41.38
CA PRO B 99 -12.10 -13.77 -42.50
C PRO B 99 -11.49 -12.42 -42.09
N LEU B 100 -11.68 -12.00 -40.85
CA LEU B 100 -11.36 -10.62 -40.42
C LEU B 100 -9.88 -10.49 -40.06
N LEU B 101 -9.29 -9.42 -40.62
CA LEU B 101 -7.96 -8.86 -40.31
C LEU B 101 -8.13 -7.48 -39.70
N CYS B 102 -7.36 -7.19 -38.64
CA CYS B 102 -7.36 -5.89 -37.92
C CYS B 102 -6.05 -5.17 -38.25
N GLU B 103 -6.12 -3.87 -38.53
CA GLU B 103 -4.95 -3.01 -38.82
C GLU B 103 -4.12 -2.87 -37.54
N LEU B 104 -2.82 -3.18 -37.60
CA LEU B 104 -1.89 -3.05 -36.44
C LEU B 104 -1.47 -1.60 -36.30
N ALA B 105 -1.41 -1.10 -35.07
CA ALA B 105 -0.97 0.26 -34.72
C ALA B 105 0.56 0.26 -34.63
N ALA B 106 1.20 1.30 -35.17
CA ALA B 106 2.67 1.44 -35.28
C ALA B 106 3.03 2.80 -35.86
N ALA B 107 4.17 3.34 -35.43
CA ALA B 107 4.79 4.55 -36.02
C ALA B 107 5.05 4.29 -37.50
N ARG B 108 4.69 5.24 -38.37
CA ARG B 108 4.82 5.12 -39.85
C ARG B 108 5.99 6.00 -40.31
N SER B 109 6.58 5.67 -41.47
CA SER B 109 7.76 6.36 -42.06
C SER B 109 7.31 7.68 -42.69
N ARG B 110 6.18 7.67 -43.40
CA ARG B 110 5.53 8.90 -43.93
C ARG B 110 4.32 9.21 -43.03
N ILE B 111 4.04 10.48 -42.78
CA ILE B 111 2.91 10.93 -41.91
C ILE B 111 2.10 11.99 -42.67
N HIS B 112 0.84 12.21 -42.29
CA HIS B 112 -0.10 13.13 -42.96
C HIS B 112 0.22 14.59 -42.58
N PHE B 113 0.36 14.87 -41.28
CA PHE B 113 0.48 16.25 -40.75
C PHE B 113 1.96 16.67 -40.68
N ASN B 114 2.24 17.90 -41.11
CA ASN B 114 3.54 18.59 -40.94
C ASN B 114 3.75 18.84 -39.45
N PRO B 115 4.65 18.10 -38.76
CA PRO B 115 4.67 18.08 -37.30
C PRO B 115 4.72 19.49 -36.68
N THR B 116 5.64 20.34 -37.14
CA THR B 116 5.92 21.67 -36.54
C THR B 116 4.76 22.65 -36.78
N GLU B 117 3.77 22.27 -37.59
CA GLU B 117 2.59 23.12 -37.92
C GLU B 117 1.32 22.54 -37.28
N THR B 118 1.43 21.44 -36.54
CA THR B 118 0.27 20.64 -36.05
C THR B 118 -0.09 21.06 -34.63
N THR B 119 -1.36 21.39 -34.38
CA THR B 119 -1.94 21.55 -33.03
C THR B 119 -2.67 20.24 -32.67
N ILE B 120 -2.37 19.66 -31.51
CA ILE B 120 -3.07 18.47 -30.96
C ILE B 120 -4.05 18.95 -29.89
N GLY B 121 -5.27 18.43 -29.93
CA GLY B 121 -6.37 18.70 -28.98
C GLY B 121 -6.70 17.46 -28.18
N ILE B 122 -6.96 17.62 -26.89
CA ILE B 122 -7.34 16.51 -25.96
C ILE B 122 -8.60 16.92 -25.22
N VAL B 123 -9.54 15.98 -25.09
CA VAL B 123 -10.80 16.14 -24.31
C VAL B 123 -11.07 14.82 -23.59
N THR B 124 -11.51 14.91 -22.34
CA THR B 124 -11.88 13.76 -21.47
C THR B 124 -13.34 13.95 -21.07
N CYS B 125 -14.15 12.91 -21.26
CA CYS B 125 -15.64 12.93 -21.11
C CYS B 125 -16.09 11.76 -20.23
N GLY B 126 -17.18 11.96 -19.48
CA GLY B 126 -17.83 10.89 -18.70
C GLY B 126 -17.13 10.58 -17.40
N GLY B 127 -17.59 9.52 -16.72
CA GLY B 127 -17.03 9.06 -15.44
C GLY B 127 -15.52 9.03 -15.51
N ILE B 128 -14.85 9.46 -14.44
CA ILE B 128 -13.37 9.32 -14.39
C ILE B 128 -13.06 7.82 -14.33
N CYS B 129 -11.79 7.48 -14.51
CA CYS B 129 -11.30 6.11 -14.74
C CYS B 129 -9.78 6.14 -14.50
N PRO B 130 -9.21 5.21 -13.72
CA PRO B 130 -7.78 5.28 -13.39
C PRO B 130 -6.96 5.26 -14.68
N GLY B 131 -6.14 6.28 -14.94
CA GLY B 131 -5.31 6.34 -16.16
C GLY B 131 -5.54 7.57 -16.99
N LEU B 132 -6.64 8.30 -16.83
CA LEU B 132 -6.95 9.47 -17.71
C LEU B 132 -5.73 10.39 -17.78
N ASN B 133 -5.07 10.68 -16.65
CA ASN B 133 -3.96 11.68 -16.61
C ASN B 133 -2.74 11.14 -17.36
N ASP B 134 -2.50 9.83 -17.28
CA ASP B 134 -1.45 9.12 -18.05
C ASP B 134 -1.67 9.32 -19.54
N VAL B 135 -2.89 9.07 -20.01
CA VAL B 135 -3.27 9.24 -21.45
C VAL B 135 -3.05 10.71 -21.84
N ILE B 136 -3.49 11.65 -21.01
CA ILE B 136 -3.23 13.10 -21.23
C ILE B 136 -1.71 13.34 -21.31
N ARG B 137 -0.96 12.82 -20.35
CA ARG B 137 0.51 13.03 -20.24
C ARG B 137 1.20 12.48 -21.49
N SER B 138 0.91 11.23 -21.84
CA SER B 138 1.58 10.50 -22.95
C SER B 138 1.26 11.15 -24.29
N ILE B 139 -0.01 11.49 -24.55
CA ILE B 139 -0.39 12.20 -25.81
C ILE B 139 0.42 13.49 -25.86
N THR B 140 0.45 14.26 -24.77
CA THR B 140 1.16 15.56 -24.71
C THR B 140 2.64 15.35 -24.97
N LEU B 141 3.31 14.43 -24.24
CA LEU B 141 4.79 14.26 -24.35
C LEU B 141 5.17 13.59 -25.68
N THR B 142 4.40 12.62 -26.18
CA THR B 142 4.65 12.00 -27.51
C THR B 142 4.59 13.09 -28.59
N GLY B 143 3.52 13.89 -28.58
CA GLY B 143 3.36 15.07 -29.46
C GLY B 143 4.61 15.94 -29.44
N ILE B 144 5.06 16.36 -28.25
CA ILE B 144 6.10 17.42 -28.05
C ILE B 144 7.50 16.82 -28.29
N ASN B 145 7.84 15.71 -27.64
CA ASN B 145 9.23 15.18 -27.60
C ASN B 145 9.55 14.42 -28.89
N VAL B 146 8.57 13.73 -29.47
CA VAL B 146 8.79 12.81 -30.63
C VAL B 146 8.48 13.55 -31.94
N TYR B 147 7.30 14.15 -32.07
CA TYR B 147 6.84 14.82 -33.31
C TYR B 147 7.15 16.33 -33.26
N ASN B 148 7.25 16.92 -32.06
CA ASN B 148 7.68 18.33 -31.89
C ASN B 148 6.58 19.23 -32.43
N VAL B 149 5.33 18.90 -32.12
CA VAL B 149 4.10 19.63 -32.61
C VAL B 149 4.12 21.07 -32.09
N LYS B 150 3.53 21.99 -32.85
CA LYS B 150 3.52 23.45 -32.54
C LYS B 150 2.90 23.69 -31.16
N ARG B 151 1.79 23.02 -30.87
CA ARG B 151 0.94 23.33 -29.69
C ARG B 151 0.14 22.07 -29.29
N VAL B 152 -0.24 21.99 -28.01
CA VAL B 152 -1.18 20.95 -27.47
C VAL B 152 -2.18 21.65 -26.54
N ILE B 153 -3.48 21.48 -26.84
CA ILE B 153 -4.61 22.12 -26.12
C ILE B 153 -5.37 21.03 -25.34
N GLY B 154 -5.74 21.33 -24.09
CA GLY B 154 -6.60 20.50 -23.26
C GLY B 154 -7.96 21.15 -23.07
N PHE B 155 -9.02 20.49 -23.52
CA PHE B 155 -10.41 21.01 -23.46
C PHE B 155 -11.03 20.56 -22.13
N ARG B 156 -11.56 21.54 -21.41
CA ARG B 156 -11.98 21.37 -19.99
C ARG B 156 -13.39 20.80 -19.98
N PHE B 157 -13.64 19.86 -19.06
CA PHE B 157 -15.00 19.39 -18.66
C PHE B 157 -15.73 18.86 -19.90
N GLY B 158 -15.09 17.92 -20.61
CA GLY B 158 -15.71 17.13 -21.68
C GLY B 158 -16.00 17.99 -22.91
N TYR B 159 -17.00 17.58 -23.69
CA TYR B 159 -17.32 18.20 -25.01
C TYR B 159 -17.67 19.68 -24.81
N TRP B 160 -18.24 20.02 -23.63
CA TRP B 160 -18.48 21.41 -23.18
C TRP B 160 -17.23 22.27 -23.41
N GLY B 161 -16.04 21.68 -23.32
CA GLY B 161 -14.73 22.36 -23.51
C GLY B 161 -14.56 22.94 -24.90
N LEU B 162 -15.26 22.40 -25.91
CA LEU B 162 -15.13 22.77 -27.35
C LEU B 162 -16.29 23.67 -27.79
N SER B 163 -17.40 23.71 -27.04
CA SER B 163 -18.48 24.72 -27.24
C SER B 163 -17.86 26.11 -27.16
N LYS B 164 -18.44 27.10 -27.87
CA LYS B 164 -17.86 28.46 -27.98
C LYS B 164 -17.69 29.08 -26.58
N LYS B 165 -18.54 28.70 -25.62
CA LYS B 165 -18.44 29.27 -24.24
C LYS B 165 -17.33 28.56 -23.45
N GLY B 166 -17.16 27.24 -23.58
CA GLY B 166 -16.12 26.47 -22.85
C GLY B 166 -14.75 26.57 -23.51
N SER B 167 -14.68 26.98 -24.78
CA SER B 167 -13.42 27.18 -25.53
C SER B 167 -12.57 28.25 -24.82
N GLN B 168 -13.23 29.18 -24.11
CA GLN B 168 -12.56 30.19 -23.25
C GLN B 168 -11.64 29.49 -22.25
N THR B 169 -12.11 28.42 -21.60
CA THR B 169 -11.44 27.75 -20.45
C THR B 169 -10.29 26.85 -20.89
N ALA B 170 -10.24 26.43 -22.17
CA ALA B 170 -9.25 25.46 -22.71
C ALA B 170 -7.83 25.85 -22.29
N ILE B 171 -6.96 24.86 -21.99
CA ILE B 171 -5.64 25.07 -21.34
C ILE B 171 -4.51 24.68 -22.31
N GLU B 172 -3.36 25.34 -22.16
CA GLU B 172 -2.13 25.03 -22.92
C GLU B 172 -1.38 23.91 -22.21
N LEU B 173 -1.14 22.78 -22.89
CA LEU B 173 -0.44 21.59 -22.34
C LEU B 173 1.03 21.59 -22.84
N HIS B 174 1.96 21.90 -21.94
CA HIS B 174 3.44 21.86 -22.13
C HIS B 174 4.01 20.80 -21.19
N ARG B 175 5.32 20.52 -21.26
CA ARG B 175 6.01 19.46 -20.47
C ARG B 175 5.78 19.72 -18.98
N GLY B 176 5.96 20.97 -18.56
CA GLY B 176 5.81 21.40 -17.15
C GLY B 176 4.42 21.10 -16.61
N ARG B 177 3.39 21.25 -17.44
CA ARG B 177 1.97 21.19 -17.01
C ARG B 177 1.52 19.73 -16.86
N VAL B 178 2.28 18.76 -17.36
CA VAL B 178 1.90 17.32 -17.38
C VAL B 178 2.92 16.46 -16.62
N THR B 179 3.97 17.06 -16.04
CA THR B 179 5.15 16.33 -15.48
C THR B 179 4.70 15.18 -14.57
N ASN B 180 3.81 15.44 -13.60
CA ASN B 180 3.49 14.44 -12.53
C ASN B 180 2.01 14.07 -12.49
N ILE B 181 1.23 14.50 -13.49
CA ILE B 181 -0.25 14.42 -13.42
C ILE B 181 -0.67 12.94 -13.40
N HIS B 182 0.14 12.03 -13.93
CA HIS B 182 -0.15 10.57 -13.89
C HIS B 182 -0.10 10.05 -12.44
N HIS B 183 0.52 10.75 -11.50
CA HIS B 183 0.55 10.33 -10.06
C HIS B 183 -0.84 10.51 -9.39
N TYR B 184 -1.80 11.20 -10.01
CA TYR B 184 -3.12 11.55 -9.41
C TYR B 184 -4.27 10.99 -10.23
N GLY B 185 -5.29 10.48 -9.54
CA GLY B 185 -6.60 10.11 -10.13
C GLY B 185 -7.34 11.30 -10.72
N GLY B 186 -8.43 11.03 -11.43
CA GLY B 186 -9.25 12.06 -12.11
C GLY B 186 -8.61 12.52 -13.41
N THR B 187 -8.87 13.76 -13.83
CA THR B 187 -8.40 14.37 -15.08
C THR B 187 -8.12 15.86 -14.87
N ILE B 188 -6.89 16.32 -15.13
CA ILE B 188 -6.52 17.75 -14.95
C ILE B 188 -7.36 18.60 -15.92
N LEU B 189 -7.88 18.03 -17.01
CA LEU B 189 -8.76 18.75 -17.96
C LEU B 189 -10.16 18.92 -17.36
N GLY B 190 -10.59 17.92 -16.59
CA GLY B 190 -11.98 17.83 -16.11
C GLY B 190 -12.84 17.08 -17.09
N SER B 191 -14.02 16.70 -16.67
CA SER B 191 -14.92 15.78 -17.43
C SER B 191 -16.39 16.11 -17.12
N SER B 192 -17.22 16.14 -18.17
CA SER B 192 -18.70 16.16 -18.10
C SER B 192 -19.28 15.06 -18.98
N ARG B 193 -20.48 14.58 -18.62
CA ARG B 193 -21.34 13.78 -19.53
C ARG B 193 -22.07 14.75 -20.45
N GLY B 194 -22.52 14.28 -21.60
CA GLY B 194 -23.47 15.05 -22.44
C GLY B 194 -22.81 15.62 -23.68
N PRO B 195 -23.54 15.60 -24.83
CA PRO B 195 -23.02 16.09 -26.09
C PRO B 195 -23.09 17.62 -26.18
N GLN B 196 -22.43 18.17 -27.21
CA GLN B 196 -22.61 19.56 -27.70
C GLN B 196 -22.87 19.49 -29.20
N ASP B 197 -23.25 20.64 -29.78
CA ASP B 197 -23.48 20.80 -31.24
C ASP B 197 -22.17 20.53 -31.98
N PRO B 198 -22.06 19.45 -32.78
CA PRO B 198 -20.83 19.15 -33.54
C PRO B 198 -20.38 20.34 -34.41
N LYS B 199 -21.33 21.07 -35.00
CA LYS B 199 -21.07 22.32 -35.76
C LYS B 199 -20.25 23.28 -34.89
N GLU B 200 -20.75 23.63 -33.70
CA GLU B 200 -20.14 24.61 -32.76
C GLU B 200 -18.73 24.14 -32.34
N MET B 201 -18.57 22.83 -32.10
CA MET B 201 -17.28 22.23 -31.68
C MET B 201 -16.25 22.39 -32.80
N VAL B 202 -16.60 22.08 -34.05
CA VAL B 202 -15.66 22.11 -35.22
C VAL B 202 -15.31 23.57 -35.55
N ASP B 203 -16.17 24.52 -35.19
CA ASP B 203 -15.86 25.97 -35.21
C ASP B 203 -14.64 26.23 -34.33
N THR B 204 -14.68 25.79 -33.06
CA THR B 204 -13.57 25.92 -32.08
C THR B 204 -12.30 25.25 -32.62
N LEU B 205 -12.42 24.04 -33.17
CA LEU B 205 -11.27 23.27 -33.70
C LEU B 205 -10.61 24.09 -34.82
N GLU B 206 -11.42 24.66 -35.72
CA GLU B 206 -10.93 25.51 -36.84
C GLU B 206 -10.31 26.78 -36.25
N ARG B 207 -10.98 27.41 -35.28
CA ARG B 207 -10.59 28.71 -34.67
C ARG B 207 -9.21 28.60 -34.02
N LEU B 208 -8.94 27.51 -33.28
CA LEU B 208 -7.68 27.29 -32.52
C LEU B 208 -6.65 26.58 -33.40
N GLY B 209 -7.01 26.27 -34.65
CA GLY B 209 -6.16 25.56 -35.62
C GLY B 209 -5.82 24.15 -35.16
N VAL B 210 -6.72 23.49 -34.42
CA VAL B 210 -6.56 22.09 -33.94
C VAL B 210 -6.59 21.16 -35.16
N ASN B 211 -5.56 20.35 -35.35
CA ASN B 211 -5.40 19.46 -36.53
C ASN B 211 -5.78 18.02 -36.13
N ILE B 212 -5.47 17.60 -34.90
CA ILE B 212 -5.88 16.28 -34.32
C ILE B 212 -6.62 16.53 -33.00
N LEU B 213 -7.73 15.84 -32.79
CA LEU B 213 -8.48 15.82 -31.51
C LEU B 213 -8.53 14.38 -30.99
N PHE B 214 -7.93 14.13 -29.83
CA PHE B 214 -8.04 12.84 -29.11
C PHE B 214 -9.26 12.91 -28.19
N THR B 215 -10.16 11.95 -28.35
CA THR B 215 -11.43 11.86 -27.61
C THR B 215 -11.29 10.67 -26.65
N VAL B 216 -11.13 10.98 -25.36
CA VAL B 216 -11.00 9.98 -24.28
C VAL B 216 -12.36 9.91 -23.59
N GLY B 217 -13.05 8.77 -23.71
CA GLY B 217 -14.45 8.61 -23.26
C GLY B 217 -14.99 7.26 -23.63
N GLY B 218 -16.23 6.97 -23.20
CA GLY B 218 -16.95 5.73 -23.50
C GLY B 218 -17.63 5.76 -24.88
N ASP B 219 -18.44 4.74 -25.16
CA ASP B 219 -19.07 4.53 -26.48
C ASP B 219 -19.72 5.84 -26.94
N GLY B 220 -20.52 6.47 -26.09
CA GLY B 220 -21.23 7.72 -26.39
C GLY B 220 -20.30 8.82 -26.87
N THR B 221 -19.11 8.92 -26.28
CA THR B 221 -18.09 9.96 -26.58
C THR B 221 -17.56 9.73 -28.00
N GLN B 222 -17.21 8.48 -28.34
CA GLN B 222 -16.64 8.13 -29.67
C GLN B 222 -17.73 8.30 -30.73
N ARG B 223 -18.97 7.91 -30.41
CA ARG B 223 -20.14 8.15 -31.30
C ARG B 223 -20.15 9.62 -31.70
N GLY B 224 -19.94 10.51 -30.74
CA GLY B 224 -19.84 11.96 -30.99
C GLY B 224 -18.59 12.31 -31.76
N ALA B 225 -17.50 11.59 -31.49
CA ALA B 225 -16.17 11.79 -32.11
C ALA B 225 -16.30 11.57 -33.62
N LEU B 226 -16.94 10.47 -34.04
CA LEU B 226 -17.16 10.14 -35.47
C LEU B 226 -18.03 11.22 -36.11
N VAL B 227 -18.99 11.77 -35.37
CA VAL B 227 -19.90 12.86 -35.84
C VAL B 227 -19.09 14.16 -36.04
N ILE B 228 -18.08 14.44 -35.19
CA ILE B 228 -17.14 15.59 -35.38
C ILE B 228 -16.33 15.34 -36.66
N SER B 229 -15.81 14.12 -36.82
CA SER B 229 -15.00 13.66 -37.99
C SER B 229 -15.76 13.93 -39.28
N GLN B 230 -17.02 13.52 -39.33
CA GLN B 230 -17.91 13.63 -40.53
C GLN B 230 -18.24 15.11 -40.78
N GLU B 231 -18.51 15.87 -39.72
CA GLU B 231 -18.79 17.33 -39.78
C GLU B 231 -17.56 18.07 -40.31
N ALA B 232 -16.37 17.56 -39.99
CA ALA B 232 -15.07 18.13 -40.42
C ALA B 232 -14.87 17.90 -41.92
N LYS B 233 -14.94 16.65 -42.40
CA LYS B 233 -14.78 16.31 -43.84
C LYS B 233 -15.87 16.99 -44.68
N ARG B 234 -17.05 17.23 -44.08
CA ARG B 234 -18.22 17.90 -44.71
C ARG B 234 -17.87 19.36 -45.06
N ARG B 235 -16.93 19.99 -44.34
CA ARG B 235 -16.40 21.35 -44.65
C ARG B 235 -15.06 21.27 -45.37
N GLY B 236 -14.46 20.07 -45.48
CA GLY B 236 -13.12 19.90 -46.05
C GLY B 236 -12.07 20.60 -45.23
N VAL B 237 -12.11 20.43 -43.90
CA VAL B 237 -11.03 20.86 -42.95
C VAL B 237 -10.15 19.62 -42.67
N ASP B 238 -8.86 19.87 -42.50
CA ASP B 238 -7.82 18.84 -42.28
C ASP B 238 -7.78 18.51 -40.77
N ILE B 239 -8.70 17.64 -40.32
CA ILE B 239 -8.89 17.25 -38.90
C ILE B 239 -8.86 15.73 -38.78
N SER B 240 -8.04 15.22 -37.86
CA SER B 240 -8.10 13.82 -37.37
C SER B 240 -8.85 13.79 -36.04
N VAL B 241 -9.85 12.93 -35.91
CA VAL B 241 -10.56 12.63 -34.63
C VAL B 241 -10.27 11.18 -34.27
N PHE B 242 -9.51 10.98 -33.19
CA PHE B 242 -8.94 9.69 -32.77
C PHE B 242 -9.36 9.39 -31.32
N GLY B 243 -9.99 8.23 -31.12
CA GLY B 243 -10.52 7.80 -29.82
C GLY B 243 -9.52 6.96 -29.05
N VAL B 244 -9.31 7.31 -27.78
CA VAL B 244 -8.68 6.43 -26.75
C VAL B 244 -9.81 5.92 -25.87
N PRO B 245 -10.29 4.67 -26.06
CA PRO B 245 -11.41 4.15 -25.28
C PRO B 245 -11.20 4.20 -23.77
N LYS B 246 -12.09 4.89 -23.07
CA LYS B 246 -12.20 4.90 -21.58
C LYS B 246 -13.45 4.13 -21.20
N THR B 247 -13.27 3.03 -20.49
CA THR B 247 -14.34 2.13 -19.99
C THR B 247 -13.70 1.16 -18.99
N ILE B 248 -13.95 1.40 -17.72
CA ILE B 248 -13.37 0.63 -16.60
C ILE B 248 -13.90 -0.82 -16.65
N ASP B 249 -15.05 -1.05 -17.29
CA ASP B 249 -15.74 -2.37 -17.33
C ASP B 249 -15.15 -3.27 -18.41
N ASN B 250 -14.27 -2.73 -19.24
CA ASN B 250 -13.50 -3.52 -20.22
C ASN B 250 -14.48 -4.22 -21.19
N ASP B 251 -15.49 -3.48 -21.67
CA ASP B 251 -16.62 -4.06 -22.44
C ASP B 251 -16.56 -3.55 -23.89
N LEU B 252 -15.46 -2.89 -24.26
CA LEU B 252 -15.08 -2.59 -25.66
C LEU B 252 -14.84 -3.92 -26.39
N SER B 253 -15.40 -4.05 -27.59
CA SER B 253 -15.20 -5.20 -28.50
C SER B 253 -13.95 -4.95 -29.33
N PHE B 254 -13.40 -6.00 -29.95
CA PHE B 254 -12.09 -5.95 -30.66
C PHE B 254 -11.00 -5.52 -29.66
N SER B 255 -11.17 -5.91 -28.39
CA SER B 255 -10.32 -5.55 -27.22
C SER B 255 -10.34 -6.71 -26.21
N HIS B 256 -9.22 -7.02 -25.55
CA HIS B 256 -9.19 -7.90 -24.36
C HIS B 256 -8.89 -7.08 -23.10
N ARG B 257 -8.59 -5.79 -23.24
CA ARG B 257 -8.18 -4.92 -22.12
C ARG B 257 -8.28 -3.44 -22.52
N THR B 258 -8.93 -2.64 -21.65
CA THR B 258 -8.95 -1.16 -21.73
C THR B 258 -8.21 -0.60 -20.51
N PHE B 259 -7.65 0.60 -20.65
CA PHE B 259 -6.86 1.23 -19.58
C PHE B 259 -7.79 1.44 -18.38
N GLY B 260 -7.26 1.21 -17.17
CA GLY B 260 -7.97 1.39 -15.90
C GLY B 260 -8.54 0.10 -15.34
N PHE B 261 -8.87 -0.87 -16.17
CA PHE B 261 -9.62 -2.08 -15.76
C PHE B 261 -8.78 -2.86 -14.75
N GLN B 262 -7.51 -3.14 -15.03
CA GLN B 262 -6.64 -3.92 -14.10
C GLN B 262 -6.55 -3.21 -12.75
N THR B 263 -6.36 -1.89 -12.76
CA THR B 263 -6.34 -1.04 -11.53
C THR B 263 -7.67 -1.20 -10.79
N ALA B 264 -8.79 -1.16 -11.52
CA ALA B 264 -10.14 -1.20 -10.92
C ALA B 264 -10.34 -2.54 -10.19
N VAL B 265 -9.83 -3.64 -10.73
CA VAL B 265 -9.99 -4.98 -10.11
C VAL B 265 -9.15 -5.04 -8.83
N GLU B 266 -7.99 -4.38 -8.80
CA GLU B 266 -7.12 -4.29 -7.59
C GLU B 266 -7.95 -3.71 -6.44
N LYS B 267 -8.65 -2.59 -6.70
CA LYS B 267 -9.45 -1.84 -5.70
C LYS B 267 -10.66 -2.69 -5.29
N ALA B 268 -11.34 -3.29 -6.26
CA ALA B 268 -12.51 -4.16 -5.99
C ALA B 268 -12.12 -5.22 -4.98
N VAL B 269 -10.98 -5.87 -5.15
CA VAL B 269 -10.50 -6.98 -4.26
C VAL B 269 -10.26 -6.41 -2.86
N GLN B 270 -9.78 -5.18 -2.77
CA GLN B 270 -9.52 -4.49 -1.48
C GLN B 270 -10.86 -4.25 -0.79
N ALA B 271 -11.84 -3.69 -1.50
CA ALA B 271 -13.22 -3.49 -1.02
C ALA B 271 -13.76 -4.82 -0.49
N ILE B 272 -13.51 -5.93 -1.18
CA ILE B 272 -14.08 -7.26 -0.82
C ILE B 272 -13.43 -7.74 0.48
N ARG B 273 -12.10 -7.56 0.62
CA ARG B 273 -11.32 -7.92 1.83
C ARG B 273 -11.97 -7.26 3.06
N ALA B 274 -12.34 -5.99 2.95
CA ALA B 274 -13.02 -5.20 3.99
C ALA B 274 -14.42 -5.79 4.26
N ALA B 275 -15.25 -5.93 3.24
CA ALA B 275 -16.61 -6.54 3.35
C ALA B 275 -16.49 -7.88 4.06
N TYR B 276 -15.54 -8.71 3.62
CA TYR B 276 -15.31 -10.07 4.15
C TYR B 276 -15.08 -9.98 5.67
N ALA B 277 -14.21 -9.06 6.10
CA ALA B 277 -13.81 -8.88 7.51
C ALA B 277 -15.03 -8.46 8.33
N GLU B 278 -15.79 -7.47 7.84
CA GLU B 278 -17.07 -7.00 8.45
C GLU B 278 -17.98 -8.21 8.63
N ALA B 279 -18.18 -8.98 7.56
CA ALA B 279 -19.21 -10.03 7.47
C ALA B 279 -18.85 -11.20 8.40
N VAL B 280 -17.62 -11.68 8.34
CA VAL B 280 -17.18 -12.85 9.16
C VAL B 280 -17.21 -12.46 10.65
N SER B 281 -17.13 -11.16 10.96
CA SER B 281 -17.18 -10.60 12.34
C SER B 281 -18.59 -10.68 12.95
N ALA B 282 -19.63 -10.76 12.13
CA ALA B 282 -21.04 -10.87 12.60
C ALA B 282 -21.52 -12.32 12.48
N ASN B 283 -22.38 -12.75 13.40
CA ASN B 283 -23.17 -14.00 13.33
C ASN B 283 -24.29 -13.78 12.31
N TYR B 284 -24.33 -14.61 11.26
CA TYR B 284 -25.19 -14.41 10.07
C TYR B 284 -24.97 -12.99 9.57
N GLY B 285 -23.70 -12.71 9.24
CA GLY B 285 -23.24 -11.45 8.66
C GLY B 285 -23.28 -11.49 7.16
N VAL B 286 -23.73 -10.40 6.54
CA VAL B 286 -23.83 -10.29 5.05
C VAL B 286 -23.14 -9.00 4.61
N GLY B 287 -22.07 -9.14 3.83
CA GLY B 287 -21.43 -8.03 3.11
C GLY B 287 -21.93 -7.99 1.69
N VAL B 288 -22.62 -6.90 1.32
CA VAL B 288 -23.03 -6.63 -0.08
C VAL B 288 -22.07 -5.57 -0.63
N VAL B 289 -21.33 -5.91 -1.70
CA VAL B 289 -20.36 -4.98 -2.36
C VAL B 289 -20.83 -4.72 -3.79
N LYS B 290 -21.02 -3.45 -4.16
CA LYS B 290 -21.34 -3.05 -5.56
C LYS B 290 -20.04 -2.75 -6.29
N LEU B 291 -19.79 -3.46 -7.39
CA LEU B 291 -18.49 -3.41 -8.13
C LEU B 291 -18.74 -3.00 -9.60
N MET B 292 -19.00 -1.71 -9.83
CA MET B 292 -19.11 -1.12 -11.18
C MET B 292 -19.98 -2.07 -12.04
N GLY B 293 -19.81 -2.05 -13.38
CA GLY B 293 -20.47 -3.02 -14.27
C GLY B 293 -21.88 -2.58 -14.68
N ARG B 294 -21.98 -1.53 -15.50
CA ARG B 294 -23.29 -1.01 -15.98
C ARG B 294 -23.98 -2.07 -16.84
N ASP B 295 -23.28 -2.63 -17.83
CA ASP B 295 -23.88 -3.54 -18.85
C ASP B 295 -23.11 -4.87 -18.94
N SER B 296 -21.98 -4.98 -18.24
CA SER B 296 -21.14 -6.20 -18.24
C SER B 296 -20.62 -6.41 -16.81
N GLY B 297 -20.16 -7.64 -16.48
CA GLY B 297 -19.73 -8.01 -15.13
C GLY B 297 -18.29 -8.48 -15.09
N PHE B 298 -17.41 -7.88 -15.89
CA PHE B 298 -15.99 -8.29 -15.96
C PHE B 298 -15.25 -7.93 -14.65
N ILE B 299 -15.52 -6.75 -14.07
CA ILE B 299 -14.90 -6.36 -12.77
C ILE B 299 -15.43 -7.29 -11.69
N ALA B 300 -16.76 -7.39 -11.58
CA ALA B 300 -17.44 -8.27 -10.60
C ALA B 300 -16.80 -9.66 -10.65
N ALA B 301 -16.72 -10.28 -11.84
CA ALA B 301 -16.24 -11.67 -12.04
C ALA B 301 -14.76 -11.80 -11.66
N GLN B 302 -13.88 -10.94 -12.17
CA GLN B 302 -12.42 -11.03 -11.89
C GLN B 302 -12.15 -10.80 -10.40
N ALA B 303 -12.71 -9.73 -9.81
CA ALA B 303 -12.62 -9.41 -8.37
C ALA B 303 -13.07 -10.62 -7.55
N ALA B 304 -14.19 -11.23 -7.92
CA ALA B 304 -14.78 -12.39 -7.20
C ALA B 304 -13.75 -13.52 -7.17
N VAL B 305 -13.13 -13.82 -8.31
CA VAL B 305 -12.16 -14.94 -8.45
C VAL B 305 -10.86 -14.57 -7.73
N ALA B 306 -10.33 -13.37 -7.99
CA ALA B 306 -9.05 -12.89 -7.40
C ALA B 306 -9.18 -12.89 -5.86
N SER B 307 -10.15 -12.16 -5.33
CA SER B 307 -10.44 -12.08 -3.87
C SER B 307 -10.53 -13.48 -3.24
N ALA B 308 -11.11 -14.44 -3.96
CA ALA B 308 -11.48 -15.77 -3.41
C ALA B 308 -12.35 -15.61 -2.16
N GLN B 309 -13.18 -14.56 -2.07
CA GLN B 309 -13.95 -14.25 -0.83
C GLN B 309 -15.44 -14.06 -1.10
N ALA B 310 -15.84 -14.07 -2.38
CA ALA B 310 -17.25 -13.94 -2.84
C ALA B 310 -17.97 -15.28 -2.74
N ASN B 311 -19.16 -15.33 -2.15
CA ASN B 311 -20.04 -16.54 -2.13
C ASN B 311 -21.20 -16.42 -3.12
N ILE B 312 -21.55 -15.20 -3.52
CA ILE B 312 -22.63 -14.90 -4.51
C ILE B 312 -22.13 -13.74 -5.37
N CYS B 313 -22.14 -13.90 -6.68
CA CYS B 313 -21.63 -12.92 -7.65
C CYS B 313 -22.73 -12.61 -8.66
N LEU B 314 -23.36 -11.43 -8.57
CA LEU B 314 -24.57 -11.05 -9.34
C LEU B 314 -24.15 -10.11 -10.45
N VAL B 315 -24.26 -10.58 -11.70
CA VAL B 315 -23.83 -9.81 -12.90
C VAL B 315 -25.02 -9.72 -13.83
N PRO B 316 -25.05 -8.69 -14.69
CA PRO B 316 -26.19 -8.46 -15.60
C PRO B 316 -26.38 -9.62 -16.56
N GLU B 317 -25.29 -10.19 -17.07
CA GLU B 317 -25.33 -11.30 -18.04
C GLU B 317 -26.15 -12.47 -17.46
N ASN B 318 -26.22 -12.63 -16.15
CA ASN B 318 -26.95 -13.76 -15.48
C ASN B 318 -28.07 -13.20 -14.61
N PRO B 319 -29.15 -12.64 -15.19
CA PRO B 319 -30.20 -12.01 -14.37
C PRO B 319 -31.02 -13.10 -13.67
N ILE B 320 -30.91 -13.23 -12.34
CA ILE B 320 -31.74 -14.19 -11.55
C ILE B 320 -32.69 -13.38 -10.67
N SER B 321 -33.68 -14.05 -10.08
CA SER B 321 -34.75 -13.43 -9.26
C SER B 321 -34.23 -13.16 -7.85
N GLU B 322 -34.82 -12.17 -7.20
CA GLU B 322 -34.75 -11.92 -5.74
C GLU B 322 -34.89 -13.25 -4.97
N GLN B 323 -35.85 -14.08 -5.35
CA GLN B 323 -36.13 -15.36 -4.65
C GLN B 323 -34.92 -16.29 -4.82
N GLU B 324 -34.31 -16.33 -6.01
CA GLU B 324 -33.14 -17.20 -6.32
C GLU B 324 -31.97 -16.77 -5.44
N VAL B 325 -31.69 -15.47 -5.39
CA VAL B 325 -30.60 -14.88 -4.54
C VAL B 325 -30.76 -15.36 -3.10
N MET B 326 -31.97 -15.28 -2.54
CA MET B 326 -32.19 -15.55 -1.10
C MET B 326 -31.95 -17.04 -0.80
N SER B 327 -32.16 -17.94 -1.76
CA SER B 327 -31.96 -19.40 -1.57
C SER B 327 -30.47 -19.72 -1.67
N LEU B 328 -29.71 -18.92 -2.41
CA LEU B 328 -28.22 -19.02 -2.40
C LEU B 328 -27.74 -18.62 -1.01
N LEU B 329 -28.22 -17.48 -0.51
CA LEU B 329 -27.89 -16.95 0.84
C LEU B 329 -28.24 -18.01 1.89
N GLU B 330 -29.45 -18.56 1.79
CA GLU B 330 -30.02 -19.59 2.71
C GLU B 330 -29.07 -20.80 2.74
N ARG B 331 -28.61 -21.25 1.58
CA ARG B 331 -27.72 -22.44 1.44
C ARG B 331 -26.34 -22.12 2.04
N ARG B 332 -25.89 -20.88 1.91
CA ARG B 332 -24.61 -20.42 2.49
C ARG B 332 -24.71 -20.53 4.02
N PHE B 333 -25.85 -20.13 4.59
CA PHE B 333 -26.08 -20.10 6.06
C PHE B 333 -26.41 -21.50 6.59
N CYS B 334 -26.35 -22.54 5.77
CA CYS B 334 -26.49 -23.95 6.22
C CYS B 334 -25.23 -24.39 6.96
N HIS B 335 -24.05 -24.01 6.48
CA HIS B 335 -22.74 -24.44 7.04
C HIS B 335 -21.77 -23.25 7.11
N SER B 336 -22.28 -22.04 7.34
CA SER B 336 -21.47 -20.80 7.45
C SER B 336 -22.29 -19.70 8.13
N ARG B 337 -21.62 -18.81 8.88
CA ARG B 337 -22.28 -17.70 9.62
C ARG B 337 -22.03 -16.36 8.91
N SER B 338 -21.43 -16.38 7.71
CA SER B 338 -21.17 -15.16 6.90
C SER B 338 -21.38 -15.44 5.41
N CYS B 339 -21.68 -14.37 4.66
CA CYS B 339 -21.89 -14.38 3.19
C CYS B 339 -21.44 -13.03 2.63
N VAL B 340 -20.60 -13.06 1.60
CA VAL B 340 -20.19 -11.87 0.80
C VAL B 340 -20.91 -11.95 -0.55
N ILE B 341 -21.57 -10.85 -0.93
CA ILE B 341 -22.37 -10.78 -2.18
C ILE B 341 -21.76 -9.67 -3.04
N ILE B 342 -21.16 -10.03 -4.17
CA ILE B 342 -20.72 -9.08 -5.22
C ILE B 342 -21.97 -8.80 -6.08
N VAL B 343 -22.21 -7.55 -6.46
CA VAL B 343 -23.37 -7.14 -7.29
C VAL B 343 -22.91 -6.00 -8.22
N ALA B 344 -23.05 -6.22 -9.52
CA ALA B 344 -22.76 -5.23 -10.57
C ALA B 344 -23.91 -4.22 -10.59
N GLU B 345 -23.62 -2.94 -10.82
CA GLU B 345 -24.63 -1.85 -10.78
C GLU B 345 -25.74 -2.14 -11.79
N GLY B 346 -25.47 -2.98 -12.80
CA GLY B 346 -26.39 -3.29 -13.90
C GLY B 346 -27.24 -4.53 -13.63
N PHE B 347 -26.99 -5.27 -12.56
CA PHE B 347 -27.82 -6.45 -12.20
C PHE B 347 -29.19 -5.98 -11.72
N GLY B 348 -30.22 -6.80 -11.94
CA GLY B 348 -31.59 -6.62 -11.40
C GLY B 348 -32.19 -5.25 -11.71
N GLN B 349 -32.16 -4.85 -12.97
CA GLN B 349 -32.83 -3.61 -13.44
C GLN B 349 -34.35 -3.87 -13.54
N ASP B 350 -34.78 -5.11 -13.33
CA ASP B 350 -36.22 -5.53 -13.34
C ASP B 350 -36.69 -5.86 -11.91
N TRP B 351 -36.09 -5.25 -10.88
CA TRP B 351 -36.35 -5.56 -9.45
C TRP B 351 -37.29 -4.51 -8.82
N ILE B 367 -31.44 3.33 -11.35
CA ILE B 367 -31.82 2.46 -10.20
C ILE B 367 -30.55 2.09 -9.43
N ASP B 368 -30.67 1.86 -8.13
CA ASP B 368 -29.53 1.57 -7.22
C ASP B 368 -29.71 0.17 -6.61
N ILE B 369 -29.32 -0.85 -7.37
CA ILE B 369 -29.46 -2.28 -6.98
C ILE B 369 -28.69 -2.56 -5.69
N GLY B 370 -27.64 -1.80 -5.40
CA GLY B 370 -26.88 -1.91 -4.16
C GLY B 370 -27.78 -1.73 -2.94
N VAL B 371 -28.48 -0.60 -2.85
CA VAL B 371 -29.39 -0.27 -1.71
C VAL B 371 -30.55 -1.26 -1.69
N ILE B 372 -31.10 -1.62 -2.87
CA ILE B 372 -32.33 -2.45 -2.99
C ILE B 372 -32.00 -3.88 -2.53
N LEU B 373 -30.94 -4.48 -3.06
CA LEU B 373 -30.48 -5.85 -2.68
C LEU B 373 -30.25 -5.90 -1.16
N THR B 374 -29.64 -4.87 -0.58
CA THR B 374 -29.35 -4.77 0.88
C THR B 374 -30.67 -4.77 1.67
N GLU B 375 -31.64 -3.94 1.26
CA GLU B 375 -32.98 -3.85 1.88
C GLU B 375 -33.68 -5.21 1.79
N LYS B 376 -33.59 -5.88 0.64
CA LYS B 376 -34.34 -7.14 0.36
C LYS B 376 -33.71 -8.28 1.16
N VAL B 377 -32.39 -8.30 1.29
CA VAL B 377 -31.65 -9.28 2.14
C VAL B 377 -32.08 -9.06 3.60
N LYS B 378 -32.06 -7.81 4.08
CA LYS B 378 -32.55 -7.47 5.45
C LYS B 378 -33.97 -7.98 5.67
N ALA B 379 -34.90 -7.60 4.78
CA ALA B 379 -36.32 -8.02 4.80
C ALA B 379 -36.41 -9.54 4.92
N PHE B 380 -35.64 -10.28 4.12
CA PHE B 380 -35.60 -11.77 4.11
C PHE B 380 -35.15 -12.27 5.48
N LEU B 381 -34.04 -11.73 6.00
CA LEU B 381 -33.47 -12.15 7.30
C LEU B 381 -34.48 -11.80 8.42
N LYS B 382 -35.17 -10.66 8.32
CA LYS B 382 -36.17 -10.20 9.33
C LYS B 382 -37.40 -11.11 9.32
N ALA B 383 -37.88 -11.51 8.15
CA ALA B 383 -39.00 -12.47 7.99
C ALA B 383 -38.63 -13.81 8.64
N ASN B 384 -37.33 -14.15 8.69
CA ASN B 384 -36.84 -15.51 9.06
C ASN B 384 -36.01 -15.45 10.36
N LYS B 385 -36.26 -14.45 11.22
CA LYS B 385 -35.58 -14.31 12.54
C LYS B 385 -35.55 -15.68 13.22
N SER B 386 -36.67 -16.41 13.11
CA SER B 386 -36.85 -17.85 13.45
C SER B 386 -35.51 -18.61 13.40
N ARG B 387 -34.82 -18.57 12.26
CA ARG B 387 -33.63 -19.43 11.98
C ARG B 387 -32.33 -18.60 11.98
N TYR B 388 -32.42 -17.30 11.71
CA TYR B 388 -31.27 -16.34 11.68
C TYR B 388 -31.47 -15.31 12.79
N PRO B 389 -31.29 -15.71 14.06
CA PRO B 389 -31.81 -14.97 15.21
C PRO B 389 -31.26 -13.55 15.33
N ASP B 390 -29.93 -13.40 15.42
CA ASP B 390 -29.24 -12.10 15.18
C ASP B 390 -28.68 -12.19 13.78
N SER B 391 -28.86 -11.14 12.98
CA SER B 391 -28.28 -11.00 11.63
C SER B 391 -27.75 -9.57 11.48
N THR B 392 -26.82 -9.40 10.54
CA THR B 392 -26.19 -8.11 10.20
C THR B 392 -25.93 -8.07 8.68
N VAL B 393 -26.27 -6.94 8.05
CA VAL B 393 -26.15 -6.70 6.59
C VAL B 393 -25.49 -5.34 6.41
N LYS B 394 -24.23 -5.35 5.96
CA LYS B 394 -23.45 -4.13 5.66
C LYS B 394 -23.40 -4.01 4.14
N TYR B 395 -23.83 -2.86 3.60
CA TYR B 395 -23.68 -2.45 2.17
C TYR B 395 -22.41 -1.61 2.02
N ILE B 396 -21.63 -1.89 0.98
CA ILE B 396 -20.38 -1.12 0.64
C ILE B 396 -20.46 -0.66 -0.81
N ASP B 397 -20.28 0.64 -1.05
CA ASP B 397 -20.17 1.22 -2.41
C ASP B 397 -18.80 1.83 -2.58
N PRO B 398 -17.81 1.04 -3.04
CA PRO B 398 -16.46 1.55 -3.28
C PRO B 398 -16.26 2.20 -4.65
N SER B 399 -17.31 2.57 -5.37
CA SER B 399 -17.20 3.25 -6.70
C SER B 399 -16.19 4.39 -6.61
N TYR B 400 -16.40 5.33 -5.70
CA TYR B 400 -15.48 6.48 -5.41
C TYR B 400 -14.03 5.99 -5.48
N MET B 401 -13.71 4.88 -4.82
CA MET B 401 -12.32 4.43 -4.54
C MET B 401 -11.74 3.72 -5.76
N ILE B 402 -12.59 3.20 -6.64
CA ILE B 402 -12.19 2.34 -7.80
C ILE B 402 -11.85 3.24 -9.00
N ARG B 403 -12.61 4.30 -9.23
CA ARG B 403 -12.47 5.19 -10.41
C ARG B 403 -11.40 6.24 -10.16
N ALA B 404 -11.31 6.68 -8.91
CA ALA B 404 -10.67 7.97 -8.55
C ALA B 404 -9.20 7.77 -8.22
N CYS B 405 -8.67 6.55 -8.20
CA CYS B 405 -7.26 6.30 -7.84
C CYS B 405 -6.37 6.48 -9.06
N PRO B 406 -5.06 6.72 -8.85
CA PRO B 406 -4.10 6.64 -9.96
C PRO B 406 -3.92 5.20 -10.40
N PRO B 407 -3.40 4.96 -11.63
CA PRO B 407 -3.28 3.59 -12.13
C PRO B 407 -2.15 2.79 -11.47
N SER B 408 -2.31 1.47 -11.38
CA SER B 408 -1.22 0.49 -11.12
C SER B 408 -0.09 0.77 -12.11
N ALA B 409 1.14 0.36 -11.78
CA ALA B 409 2.32 0.52 -12.66
C ALA B 409 2.02 -0.13 -14.03
N ASN B 410 1.47 -1.33 -14.01
CA ASN B 410 1.07 -2.06 -15.23
C ASN B 410 0.06 -1.21 -16.04
N ASP B 411 -0.93 -0.58 -15.41
CA ASP B 411 -1.90 0.29 -16.15
C ASP B 411 -1.22 1.59 -16.58
N ALA B 412 -0.28 2.14 -15.83
CA ALA B 412 0.49 3.34 -16.27
C ALA B 412 1.19 3.03 -17.61
N LEU B 413 1.87 1.89 -17.70
CA LEU B 413 2.60 1.44 -18.92
C LEU B 413 1.61 1.27 -20.08
N PHE B 414 0.47 0.61 -19.82
CA PHE B 414 -0.57 0.34 -20.82
C PHE B 414 -1.10 1.66 -21.37
N CYS B 415 -1.46 2.59 -20.50
CA CYS B 415 -1.93 3.96 -20.85
C CYS B 415 -0.88 4.64 -21.73
N ALA B 416 0.38 4.62 -21.32
CA ALA B 416 1.50 5.31 -22.01
C ALA B 416 1.62 4.75 -23.43
N THR B 417 1.59 3.42 -23.54
CA THR B 417 1.69 2.70 -24.83
C THR B 417 0.47 3.06 -25.71
N LEU B 418 -0.75 3.00 -25.19
CA LEU B 418 -1.97 3.32 -26.00
C LEU B 418 -1.84 4.74 -26.56
N ALA B 419 -1.44 5.69 -25.71
CA ALA B 419 -1.42 7.13 -26.02
C ALA B 419 -0.37 7.40 -27.12
N THR B 420 0.81 6.81 -27.02
CA THR B 420 1.94 7.08 -27.96
C THR B 420 1.59 6.49 -29.35
N LEU B 421 1.05 5.27 -29.40
CA LEU B 421 0.62 4.63 -30.66
C LEU B 421 -0.55 5.44 -31.26
N ALA B 422 -1.41 6.01 -30.41
CA ALA B 422 -2.54 6.87 -30.84
C ALA B 422 -1.98 8.08 -31.58
N VAL B 423 -0.94 8.71 -31.06
CA VAL B 423 -0.30 9.92 -31.69
C VAL B 423 0.40 9.48 -32.97
N HIS B 424 1.19 8.39 -32.93
CA HIS B 424 1.90 7.84 -34.11
C HIS B 424 0.91 7.67 -35.28
N GLU B 425 -0.29 7.17 -35.00
CA GLU B 425 -1.29 6.77 -36.02
C GLU B 425 -2.11 7.98 -36.47
N ALA B 426 -2.51 8.85 -35.55
CA ALA B 426 -3.21 10.12 -35.86
C ALA B 426 -2.30 10.99 -36.75
N MET B 427 -0.99 11.08 -36.42
CA MET B 427 0.00 11.82 -37.24
C MET B 427 0.08 11.19 -38.63
N ALA B 428 -0.05 9.86 -38.71
CA ALA B 428 -0.11 9.09 -39.97
C ALA B 428 -1.51 9.18 -40.58
N GLY B 429 -2.37 10.08 -40.10
CA GLY B 429 -3.60 10.49 -40.79
C GLY B 429 -4.79 9.58 -40.49
N ALA B 430 -4.66 8.63 -39.57
CA ALA B 430 -5.80 7.83 -39.07
C ALA B 430 -6.81 8.77 -38.40
N THR B 431 -8.11 8.45 -38.53
CA THR B 431 -9.26 9.27 -38.09
C THR B 431 -10.54 8.41 -38.11
N GLY B 432 -11.45 8.73 -37.20
CA GLY B 432 -12.74 8.01 -37.08
C GLY B 432 -12.52 6.63 -36.49
N CYS B 433 -11.39 6.42 -35.81
CA CYS B 433 -11.03 5.12 -35.21
C CYS B 433 -10.65 5.29 -33.73
N ILE B 434 -10.67 4.16 -33.02
CA ILE B 434 -10.12 3.98 -31.65
C ILE B 434 -8.82 3.18 -31.77
N ILE B 435 -8.01 3.21 -30.72
CA ILE B 435 -6.88 2.26 -30.54
C ILE B 435 -7.30 1.25 -29.49
N ALA B 436 -7.09 -0.03 -29.79
CA ALA B 436 -7.48 -1.15 -28.91
C ALA B 436 -6.30 -2.12 -28.83
N MET B 437 -6.36 -3.02 -27.84
CA MET B 437 -5.34 -4.04 -27.56
C MET B 437 -6.05 -5.40 -27.53
N ARG B 438 -5.55 -6.34 -28.34
CA ARG B 438 -6.23 -7.63 -28.61
C ARG B 438 -5.15 -8.64 -28.98
N HIS B 439 -5.19 -9.85 -28.40
CA HIS B 439 -4.20 -10.92 -28.68
C HIS B 439 -2.77 -10.35 -28.52
N ASN B 440 -2.55 -9.56 -27.48
CA ASN B 440 -1.19 -9.08 -27.10
C ASN B 440 -0.69 -8.00 -28.08
N ASN B 441 -1.56 -7.44 -28.93
CA ASN B 441 -1.16 -6.48 -29.98
C ASN B 441 -2.10 -5.28 -30.01
N TYR B 442 -1.56 -4.12 -30.40
CA TYR B 442 -2.29 -2.85 -30.52
C TYR B 442 -2.84 -2.73 -31.94
N ILE B 443 -4.15 -2.51 -32.04
CA ILE B 443 -4.88 -2.49 -33.34
C ILE B 443 -5.66 -1.18 -33.43
N LEU B 444 -5.99 -0.77 -34.65
CA LEU B 444 -6.96 0.33 -34.92
C LEU B 444 -8.29 -0.31 -35.30
N VAL B 445 -9.40 0.32 -34.89
CA VAL B 445 -10.79 -0.16 -35.12
C VAL B 445 -11.62 1.06 -35.48
N PRO B 446 -12.36 1.07 -36.61
CA PRO B 446 -13.30 2.14 -36.87
C PRO B 446 -14.30 2.23 -35.71
N ILE B 447 -14.56 3.47 -35.28
CA ILE B 447 -15.58 3.80 -34.25
C ILE B 447 -16.92 3.17 -34.65
N LYS B 448 -17.28 3.24 -35.94
CA LYS B 448 -18.59 2.73 -36.44
C LYS B 448 -18.81 1.31 -35.91
N VAL B 449 -17.90 0.38 -36.18
CA VAL B 449 -18.03 -1.03 -35.72
C VAL B 449 -17.90 -1.08 -34.19
N ALA B 450 -16.94 -0.33 -33.63
CA ALA B 450 -16.56 -0.38 -32.19
C ALA B 450 -17.77 -0.06 -31.31
N THR B 451 -18.70 0.75 -31.82
CA THR B 451 -19.88 1.30 -31.10
C THR B 451 -21.16 0.58 -31.50
N SER B 452 -21.08 -0.46 -32.32
CA SER B 452 -22.24 -1.22 -32.86
C SER B 452 -22.38 -2.56 -32.15
N VAL B 453 -21.34 -2.97 -31.44
CA VAL B 453 -21.24 -4.29 -30.77
C VAL B 453 -20.49 -4.01 -29.47
N ARG B 454 -20.81 -4.75 -28.43
CA ARG B 454 -20.18 -4.57 -27.09
C ARG B 454 -19.89 -5.97 -26.52
N ARG B 455 -19.08 -6.01 -25.48
CA ARG B 455 -18.50 -7.24 -24.91
C ARG B 455 -19.26 -7.58 -23.61
N VAL B 456 -19.35 -8.86 -23.29
CA VAL B 456 -20.24 -9.40 -22.24
C VAL B 456 -19.66 -10.72 -21.72
N LEU B 457 -19.94 -11.11 -20.49
CA LEU B 457 -19.44 -12.40 -19.93
C LEU B 457 -20.02 -13.55 -20.75
N ASP B 458 -19.19 -14.50 -21.13
CA ASP B 458 -19.63 -15.81 -21.65
C ASP B 458 -19.83 -16.71 -20.43
N LEU B 459 -21.08 -17.03 -20.09
CA LEU B 459 -21.43 -17.86 -18.91
C LEU B 459 -20.88 -19.30 -19.05
N ARG B 460 -20.35 -19.67 -20.21
CA ARG B 460 -19.82 -21.05 -20.46
C ARG B 460 -18.29 -21.00 -20.57
N GLY B 461 -17.67 -19.82 -20.36
CA GLY B 461 -16.22 -19.59 -20.50
C GLY B 461 -15.47 -19.74 -19.19
N GLN B 462 -14.13 -19.67 -19.25
CA GLN B 462 -13.20 -20.05 -18.15
C GLN B 462 -13.41 -19.12 -16.95
N LEU B 463 -13.54 -17.80 -17.18
CA LEU B 463 -13.66 -16.84 -16.07
C LEU B 463 -14.91 -17.21 -15.26
N TRP B 464 -16.07 -17.29 -15.92
CA TRP B 464 -17.35 -17.56 -15.22
C TRP B 464 -17.32 -18.96 -14.60
N ARG B 465 -16.59 -19.91 -15.18
CA ARG B 465 -16.44 -21.26 -14.59
C ARG B 465 -15.76 -21.09 -13.23
N GLN B 466 -14.73 -20.24 -13.14
CA GLN B 466 -13.96 -20.02 -11.89
C GLN B 466 -14.86 -19.35 -10.83
N VAL B 467 -15.77 -18.47 -11.25
CA VAL B 467 -16.76 -17.82 -10.34
C VAL B 467 -17.67 -18.91 -9.74
N ARG B 468 -18.13 -19.86 -10.56
CA ARG B 468 -19.09 -20.91 -10.14
C ARG B 468 -18.41 -21.89 -9.18
N GLU B 469 -17.11 -22.15 -9.37
CA GLU B 469 -16.30 -23.03 -8.49
C GLU B 469 -16.24 -22.43 -7.07
N ILE B 470 -16.24 -21.10 -6.92
CA ILE B 470 -16.03 -20.43 -5.60
C ILE B 470 -17.38 -20.08 -4.96
N THR B 471 -18.33 -19.56 -5.75
CA THR B 471 -19.67 -19.11 -5.28
C THR B 471 -20.53 -20.32 -4.91
N VAL B 472 -21.54 -20.08 -4.07
CA VAL B 472 -22.48 -21.14 -3.59
C VAL B 472 -23.23 -21.65 -4.80
N ASP B 473 -23.40 -22.96 -4.86
CA ASP B 473 -24.07 -23.70 -5.96
C ASP B 473 -25.01 -24.68 -5.28
N LEU B 474 -26.32 -24.55 -5.54
CA LEU B 474 -27.41 -25.37 -4.92
C LEU B 474 -27.29 -26.82 -5.40
N GLY B 475 -26.58 -27.06 -6.52
CA GLY B 475 -26.27 -28.41 -7.04
C GLY B 475 -25.49 -29.25 -6.04
N SER B 476 -24.27 -28.81 -5.69
CA SER B 476 -23.29 -29.42 -4.78
C SER B 476 -23.98 -30.00 -3.54
N ASP B 477 -23.82 -31.31 -3.32
CA ASP B 477 -24.18 -31.97 -2.04
C ASP B 477 -23.31 -31.41 -0.90
N VAL B 478 -23.86 -30.49 -0.11
CA VAL B 478 -23.05 -29.64 0.83
C VAL B 478 -22.45 -30.57 1.88
N ARG B 479 -23.26 -31.49 2.44
CA ARG B 479 -22.90 -32.29 3.63
C ARG B 479 -22.11 -33.55 3.21
N LEU B 480 -22.36 -34.12 2.02
CA LEU B 480 -21.47 -35.17 1.44
C LEU B 480 -20.08 -34.56 1.20
N ALA B 481 -20.02 -33.46 0.46
CA ALA B 481 -18.78 -32.69 0.15
C ALA B 481 -17.95 -32.50 1.43
N ARG B 482 -18.63 -32.25 2.55
CA ARG B 482 -18.03 -31.94 3.87
C ARG B 482 -17.49 -33.21 4.54
N LYS B 483 -18.11 -34.37 4.35
CA LYS B 483 -17.64 -35.67 4.91
C LYS B 483 -16.18 -35.91 4.49
N LEU B 484 -15.89 -35.75 3.19
CA LEU B 484 -14.55 -36.06 2.59
C LEU B 484 -13.55 -35.00 3.08
N GLU B 485 -13.99 -33.74 3.11
CA GLU B 485 -13.25 -32.60 3.72
C GLU B 485 -12.63 -33.06 5.04
N ILE B 486 -13.47 -33.61 5.92
CA ILE B 486 -13.11 -34.00 7.32
C ILE B 486 -12.07 -35.13 7.26
N ARG B 487 -12.37 -36.21 6.54
CA ARG B 487 -11.49 -37.40 6.41
C ARG B 487 -10.07 -36.97 6.01
N ARG B 488 -9.96 -36.07 5.03
CA ARG B 488 -8.67 -35.50 4.57
C ARG B 488 -7.98 -34.75 5.72
N GLU B 489 -8.74 -33.97 6.50
CA GLU B 489 -8.22 -33.13 7.62
C GLU B 489 -7.76 -34.06 8.75
N LEU B 490 -8.50 -35.13 9.06
CA LEU B 490 -8.11 -36.16 10.07
C LEU B 490 -6.79 -36.81 9.67
N GLU B 491 -6.68 -37.18 8.39
CA GLU B 491 -5.49 -37.85 7.79
C GLU B 491 -4.26 -36.93 7.97
N ALA B 492 -4.45 -35.61 7.85
CA ALA B 492 -3.41 -34.58 8.09
C ALA B 492 -3.09 -34.51 9.59
N ILE B 493 -4.13 -34.41 10.43
CA ILE B 493 -4.00 -34.25 11.92
C ILE B 493 -3.25 -35.46 12.48
N ASN B 494 -3.68 -36.67 12.13
CA ASN B 494 -3.13 -37.94 12.70
C ASN B 494 -1.64 -38.09 12.35
N ARG B 495 -1.21 -37.58 11.19
CA ARG B 495 0.23 -37.61 10.79
C ARG B 495 1.01 -36.60 11.65
N ASN B 496 0.52 -35.35 11.67
CA ASN B 496 1.06 -34.27 12.54
C ASN B 496 1.14 -34.80 13.98
N ARG B 497 0.10 -35.52 14.42
CA ARG B 497 -0.03 -36.10 15.78
C ARG B 497 1.16 -37.03 16.06
N ASP B 498 1.52 -37.91 15.12
CA ASP B 498 2.59 -38.92 15.32
C ASP B 498 3.98 -38.25 15.29
N ARG B 499 4.23 -37.41 14.27
CA ARG B 499 5.53 -36.71 14.09
C ARG B 499 5.91 -35.99 15.39
N LEU B 500 4.93 -35.36 16.07
CA LEU B 500 5.11 -34.74 17.41
C LEU B 500 5.54 -35.81 18.41
N HIS B 501 4.73 -36.86 18.58
CA HIS B 501 4.99 -38.01 19.49
C HIS B 501 6.44 -38.48 19.33
N GLU B 502 6.89 -38.65 18.09
CA GLU B 502 8.25 -39.12 17.73
C GLU B 502 9.30 -38.24 18.42
N GLU B 503 9.18 -36.92 18.25
CA GLU B 503 10.19 -35.91 18.64
C GLU B 503 10.48 -36.04 20.14
N LEU B 504 9.45 -36.22 20.98
CA LEU B 504 9.62 -36.45 22.44
C LEU B 504 10.56 -37.64 22.65
N ALA B 505 10.08 -38.88 22.53
CA ALA B 505 10.84 -40.13 22.74
C ALA B 505 12.19 -40.06 22.00
N LYS B 506 12.21 -39.44 20.81
CA LYS B 506 13.42 -39.21 19.94
C LYS B 506 13.93 -37.77 20.15
N MET C 40 -22.83 21.69 35.71
CA MET C 40 -22.69 20.32 36.27
C MET C 40 -21.27 19.81 35.99
N LEU C 41 -20.32 20.02 36.91
CA LEU C 41 -18.92 19.52 36.84
C LEU C 41 -18.91 18.03 37.16
N ASN C 42 -18.01 17.29 36.49
CA ASN C 42 -17.60 15.94 36.93
C ASN C 42 -17.03 16.06 38.34
N SER C 43 -17.06 14.95 39.10
CA SER C 43 -16.68 14.96 40.54
C SER C 43 -15.67 13.83 40.77
N VAL C 44 -14.63 13.78 39.96
CA VAL C 44 -13.59 12.72 40.06
C VAL C 44 -12.60 13.14 41.15
N THR C 45 -12.46 12.29 42.16
CA THR C 45 -11.55 12.41 43.32
C THR C 45 -10.45 11.35 43.19
N GLN C 46 -9.36 11.49 43.95
CA GLN C 46 -8.23 10.54 43.95
C GLN C 46 -8.76 9.12 44.26
N GLU C 47 -9.73 9.01 45.17
CA GLU C 47 -10.36 7.71 45.54
C GLU C 47 -10.94 7.07 44.28
N ASP C 48 -11.57 7.87 43.41
CA ASP C 48 -12.24 7.37 42.19
C ASP C 48 -11.22 6.72 41.26
N LEU C 49 -9.96 7.16 41.31
CA LEU C 49 -8.86 6.67 40.43
C LEU C 49 -8.14 5.48 41.06
N LYS C 50 -8.37 5.16 42.35
CA LYS C 50 -7.84 3.92 42.96
C LYS C 50 -8.48 2.75 42.22
N VAL C 51 -7.66 1.95 41.52
CA VAL C 51 -8.15 0.75 40.80
C VAL C 51 -8.16 -0.40 41.80
N ASP C 52 -9.27 -1.16 41.78
CA ASP C 52 -9.49 -2.40 42.57
C ASP C 52 -8.37 -3.40 42.32
N ARG C 53 -8.04 -4.16 43.37
CA ARG C 53 -7.23 -5.39 43.32
C ARG C 53 -8.03 -6.49 44.01
N LEU C 54 -8.08 -7.68 43.42
CA LEU C 54 -8.61 -8.88 44.12
C LEU C 54 -7.71 -9.16 45.31
N PRO C 55 -8.25 -9.55 46.48
CA PRO C 55 -7.45 -9.65 47.70
C PRO C 55 -6.42 -10.79 47.60
N GLY C 56 -5.14 -10.50 47.89
CA GLY C 56 -4.03 -11.47 47.83
C GLY C 56 -3.21 -11.33 46.55
N ALA C 57 -1.89 -11.25 46.70
CA ALA C 57 -0.87 -11.42 45.64
C ALA C 57 0.19 -12.41 46.13
N ASP C 58 -0.18 -13.69 46.19
CA ASP C 58 0.50 -14.74 47.00
C ASP C 58 1.38 -15.63 46.12
N TYR C 59 1.79 -15.17 44.92
CA TYR C 59 2.65 -15.96 43.99
C TYR C 59 3.65 -15.04 43.31
N PRO C 60 4.90 -15.52 43.07
CA PRO C 60 5.90 -14.73 42.35
C PRO C 60 5.63 -14.68 40.84
N ASN C 61 6.17 -13.68 40.15
CA ASN C 61 6.01 -13.46 38.70
C ASN C 61 7.00 -14.36 37.96
N PRO C 62 6.54 -15.25 37.06
CA PRO C 62 7.44 -16.08 36.23
C PRO C 62 8.50 -15.31 35.40
N SER C 63 8.19 -14.09 34.96
CA SER C 63 9.00 -13.27 34.02
C SER C 63 9.78 -12.18 34.77
N LYS C 64 9.09 -11.27 35.49
CA LYS C 64 9.65 -10.12 36.26
C LYS C 64 10.01 -10.55 37.69
N LYS C 65 11.26 -10.98 37.91
CA LYS C 65 11.84 -11.33 39.24
C LYS C 65 12.19 -10.04 40.00
N TYR C 66 11.89 -10.00 41.30
CA TYR C 66 12.13 -8.84 42.21
C TYR C 66 13.63 -8.46 42.26
N SER C 67 14.55 -9.41 42.05
CA SER C 67 16.04 -9.21 42.16
C SER C 67 16.65 -8.64 40.87
N SER C 68 15.84 -8.30 39.85
CA SER C 68 16.29 -7.74 38.55
C SER C 68 16.33 -6.20 38.60
N ARG C 69 15.69 -5.56 39.61
CA ARG C 69 15.55 -4.07 39.78
C ARG C 69 16.73 -3.48 40.57
N THR C 70 16.80 -2.14 40.67
CA THR C 70 17.85 -1.36 41.41
C THR C 70 17.33 -0.96 42.80
N GLU C 71 16.13 -0.35 42.85
CA GLU C 71 15.49 0.20 44.08
C GLU C 71 14.65 -0.90 44.73
N PHE C 72 14.11 -0.63 45.93
CA PHE C 72 13.30 -1.58 46.76
C PHE C 72 11.79 -1.32 46.59
N ARG C 73 10.97 -2.28 47.04
CA ARG C 73 9.48 -2.23 47.12
C ARG C 73 8.87 -2.52 45.73
N ASP C 74 7.88 -3.45 45.65
CA ASP C 74 6.98 -3.63 44.47
C ASP C 74 5.69 -2.85 44.75
N LYS C 75 5.76 -1.51 44.74
CA LYS C 75 4.62 -0.61 45.02
C LYS C 75 3.99 -0.18 43.70
N THR C 76 2.78 0.37 43.77
CA THR C 76 2.17 1.13 42.65
C THR C 76 2.90 2.47 42.53
N ASP C 77 3.39 2.77 41.33
CA ASP C 77 3.85 4.13 40.94
C ASP C 77 2.71 4.85 40.21
N TYR C 78 2.81 6.19 40.17
CA TYR C 78 1.75 7.10 39.70
C TYR C 78 2.34 8.08 38.70
N ILE C 79 1.46 8.62 37.87
CA ILE C 79 1.75 9.78 36.98
C ILE C 79 0.66 10.84 37.23
N MET C 80 1.04 12.10 37.15
CA MET C 80 0.13 13.27 37.29
C MET C 80 -0.88 13.28 36.16
N TYR C 81 -2.15 13.46 36.49
CA TYR C 81 -3.25 13.59 35.50
C TYR C 81 -2.92 14.77 34.56
N ASN C 82 -2.60 15.93 35.12
CA ASN C 82 -2.29 17.16 34.35
C ASN C 82 -0.88 17.60 34.72
N PRO C 83 0.11 17.41 33.84
CA PRO C 83 1.48 17.86 34.09
C PRO C 83 1.76 19.36 33.90
N ARG C 84 0.75 20.23 33.97
CA ARG C 84 0.98 21.69 33.90
C ARG C 84 1.06 22.25 35.30
N PRO C 85 2.00 23.20 35.52
CA PRO C 85 2.22 23.78 36.84
C PRO C 85 1.21 24.89 37.17
N ARG C 86 0.96 25.10 38.47
CA ARG C 86 0.18 26.26 38.98
C ARG C 86 1.01 27.52 38.75
N ASP C 87 2.25 27.55 39.24
CA ASP C 87 3.11 28.77 39.28
C ASP C 87 4.28 28.64 38.30
N GLU C 88 4.91 29.77 37.99
CA GLU C 88 6.10 29.93 37.10
C GLU C 88 7.28 29.19 37.72
N PRO C 89 8.41 29.00 37.00
CA PRO C 89 9.64 28.49 37.60
C PRO C 89 10.04 29.27 38.86
N SER C 90 10.44 28.58 39.93
CA SER C 90 10.82 29.16 41.25
C SER C 90 11.77 28.21 42.01
N SER C 91 12.19 28.60 43.22
CA SER C 91 13.16 27.86 44.08
C SER C 91 12.63 26.44 44.37
N GLU C 92 11.31 26.28 44.59
CA GLU C 92 10.70 24.95 44.89
C GLU C 92 10.23 24.29 43.60
N ASN C 93 10.01 22.97 43.63
CA ASN C 93 9.52 22.17 42.47
C ASN C 93 8.09 22.60 42.15
N PRO C 94 7.66 22.51 40.88
CA PRO C 94 6.31 22.91 40.50
C PRO C 94 5.22 21.91 40.93
N VAL C 95 3.99 22.42 41.06
CA VAL C 95 2.80 21.69 41.58
C VAL C 95 1.79 21.58 40.44
N SER C 96 1.12 20.43 40.31
CA SER C 96 0.10 20.19 39.27
C SER C 96 -1.09 21.14 39.49
N VAL C 97 -1.59 21.69 38.38
CA VAL C 97 -2.89 22.40 38.26
C VAL C 97 -4.03 21.46 38.71
N SER C 98 -3.84 20.14 38.68
CA SER C 98 -4.85 19.13 39.14
C SER C 98 -4.34 18.36 40.35
N PRO C 99 -5.22 17.88 41.26
CA PRO C 99 -4.79 17.05 42.39
C PRO C 99 -4.64 15.57 42.03
N LEU C 100 -5.02 15.20 40.80
CA LEU C 100 -5.21 13.77 40.44
C LEU C 100 -3.87 13.16 39.99
N LEU C 101 -3.62 11.96 40.52
CA LEU C 101 -2.58 10.99 40.11
C LEU C 101 -3.26 9.74 39.52
N CYS C 102 -2.71 9.20 38.44
CA CYS C 102 -3.18 7.97 37.75
C CYS C 102 -2.19 6.84 38.00
N GLU C 103 -2.71 5.63 38.28
CA GLU C 103 -1.90 4.42 38.53
C GLU C 103 -1.23 4.00 37.22
N LEU C 104 0.10 3.83 37.21
CA LEU C 104 0.87 3.40 36.01
C LEU C 104 0.76 1.89 35.86
N ALA C 105 0.58 1.41 34.63
CA ALA C 105 0.52 -0.03 34.29
C ALA C 105 1.93 -0.57 34.09
N ALA C 106 2.20 -1.78 34.59
CA ALA C 106 3.53 -2.43 34.60
C ALA C 106 3.43 -3.86 35.13
N ALA C 107 4.29 -4.75 34.64
CA ALA C 107 4.49 -6.11 35.20
C ALA C 107 4.91 -5.97 36.68
N ARG C 108 4.32 -6.76 37.57
CA ARG C 108 4.56 -6.70 39.04
C ARG C 108 5.37 -7.93 39.47
N SER C 109 6.05 -7.86 40.62
CA SER C 109 6.91 -8.94 41.19
C SER C 109 6.05 -10.04 41.81
N ARG C 110 4.97 -9.66 42.50
CA ARG C 110 3.96 -10.60 43.04
C ARG C 110 2.71 -10.49 42.15
N ILE C 111 2.00 -11.59 41.95
CA ILE C 111 0.73 -11.63 41.15
C ILE C 111 -0.36 -12.34 41.98
N HIS C 112 -1.63 -12.10 41.66
CA HIS C 112 -2.82 -12.62 42.40
C HIS C 112 -3.06 -14.07 42.02
N PHE C 113 -3.08 -14.37 40.72
CA PHE C 113 -3.46 -15.71 40.17
C PHE C 113 -2.23 -16.60 40.05
N ASN C 114 -2.36 -17.85 40.47
CA ASN C 114 -1.37 -18.94 40.23
C ASN C 114 -1.33 -19.24 38.73
N PRO C 115 -0.26 -18.84 38.01
CA PRO C 115 -0.30 -18.81 36.54
C PRO C 115 -0.78 -20.11 35.90
N THR C 116 -0.20 -21.25 36.30
CA THR C 116 -0.43 -22.58 35.67
C THR C 116 -1.85 -23.10 35.97
N GLU C 117 -2.61 -22.41 36.84
CA GLU C 117 -3.99 -22.79 37.22
C GLU C 117 -5.02 -21.79 36.65
N THR C 118 -4.56 -20.79 35.90
CA THR C 118 -5.38 -19.62 35.47
C THR C 118 -5.94 -19.88 34.07
N THR C 119 -7.26 -19.75 33.90
CA THR C 119 -7.94 -19.67 32.59
C THR C 119 -8.20 -18.19 32.25
N ILE C 120 -7.78 -17.75 31.07
CA ILE C 120 -8.03 -16.37 30.56
C ILE C 120 -9.18 -16.44 29.55
N GLY C 121 -10.13 -15.51 29.67
CA GLY C 121 -11.29 -15.36 28.77
C GLY C 121 -11.20 -14.07 27.99
N ILE C 122 -11.57 -14.10 26.71
CA ILE C 122 -11.57 -12.90 25.81
C ILE C 122 -12.92 -12.81 25.12
N VAL C 123 -13.46 -11.59 25.03
CA VAL C 123 -14.74 -11.28 24.32
C VAL C 123 -14.56 -9.94 23.63
N THR C 124 -15.05 -9.85 22.38
CA THR C 124 -15.02 -8.62 21.53
C THR C 124 -16.46 -8.25 21.19
N CYS C 125 -16.84 -6.98 21.40
CA CYS C 125 -18.23 -6.47 21.33
C CYS C 125 -18.29 -5.21 20.46
N GLY C 126 -19.43 -4.99 19.79
CA GLY C 126 -19.73 -3.77 19.02
C GLY C 126 -19.00 -3.69 17.68
N GLY C 127 -18.98 -2.50 17.09
CA GLY C 127 -18.34 -2.25 15.79
C GLY C 127 -16.95 -2.83 15.77
N ILE C 128 -16.52 -3.46 14.68
CA ILE C 128 -15.08 -3.86 14.56
C ILE C 128 -14.27 -2.56 14.49
N CYS C 129 -12.96 -2.70 14.61
CA CYS C 129 -11.99 -1.61 14.82
C CYS C 129 -10.62 -2.16 14.48
N PRO C 130 -9.79 -1.49 13.67
CA PRO C 130 -8.53 -2.08 13.24
C PRO C 130 -7.67 -2.38 14.48
N GLY C 131 -7.26 -3.65 14.67
CA GLY C 131 -6.43 -4.03 15.82
C GLY C 131 -7.05 -5.10 16.70
N LEU C 132 -8.35 -5.39 16.58
CA LEU C 132 -9.00 -6.35 17.50
C LEU C 132 -8.21 -7.65 17.54
N ASN C 133 -7.76 -8.16 16.39
CA ASN C 133 -7.08 -9.48 16.30
C ASN C 133 -5.72 -9.43 16.98
N ASP C 134 -5.03 -8.29 16.88
CA ASP C 134 -3.75 -8.02 17.61
C ASP C 134 -3.98 -8.14 19.12
N VAL C 135 -5.00 -7.46 19.65
CA VAL C 135 -5.37 -7.50 21.09
C VAL C 135 -5.68 -8.95 21.47
N ILE C 136 -6.46 -9.67 20.67
CA ILE C 136 -6.75 -11.12 20.88
C ILE C 136 -5.42 -11.88 20.90
N ARG C 137 -4.56 -11.66 19.91
CA ARG C 137 -3.29 -12.40 19.73
C ARG C 137 -2.38 -12.13 20.93
N SER C 138 -2.18 -10.87 21.29
CA SER C 138 -1.25 -10.43 22.36
C SER C 138 -1.73 -10.94 23.72
N ILE C 139 -3.02 -10.80 24.04
CA ILE C 139 -3.58 -11.34 25.31
C ILE C 139 -3.27 -12.84 25.35
N THR C 140 -3.58 -13.56 24.26
CA THR C 140 -3.35 -15.02 24.16
C THR C 140 -1.86 -15.33 24.37
N LEU C 141 -0.96 -14.71 23.61
CA LEU C 141 0.50 -15.05 23.62
C LEU C 141 1.16 -14.56 24.92
N THR C 142 0.79 -13.40 25.46
CA THR C 142 1.32 -12.91 26.77
C THR C 142 0.94 -13.92 27.85
N GLY C 143 -0.34 -14.30 27.90
CA GLY C 143 -0.85 -15.35 28.80
C GLY C 143 0.01 -16.61 28.72
N ILE C 144 0.22 -17.14 27.51
CA ILE C 144 0.82 -18.49 27.28
C ILE C 144 2.35 -18.41 27.42
N ASN C 145 3.02 -17.48 26.73
CA ASN C 145 4.50 -17.46 26.60
C ASN C 145 5.15 -16.87 27.85
N VAL C 146 4.50 -15.90 28.51
CA VAL C 146 5.09 -15.15 29.66
C VAL C 146 4.62 -15.79 30.97
N TYR C 147 3.31 -15.93 31.18
CA TYR C 147 2.72 -16.42 32.45
C TYR C 147 2.45 -17.93 32.39
N ASN C 148 2.28 -18.48 31.20
CA ASN C 148 2.19 -19.95 31.01
C ASN C 148 0.85 -20.43 31.58
N VAL C 149 -0.22 -19.67 31.35
CA VAL C 149 -1.60 -19.93 31.88
C VAL C 149 -2.10 -21.26 31.33
N LYS C 150 -2.95 -21.96 32.10
CA LYS C 150 -3.46 -23.31 31.78
C LYS C 150 -4.16 -23.31 30.41
N ARG C 151 -4.99 -22.30 30.17
CA ARG C 151 -5.96 -22.29 29.03
C ARG C 151 -6.36 -20.86 28.71
N VAL C 152 -6.78 -20.60 27.46
CA VAL C 152 -7.32 -19.29 27.00
C VAL C 152 -8.56 -19.55 26.14
N ILE C 153 -9.70 -18.94 26.50
CA ILE C 153 -11.02 -19.12 25.83
C ILE C 153 -11.38 -17.82 25.10
N GLY C 154 -11.88 -17.94 23.87
CA GLY C 154 -12.43 -16.83 23.07
C GLY C 154 -13.94 -16.95 22.95
N PHE C 155 -14.68 -15.96 23.46
CA PHE C 155 -16.16 -15.95 23.47
C PHE C 155 -16.65 -15.27 22.18
N ARG C 156 -17.50 -16.00 21.46
CA ARG C 156 -17.89 -15.66 20.07
C ARG C 156 -19.00 -14.61 20.11
N PHE C 157 -18.93 -13.62 19.21
CA PHE C 157 -20.04 -12.69 18.87
C PHE C 157 -20.47 -11.96 20.15
N GLY C 158 -19.51 -11.33 20.84
CA GLY C 158 -19.76 -10.41 21.95
C GLY C 158 -20.29 -11.12 23.16
N TYR C 159 -21.05 -10.41 24.01
CA TYR C 159 -21.52 -10.91 25.33
C TYR C 159 -22.40 -12.15 25.12
N TRP C 160 -23.07 -12.23 23.97
CA TRP C 160 -23.82 -13.43 23.49
C TRP C 160 -22.97 -14.69 23.68
N GLY C 161 -21.64 -14.57 23.53
CA GLY C 161 -20.67 -15.68 23.67
C GLY C 161 -20.66 -16.32 25.05
N LEU C 162 -21.08 -15.57 26.09
CA LEU C 162 -21.05 -16.01 27.52
C LEU C 162 -22.44 -16.43 28.00
N SER C 163 -23.51 -16.05 27.30
CA SER C 163 -24.89 -16.59 27.53
C SER C 163 -24.83 -18.11 27.40
N LYS C 164 -25.71 -18.83 28.12
CA LYS C 164 -25.72 -20.32 28.17
C LYS C 164 -25.82 -20.90 26.75
N LYS C 165 -26.48 -20.19 25.82
CA LYS C 165 -26.67 -20.61 24.41
C LYS C 165 -25.36 -20.46 23.62
N GLY C 166 -24.69 -19.31 23.76
CA GLY C 166 -23.47 -18.97 23.01
C GLY C 166 -22.21 -19.57 23.62
N SER C 167 -22.28 -20.03 24.87
CA SER C 167 -21.14 -20.67 25.58
C SER C 167 -20.73 -21.94 24.82
N GLN C 168 -21.68 -22.56 24.11
CA GLN C 168 -21.44 -23.73 23.22
C GLN C 168 -20.36 -23.38 22.19
N THR C 169 -20.45 -22.20 21.58
CA THR C 169 -19.64 -21.78 20.40
C THR C 169 -18.22 -21.35 20.80
N ALA C 170 -17.97 -21.04 22.09
CA ALA C 170 -16.68 -20.52 22.58
C ALA C 170 -15.50 -21.37 22.05
N ILE C 171 -14.37 -20.72 21.74
CA ILE C 171 -13.18 -21.28 21.02
C ILE C 171 -12.02 -21.45 22.00
N GLU C 172 -11.18 -22.47 21.78
CA GLU C 172 -9.89 -22.64 22.50
C GLU C 172 -8.82 -21.84 21.76
N LEU C 173 -8.18 -20.88 22.44
CA LEU C 173 -7.10 -20.02 21.86
C LEU C 173 -5.72 -20.55 22.30
N HIS C 174 -5.01 -21.20 21.36
CA HIS C 174 -3.62 -21.72 21.50
C HIS C 174 -2.75 -20.96 20.49
N ARG C 175 -1.43 -21.19 20.49
CA ARG C 175 -0.44 -20.44 19.65
C ARG C 175 -0.81 -20.58 18.18
N GLY C 176 -1.13 -21.80 17.76
CA GLY C 176 -1.50 -22.12 16.37
C GLY C 176 -2.71 -21.33 15.90
N ARG C 177 -3.68 -21.12 16.80
CA ARG C 177 -5.00 -20.52 16.44
C ARG C 177 -4.90 -19.00 16.32
N VAL C 178 -3.80 -18.39 16.78
CA VAL C 178 -3.65 -16.90 16.80
C VAL C 178 -2.42 -16.47 16.01
N THR C 179 -1.67 -17.39 15.38
CA THR C 179 -0.34 -17.12 14.75
C THR C 179 -0.36 -15.84 13.91
N ASN C 180 -1.32 -15.72 12.97
CA ASN C 180 -1.29 -14.67 11.92
C ASN C 180 -2.57 -13.83 11.91
N ILE C 181 -3.39 -13.95 12.96
CA ILE C 181 -4.76 -13.35 12.94
C ILE C 181 -4.62 -11.82 12.93
N HIS C 182 -3.52 -11.27 13.41
CA HIS C 182 -3.27 -9.80 13.39
C HIS C 182 -3.09 -9.31 11.94
N HIS C 183 -2.83 -10.18 10.97
CA HIS C 183 -2.70 -9.77 9.54
C HIS C 183 -4.08 -9.41 8.93
N TYR C 184 -5.19 -9.70 9.60
CA TYR C 184 -6.57 -9.55 9.06
C TYR C 184 -7.42 -8.63 9.94
N GLY C 185 -8.23 -7.78 9.31
CA GLY C 185 -9.27 -6.97 9.96
C GLY C 185 -10.36 -7.84 10.58
N GLY C 186 -11.27 -7.21 11.32
CA GLY C 186 -12.37 -7.89 12.05
C GLY C 186 -11.86 -8.53 13.33
N THR C 187 -12.54 -9.59 13.77
CA THR C 187 -12.26 -10.36 15.02
C THR C 187 -12.55 -11.84 14.77
N ILE C 188 -11.56 -12.71 14.95
CA ILE C 188 -11.75 -14.18 14.77
C ILE C 188 -12.81 -14.69 15.76
N LEU C 189 -13.04 -13.98 16.88
CA LEU C 189 -14.07 -14.36 17.87
C LEU C 189 -15.45 -13.98 17.34
N GLY C 190 -15.52 -12.88 16.59
CA GLY C 190 -16.79 -12.27 16.17
C GLY C 190 -17.28 -11.28 17.20
N SER C 191 -18.28 -10.49 16.84
CA SER C 191 -18.75 -9.34 17.65
C SER C 191 -20.25 -9.10 17.43
N SER C 192 -20.98 -8.85 18.51
CA SER C 192 -22.38 -8.36 18.52
C SER C 192 -22.50 -7.14 19.45
N ARG C 193 -23.47 -6.27 19.18
CA ARG C 193 -23.95 -5.25 20.13
C ARG C 193 -24.91 -5.91 21.11
N GLY C 194 -25.13 -5.28 22.26
CA GLY C 194 -26.24 -5.65 23.17
C GLY C 194 -25.74 -6.41 24.40
N PRO C 195 -26.40 -6.19 25.55
CA PRO C 195 -26.07 -6.92 26.77
C PRO C 195 -26.68 -8.33 26.77
N GLN C 196 -26.25 -9.14 27.74
CA GLN C 196 -26.92 -10.40 28.15
C GLN C 196 -27.10 -10.33 29.67
N ASP C 197 -27.84 -11.30 30.21
CA ASP C 197 -28.10 -11.45 31.67
C ASP C 197 -26.77 -11.68 32.39
N PRO C 198 -26.29 -10.72 33.22
CA PRO C 198 -25.02 -10.87 33.92
C PRO C 198 -24.96 -12.17 34.74
N LYS C 199 -26.08 -12.56 35.35
CA LYS C 199 -26.24 -13.85 36.10
C LYS C 199 -25.79 -15.00 35.18
N GLU C 200 -26.42 -15.11 34.00
CA GLU C 200 -26.21 -16.23 33.05
C GLU C 200 -24.75 -16.25 32.56
N MET C 201 -24.17 -15.07 32.32
CA MET C 201 -22.76 -14.91 31.87
C MET C 201 -21.80 -15.46 32.93
N VAL C 202 -21.98 -15.07 34.19
CA VAL C 202 -21.04 -15.45 35.30
C VAL C 202 -21.19 -16.94 35.60
N ASP C 203 -22.35 -17.54 35.27
CA ASP C 203 -22.55 -19.00 35.28
C ASP C 203 -21.51 -19.64 34.35
N THR C 204 -21.44 -19.19 33.09
CA THR C 204 -20.48 -19.65 32.06
C THR C 204 -19.03 -19.47 32.56
N LEU C 205 -18.72 -18.30 33.12
CA LEU C 205 -17.34 -18.00 33.62
C LEU C 205 -16.98 -19.02 34.70
N GLU C 206 -17.90 -19.30 35.62
CA GLU C 206 -17.71 -20.29 36.71
C GLU C 206 -17.58 -21.69 36.09
N ARG C 207 -18.46 -22.02 35.13
CA ARG C 207 -18.57 -23.36 34.51
C ARG C 207 -17.25 -23.72 33.81
N LEU C 208 -16.65 -22.77 33.07
CA LEU C 208 -15.42 -22.98 32.27
C LEU C 208 -14.17 -22.69 33.12
N GLY C 209 -14.36 -22.30 34.38
CA GLY C 209 -13.28 -21.98 35.33
C GLY C 209 -12.46 -20.78 34.87
N VAL C 210 -13.10 -19.81 34.21
CA VAL C 210 -12.44 -18.55 33.72
C VAL C 210 -12.05 -17.73 34.95
N ASN C 211 -10.79 -17.34 35.07
CA ASN C 211 -10.25 -16.57 36.23
C ASN C 211 -10.12 -15.08 35.85
N ILE C 212 -9.75 -14.78 34.60
CA ILE C 212 -9.69 -13.38 34.05
C ILE C 212 -10.54 -13.32 32.78
N LEU C 213 -11.36 -12.27 32.64
CA LEU C 213 -12.14 -11.98 31.39
C LEU C 213 -11.72 -10.59 30.88
N PHE C 214 -11.11 -10.55 29.70
CA PHE C 214 -10.78 -9.29 29.00
C PHE C 214 -11.98 -8.89 28.14
N THR C 215 -12.48 -7.67 28.35
CA THR C 215 -13.67 -7.12 27.67
C THR C 215 -13.19 -6.05 26.71
N VAL C 216 -13.20 -6.37 25.42
CA VAL C 216 -12.75 -5.45 24.34
C VAL C 216 -14.01 -4.89 23.70
N GLY C 217 -14.24 -3.58 23.85
CA GLY C 217 -15.50 -2.92 23.46
C GLY C 217 -15.50 -1.47 23.89
N GLY C 218 -16.55 -0.73 23.53
CA GLY C 218 -16.74 0.69 23.90
C GLY C 218 -17.36 0.86 25.28
N ASP C 219 -17.78 2.09 25.58
CA ASP C 219 -18.31 2.50 26.90
C ASP C 219 -19.35 1.48 27.36
N GLY C 220 -20.34 1.17 26.51
CA GLY C 220 -21.43 0.23 26.82
C GLY C 220 -20.91 -1.12 27.28
N THR C 221 -19.85 -1.63 26.65
CA THR C 221 -19.26 -2.96 26.91
C THR C 221 -18.62 -2.96 28.30
N GLN C 222 -17.86 -1.91 28.64
CA GLN C 222 -17.16 -1.82 29.96
C GLN C 222 -18.22 -1.63 31.05
N ARG C 223 -19.25 -0.82 30.79
CA ARG C 223 -20.40 -0.66 31.72
C ARG C 223 -20.91 -2.06 32.09
N GLY C 224 -21.06 -2.94 31.10
CA GLY C 224 -21.47 -4.34 31.32
C GLY C 224 -20.40 -5.12 32.04
N ALA C 225 -19.13 -4.82 31.74
CA ALA C 225 -17.94 -5.49 32.32
C ALA C 225 -17.95 -5.30 33.83
N LEU C 226 -18.15 -4.06 34.29
CA LEU C 226 -18.19 -3.73 35.73
C LEU C 226 -19.37 -4.46 36.39
N VAL C 227 -20.48 -4.62 35.67
CA VAL C 227 -21.70 -5.34 36.15
C VAL C 227 -21.41 -6.84 36.28
N ILE C 228 -20.59 -7.43 35.39
CA ILE C 228 -20.09 -8.84 35.52
C ILE C 228 -19.20 -8.93 36.76
N SER C 229 -18.28 -7.98 36.92
CA SER C 229 -17.33 -7.87 38.05
C SER C 229 -18.10 -7.90 39.38
N GLN C 230 -19.14 -7.08 39.50
CA GLN C 230 -19.96 -6.93 40.72
C GLN C 230 -20.80 -8.18 40.96
N GLU C 231 -21.36 -8.78 39.89
CA GLU C 231 -22.13 -10.06 39.96
C GLU C 231 -21.20 -11.18 40.42
N ALA C 232 -19.92 -11.12 40.03
CA ALA C 232 -18.89 -12.12 40.40
C ALA C 232 -18.56 -12.01 41.89
N LYS C 233 -18.14 -10.83 42.37
CA LYS C 233 -17.79 -10.56 43.79
C LYS C 233 -19.01 -10.83 44.69
N ARG C 234 -20.22 -10.64 44.16
CA ARG C 234 -21.51 -10.87 44.87
C ARG C 234 -21.68 -12.36 45.22
N ARG C 235 -21.08 -13.27 44.44
CA ARG C 235 -21.04 -14.73 44.75
C ARG C 235 -19.70 -15.13 45.36
N GLY C 236 -18.73 -14.21 45.45
CA GLY C 236 -17.39 -14.49 45.97
C GLY C 236 -16.64 -15.49 45.11
N VAL C 237 -16.67 -15.28 43.79
CA VAL C 237 -15.87 -16.05 42.78
C VAL C 237 -14.61 -15.25 42.46
N ASP C 238 -13.50 -15.94 42.24
CA ASP C 238 -12.16 -15.34 42.00
C ASP C 238 -12.04 -14.99 40.51
N ILE C 239 -12.59 -13.83 40.13
CA ILE C 239 -12.68 -13.35 38.72
C ILE C 239 -12.10 -11.94 38.65
N SER C 240 -11.20 -11.70 37.69
CA SER C 240 -10.80 -10.34 37.23
C SER C 240 -11.56 -10.03 35.96
N VAL C 241 -12.20 -8.86 35.89
CA VAL C 241 -12.83 -8.31 34.64
C VAL C 241 -12.05 -7.06 34.25
N PHE C 242 -11.32 -7.12 33.14
CA PHE C 242 -10.34 -6.10 32.71
C PHE C 242 -10.68 -5.64 31.29
N GLY C 243 -10.88 -4.33 31.11
CA GLY C 243 -11.28 -3.71 29.83
C GLY C 243 -10.07 -3.29 29.03
N VAL C 244 -10.03 -3.66 27.75
CA VAL C 244 -9.20 -3.02 26.70
C VAL C 244 -10.14 -2.14 25.90
N PRO C 245 -10.11 -0.80 26.10
CA PRO C 245 -10.97 0.12 25.35
C PRO C 245 -10.83 -0.03 23.82
N LYS C 246 -11.95 -0.33 23.17
CA LYS C 246 -12.11 -0.27 21.69
C LYS C 246 -12.98 0.94 21.40
N THR C 247 -12.44 1.91 20.68
CA THR C 247 -13.18 3.09 20.17
C THR C 247 -12.31 3.77 19.12
N ILE C 248 -12.68 3.65 17.86
CA ILE C 248 -11.92 4.19 16.70
C ILE C 248 -11.89 5.71 16.77
N ASP C 249 -12.86 6.33 17.46
CA ASP C 249 -13.04 7.80 17.51
C ASP C 249 -12.13 8.43 18.56
N ASN C 250 -11.46 7.60 19.37
CA ASN C 250 -10.42 8.06 20.31
C ASN C 250 -11.06 9.04 21.32
N ASP C 251 -12.24 8.70 21.84
CA ASP C 251 -13.07 9.65 22.66
C ASP C 251 -13.16 9.11 24.09
N LEU C 252 -12.36 8.10 24.42
CA LEU C 252 -12.09 7.65 25.81
C LEU C 252 -11.37 8.80 26.54
N SER C 253 -11.79 9.11 27.75
CA SER C 253 -11.15 10.10 28.65
C SER C 253 -10.03 9.42 29.41
N PHE C 254 -9.13 10.18 30.02
CA PHE C 254 -7.90 9.65 30.65
C PHE C 254 -7.06 8.92 29.59
N SER C 255 -7.15 9.37 28.33
CA SER C 255 -6.54 8.76 27.11
C SER C 255 -6.20 9.85 26.10
N HIS C 256 -5.08 9.75 25.40
CA HIS C 256 -4.76 10.58 24.20
C HIS C 256 -4.76 9.71 22.94
N ARG C 257 -4.93 8.39 23.09
CA ARG C 257 -4.90 7.44 21.96
C ARG C 257 -5.51 6.10 22.38
N THR C 258 -6.42 5.58 21.57
CA THR C 258 -6.97 4.21 21.65
C THR C 258 -6.54 3.46 20.37
N PHE C 259 -6.43 2.14 20.48
CA PHE C 259 -5.94 1.30 19.36
C PHE C 259 -6.94 1.46 18.22
N GLY C 260 -6.42 1.51 16.99
CA GLY C 260 -7.20 1.61 15.75
C GLY C 260 -7.31 3.02 15.22
N PHE C 261 -7.22 4.03 16.06
CA PHE C 261 -7.49 5.44 15.68
C PHE C 261 -6.47 5.89 14.64
N GLN C 262 -5.17 5.68 14.86
CA GLN C 262 -4.12 6.09 13.89
C GLN C 262 -4.37 5.44 12.53
N THR C 263 -4.68 4.15 12.53
CA THR C 263 -5.01 3.38 11.30
C THR C 263 -6.23 4.02 10.63
N ALA C 264 -7.25 4.37 11.40
CA ALA C 264 -8.54 4.91 10.88
C ALA C 264 -8.30 6.25 10.17
N VAL C 265 -7.40 7.08 10.69
CA VAL C 265 -7.08 8.40 10.07
C VAL C 265 -6.35 8.17 8.73
N GLU C 266 -5.49 7.13 8.65
CA GLU C 266 -4.78 6.77 7.41
C GLU C 266 -5.80 6.51 6.31
N LYS C 267 -6.83 5.71 6.61
CA LYS C 267 -7.89 5.30 5.65
C LYS C 267 -8.74 6.52 5.29
N ALA C 268 -9.13 7.32 6.27
CA ALA C 268 -9.91 8.54 6.04
C ALA C 268 -9.22 9.40 4.97
N VAL C 269 -7.90 9.61 5.11
CA VAL C 269 -7.13 10.48 4.18
C VAL C 269 -7.15 9.87 2.77
N GLN C 270 -7.12 8.53 2.67
CA GLN C 270 -7.20 7.80 1.40
C GLN C 270 -8.57 8.06 0.76
N ALA C 271 -9.65 7.88 1.52
CA ALA C 271 -11.03 8.19 1.10
C ALA C 271 -11.10 9.62 0.58
N ILE C 272 -10.43 10.56 1.25
CA ILE C 272 -10.51 12.01 0.90
C ILE C 272 -9.81 12.23 -0.43
N ARG C 273 -8.64 11.59 -0.65
CA ARG C 273 -7.87 11.68 -1.90
C ARG C 273 -8.77 11.29 -3.10
N ALA C 274 -9.56 10.23 -2.94
CA ALA C 274 -10.54 9.76 -3.95
C ALA C 274 -11.65 10.80 -4.16
N ALA C 275 -12.32 11.21 -3.08
CA ALA C 275 -13.38 12.24 -3.13
C ALA C 275 -12.84 13.47 -3.84
N TYR C 276 -11.64 13.92 -3.45
CA TYR C 276 -10.99 15.12 -4.00
C TYR C 276 -10.86 14.97 -5.53
N ALA C 277 -10.41 13.81 -6.00
CA ALA C 277 -10.17 13.52 -7.44
C ALA C 277 -11.51 13.57 -8.19
N GLU C 278 -12.55 12.93 -7.66
CA GLU C 278 -13.93 12.97 -8.21
C GLU C 278 -14.33 14.43 -8.35
N ALA C 279 -14.19 15.19 -7.27
CA ALA C 279 -14.75 16.55 -7.14
C ALA C 279 -14.03 17.53 -8.09
N VAL C 280 -12.70 17.52 -8.07
CA VAL C 280 -11.92 18.48 -8.89
C VAL C 280 -12.11 18.14 -10.37
N SER C 281 -12.53 16.91 -10.69
CA SER C 281 -12.81 16.44 -12.08
C SER C 281 -14.11 17.02 -12.64
N ALA C 282 -15.04 17.45 -11.78
CA ALA C 282 -16.35 18.04 -12.19
C ALA C 282 -16.30 19.56 -12.05
N ASN C 283 -17.00 20.26 -12.94
CA ASN C 283 -17.29 21.71 -12.82
C ASN C 283 -18.36 21.89 -11.73
N TYR C 284 -18.07 22.67 -10.69
CA TYR C 284 -18.89 22.78 -9.45
C TYR C 284 -19.15 21.36 -8.95
N GLY C 285 -18.05 20.63 -8.70
CA GLY C 285 -18.04 19.27 -8.14
C GLY C 285 -18.01 19.32 -6.62
N VAL C 286 -18.79 18.48 -5.96
CA VAL C 286 -18.85 18.39 -4.47
C VAL C 286 -18.65 16.94 -4.07
N GLY C 287 -17.56 16.68 -3.34
CA GLY C 287 -17.34 15.42 -2.61
C GLY C 287 -17.80 15.57 -1.18
N VAL C 288 -18.80 14.80 -0.77
CA VAL C 288 -19.21 14.64 0.65
C VAL C 288 -18.62 13.32 1.15
N VAL C 289 -17.77 13.35 2.17
CA VAL C 289 -17.15 12.13 2.79
C VAL C 289 -17.64 12.03 4.24
N LYS C 290 -18.26 10.91 4.62
CA LYS C 290 -18.60 10.62 6.04
C LYS C 290 -17.46 9.87 6.70
N LEU C 291 -16.90 10.42 7.77
CA LEU C 291 -15.69 9.92 8.46
C LEU C 291 -16.00 9.62 9.93
N MET C 292 -16.69 8.50 10.19
CA MET C 292 -16.91 7.98 11.57
C MET C 292 -17.28 9.17 12.47
N GLY C 293 -17.07 9.07 13.78
CA GLY C 293 -17.32 10.17 14.72
C GLY C 293 -18.75 10.24 15.20
N ARG C 294 -19.19 9.25 16.00
CA ARG C 294 -20.57 9.15 16.54
C ARG C 294 -20.83 10.35 17.46
N ASP C 295 -19.93 10.65 18.41
CA ASP C 295 -20.14 11.70 19.43
C ASP C 295 -18.96 12.68 19.49
N SER C 296 -17.88 12.42 18.74
CA SER C 296 -16.69 13.30 18.67
C SER C 296 -16.18 13.34 17.22
N GLY C 297 -15.35 14.32 16.85
CA GLY C 297 -14.85 14.52 15.49
C GLY C 297 -13.34 14.46 15.36
N PHE C 298 -12.70 13.55 16.10
CA PHE C 298 -11.22 13.45 16.10
C PHE C 298 -10.71 12.90 14.76
N ILE C 299 -11.37 11.89 14.20
CA ILE C 299 -10.98 11.33 12.87
C ILE C 299 -11.24 12.41 11.81
N ALA C 300 -12.45 12.98 11.79
CA ALA C 300 -12.84 14.04 10.84
C ALA C 300 -11.76 15.13 10.85
N ALA C 301 -11.42 15.67 12.02
CA ALA C 301 -10.47 16.81 12.19
C ALA C 301 -9.05 16.42 11.73
N GLN C 302 -8.50 15.29 12.20
CA GLN C 302 -7.12 14.89 11.85
C GLN C 302 -7.01 14.60 10.35
N ALA C 303 -7.93 13.80 9.80
CA ALA C 303 -8.06 13.51 8.34
C ALA C 303 -8.11 14.81 7.54
N ALA C 304 -8.91 15.76 7.98
CA ALA C 304 -9.11 17.06 7.29
C ALA C 304 -7.76 17.77 7.19
N VAL C 305 -7.02 17.83 8.30
CA VAL C 305 -5.72 18.54 8.37
C VAL C 305 -4.67 17.76 7.58
N ALA C 306 -4.56 16.45 7.82
CA ALA C 306 -3.56 15.56 7.17
C ALA C 306 -3.76 15.64 5.66
N SER C 307 -4.94 15.28 5.17
CA SER C 307 -5.31 15.32 3.73
C SER C 307 -4.94 16.67 3.10
N ALA C 308 -5.12 17.76 3.82
CA ALA C 308 -5.05 19.14 3.28
C ALA C 308 -6.00 19.30 2.08
N GLN C 309 -7.13 18.58 2.04
CA GLN C 309 -8.01 18.55 0.84
C GLN C 309 -9.49 18.88 1.20
N ALA C 310 -9.80 19.00 2.49
CA ALA C 310 -11.13 19.36 3.03
C ALA C 310 -11.31 20.88 2.97
N ASN C 311 -12.46 21.35 2.45
CA ASN C 311 -12.83 22.80 2.45
C ASN C 311 -13.91 23.11 3.50
N ILE C 312 -14.65 22.08 3.94
CA ILE C 312 -15.68 22.16 5.00
C ILE C 312 -15.57 20.87 5.81
N CYS C 313 -15.45 21.01 7.13
CA CYS C 313 -15.27 19.88 8.08
C CYS C 313 -16.35 19.99 9.15
N LEU C 314 -17.35 19.10 9.10
CA LEU C 314 -18.56 19.15 9.94
C LEU C 314 -18.46 18.11 11.04
N VAL C 315 -18.33 18.56 12.28
CA VAL C 315 -18.15 17.69 13.47
C VAL C 315 -19.24 18.03 14.47
N PRO C 316 -19.62 17.09 15.35
CA PRO C 316 -20.69 17.29 16.31
C PRO C 316 -20.38 18.44 17.27
N GLU C 317 -19.13 18.56 17.71
CA GLU C 317 -18.70 19.60 18.67
C GLU C 317 -19.03 20.99 18.12
N ASN C 318 -19.13 21.17 16.79
CA ASN C 318 -19.42 22.49 16.15
C ASN C 318 -20.73 22.40 15.39
N PRO C 319 -21.89 22.28 16.06
CA PRO C 319 -23.17 22.13 15.35
C PRO C 319 -23.54 23.45 14.68
N ILE C 320 -23.50 23.51 13.35
CA ILE C 320 -23.97 24.69 12.57
C ILE C 320 -25.21 24.27 11.78
N SER C 321 -25.91 25.25 11.22
CA SER C 321 -27.18 25.03 10.47
C SER C 321 -26.87 24.61 9.04
N GLU C 322 -27.80 23.88 8.44
CA GLU C 322 -27.91 23.64 6.97
C GLU C 322 -27.62 24.94 6.21
N GLN C 323 -28.21 26.06 6.64
CA GLN C 323 -28.06 27.37 5.93
C GLN C 323 -26.60 27.81 6.01
N GLU C 324 -25.94 27.61 7.16
CA GLU C 324 -24.53 28.02 7.39
C GLU C 324 -23.63 27.20 6.46
N VAL C 325 -23.85 25.88 6.39
CA VAL C 325 -23.10 24.94 5.51
C VAL C 325 -23.14 25.47 4.07
N MET C 326 -24.32 25.84 3.59
CA MET C 326 -24.50 26.19 2.16
C MET C 326 -23.76 27.49 1.82
N SER C 327 -23.58 28.39 2.79
CA SER C 327 -22.88 29.69 2.57
C SER C 327 -21.36 29.45 2.59
N LEU C 328 -20.91 28.42 3.29
CA LEU C 328 -19.50 27.97 3.20
C LEU C 328 -19.28 27.45 1.78
N LEU C 329 -20.15 26.56 1.31
CA LEU C 329 -20.10 25.98 -0.05
C LEU C 329 -20.11 27.12 -1.08
N GLU C 330 -21.03 28.07 -0.91
CA GLU C 330 -21.24 29.25 -1.79
C GLU C 330 -19.93 30.05 -1.88
N ARG C 331 -19.27 30.28 -0.74
CA ARG C 331 -18.01 31.06 -0.66
C ARG C 331 -16.88 30.29 -1.35
N ARG C 332 -16.90 28.96 -1.24
CA ARG C 332 -15.91 28.09 -1.90
C ARG C 332 -16.04 28.26 -3.42
N PHE C 333 -17.28 28.29 -3.91
CA PHE C 333 -17.60 28.37 -5.36
C PHE C 333 -17.45 29.81 -5.88
N CYS C 334 -16.98 30.75 -5.07
CA CYS C 334 -16.66 32.12 -5.53
C CYS C 334 -15.38 32.10 -6.38
N HIS C 335 -14.37 31.36 -5.95
CA HIS C 335 -13.02 31.32 -6.59
C HIS C 335 -12.51 29.87 -6.64
N SER C 336 -13.41 28.91 -6.86
CA SER C 336 -13.09 27.47 -7.01
C SER C 336 -14.28 26.73 -7.64
N ARG C 337 -14.00 25.67 -8.41
CA ARG C 337 -15.03 24.87 -9.12
C ARG C 337 -15.23 23.52 -8.44
N SER C 338 -14.62 23.31 -7.27
CA SER C 338 -14.77 22.05 -6.48
C SER C 338 -14.79 22.36 -4.98
N CYS C 339 -15.40 21.45 -4.22
CA CYS C 339 -15.53 21.51 -2.75
C CYS C 339 -15.55 20.08 -2.21
N VAL C 340 -14.72 19.78 -1.22
CA VAL C 340 -14.74 18.51 -0.43
C VAL C 340 -15.33 18.85 0.95
N ILE C 341 -16.32 18.07 1.38
CA ILE C 341 -17.03 18.25 2.68
C ILE C 341 -16.81 16.99 3.51
N ILE C 342 -16.06 17.10 4.60
CA ILE C 342 -15.93 16.03 5.63
C ILE C 342 -17.15 16.21 6.55
N VAL C 343 -17.78 15.10 6.97
CA VAL C 343 -18.94 15.10 7.89
C VAL C 343 -18.86 13.87 8.79
N ALA C 344 -18.84 14.10 10.10
CA ALA C 344 -18.88 13.06 11.15
C ALA C 344 -20.31 12.53 11.23
N GLU C 345 -20.47 11.21 11.45
CA GLU C 345 -21.75 10.47 11.61
C GLU C 345 -22.66 11.22 12.57
N GLY C 346 -22.06 11.91 13.55
CA GLY C 346 -22.74 12.50 14.71
C GLY C 346 -23.12 13.95 14.50
N PHE C 347 -22.67 14.57 13.41
CA PHE C 347 -23.04 15.97 13.09
C PHE C 347 -24.52 16.06 12.72
N GLY C 348 -25.15 17.20 13.02
CA GLY C 348 -26.52 17.54 12.60
C GLY C 348 -27.53 16.49 13.02
N GLN C 349 -27.54 16.11 14.30
CA GLN C 349 -28.58 15.24 14.89
C GLN C 349 -29.91 16.00 15.01
N ASP C 350 -29.91 17.31 14.76
CA ASP C 350 -31.10 18.20 14.85
C ASP C 350 -31.50 18.66 13.43
N TRP C 351 -31.22 17.86 12.39
CA TRP C 351 -31.43 18.23 10.96
C TRP C 351 -32.76 17.66 10.41
N TYR C 358 -39.31 3.95 7.65
CA TYR C 358 -39.29 2.56 7.13
C TYR C 358 -38.97 2.56 5.63
N ASP C 359 -37.96 1.80 5.22
CA ASP C 359 -37.58 1.56 3.80
C ASP C 359 -38.66 0.66 3.18
N ALA C 360 -38.64 0.48 1.85
CA ALA C 360 -39.70 -0.22 1.07
C ALA C 360 -39.89 -1.67 1.55
N SER C 361 -38.85 -2.28 2.14
CA SER C 361 -38.78 -3.71 2.53
C SER C 361 -39.23 -3.93 4.00
N GLY C 362 -39.41 -2.85 4.77
CA GLY C 362 -40.15 -2.86 6.05
C GLY C 362 -39.26 -2.75 7.28
N ASN C 363 -37.99 -2.38 7.11
CA ASN C 363 -36.99 -2.21 8.21
C ASN C 363 -36.98 -0.72 8.61
N LYS C 364 -36.66 -0.41 9.88
CA LYS C 364 -36.59 0.99 10.39
C LYS C 364 -35.32 1.65 9.81
N LYS C 365 -35.44 2.87 9.25
CA LYS C 365 -34.35 3.58 8.51
C LYS C 365 -33.53 4.50 9.46
N LEU C 366 -32.21 4.60 9.22
CA LEU C 366 -31.16 5.06 10.18
C LEU C 366 -31.01 6.60 10.14
N ILE C 367 -30.52 7.18 11.25
CA ILE C 367 -29.93 8.55 11.38
C ILE C 367 -28.69 8.69 10.48
N ASP C 368 -28.85 9.14 9.22
CA ASP C 368 -27.75 9.07 8.21
C ASP C 368 -27.47 10.47 7.65
N ILE C 369 -26.69 11.27 8.38
CA ILE C 369 -26.35 12.68 8.03
C ILE C 369 -25.62 12.71 6.69
N GLY C 370 -24.90 11.64 6.33
CA GLY C 370 -24.23 11.51 5.03
C GLY C 370 -25.20 11.68 3.87
N VAL C 371 -26.27 10.88 3.82
CA VAL C 371 -27.30 10.91 2.75
C VAL C 371 -28.04 12.25 2.80
N ILE C 372 -28.34 12.74 4.00
CA ILE C 372 -29.19 13.96 4.20
C ILE C 372 -28.40 15.19 3.72
N LEU C 373 -27.16 15.35 4.17
CA LEU C 373 -26.26 16.46 3.75
C LEU C 373 -26.14 16.47 2.22
N THR C 374 -25.97 15.30 1.61
CA THR C 374 -25.82 15.13 0.14
C THR C 374 -27.09 15.63 -0.57
N GLU C 375 -28.27 15.20 -0.10
CA GLU C 375 -29.59 15.63 -0.64
C GLU C 375 -29.73 17.15 -0.50
N LYS C 376 -29.33 17.72 0.63
CA LYS C 376 -29.54 19.15 0.95
C LYS C 376 -28.59 20.01 0.12
N VAL C 377 -27.35 19.54 -0.10
CA VAL C 377 -26.37 20.20 -1.01
C VAL C 377 -26.95 20.19 -2.44
N LYS C 378 -27.43 19.04 -2.91
CA LYS C 378 -28.09 18.91 -4.24
C LYS C 378 -29.23 19.90 -4.38
N ALA C 379 -30.18 19.88 -3.43
CA ALA C 379 -31.35 20.78 -3.35
C ALA C 379 -30.88 22.23 -3.51
N PHE C 380 -29.84 22.63 -2.77
CA PHE C 380 -29.28 24.00 -2.79
C PHE C 380 -28.73 24.31 -4.18
N LEU C 381 -27.92 23.41 -4.75
CA LEU C 381 -27.31 23.58 -6.09
C LEU C 381 -28.40 23.63 -7.15
N LYS C 382 -29.49 22.85 -6.99
CA LYS C 382 -30.62 22.81 -7.96
C LYS C 382 -31.41 24.12 -7.92
N ALA C 383 -31.66 24.66 -6.73
CA ALA C 383 -32.30 25.98 -6.53
C ALA C 383 -31.47 27.08 -7.22
N ASN C 384 -30.15 26.90 -7.33
CA ASN C 384 -29.18 27.95 -7.74
C ASN C 384 -28.50 27.58 -9.07
N LYS C 385 -29.14 26.73 -9.90
CA LYS C 385 -28.62 26.34 -11.25
C LYS C 385 -28.14 27.62 -11.96
N SER C 386 -28.92 28.69 -11.82
CA SER C 386 -28.62 30.10 -12.19
C SER C 386 -27.10 30.35 -12.22
N ARG C 387 -26.40 30.08 -11.12
CA ARG C 387 -24.98 30.49 -10.91
C ARG C 387 -24.05 29.26 -10.94
N TYR C 388 -24.56 28.06 -10.64
CA TYR C 388 -23.80 26.78 -10.66
C TYR C 388 -24.41 25.88 -11.74
N PRO C 389 -24.16 26.21 -13.04
CA PRO C 389 -24.99 25.75 -14.15
C PRO C 389 -25.02 24.23 -14.30
N ASP C 390 -23.86 23.61 -14.46
CA ASP C 390 -23.69 22.15 -14.31
C ASP C 390 -23.08 21.96 -12.93
N SER C 391 -23.63 21.05 -12.11
CA SER C 391 -23.06 20.71 -10.78
C SER C 391 -23.09 19.19 -10.62
N THR C 392 -22.25 18.69 -9.72
CA THR C 392 -22.12 17.25 -9.38
C THR C 392 -21.85 17.13 -7.88
N VAL C 393 -22.54 16.20 -7.23
CA VAL C 393 -22.42 15.90 -5.78
C VAL C 393 -22.28 14.39 -5.63
N LYS C 394 -21.08 13.93 -5.29
CA LYS C 394 -20.76 12.51 -5.01
C LYS C 394 -20.63 12.34 -3.51
N TYR C 395 -21.40 11.41 -2.93
CA TYR C 395 -21.33 10.98 -1.52
C TYR C 395 -20.46 9.74 -1.42
N ILE C 396 -19.58 9.70 -0.43
CA ILE C 396 -18.68 8.55 -0.14
C ILE C 396 -18.86 8.14 1.32
N ASP C 397 -19.15 6.86 1.57
CA ASP C 397 -19.19 6.25 2.92
C ASP C 397 -18.10 5.19 3.02
N PRO C 398 -16.87 5.57 3.42
CA PRO C 398 -15.78 4.63 3.59
C PRO C 398 -15.74 3.94 4.96
N SER C 399 -16.81 3.98 5.75
CA SER C 399 -16.87 3.30 7.07
C SER C 399 -16.36 1.87 6.95
N TYR C 400 -16.92 1.06 6.04
CA TYR C 400 -16.51 -0.32 5.72
C TYR C 400 -14.98 -0.40 5.71
N MET C 401 -14.32 0.53 5.02
CA MET C 401 -12.88 0.46 4.66
C MET C 401 -12.01 0.89 5.85
N ILE C 402 -12.58 1.67 6.77
CA ILE C 402 -11.82 2.32 7.88
C ILE C 402 -11.78 1.36 9.07
N ARG C 403 -12.86 0.65 9.36
CA ARG C 403 -12.99 -0.23 10.54
C ARG C 403 -12.41 -1.60 10.25
N ALA C 404 -12.55 -2.04 9.00
CA ALA C 404 -12.42 -3.47 8.62
C ALA C 404 -11.00 -3.82 8.22
N CYS C 405 -10.07 -2.86 8.16
CA CYS C 405 -8.68 -3.13 7.70
C CYS C 405 -7.85 -3.64 8.86
N PRO C 406 -6.72 -4.31 8.60
CA PRO C 406 -5.74 -4.61 9.65
C PRO C 406 -5.04 -3.34 10.09
N PRO C 407 -4.40 -3.31 11.27
CA PRO C 407 -3.79 -2.07 11.77
C PRO C 407 -2.51 -1.69 11.02
N SER C 408 -2.19 -0.40 10.97
CA SER C 408 -0.84 0.12 10.68
C SER C 408 0.17 -0.56 11.61
N ALA C 409 1.44 -0.58 11.25
CA ALA C 409 2.53 -1.17 12.06
C ALA C 409 2.57 -0.47 13.42
N ASN C 410 2.46 0.86 13.41
CA ASN C 410 2.38 1.67 14.64
C ASN C 410 1.19 1.20 15.49
N ASP C 411 0.02 0.93 14.92
CA ASP C 411 -1.15 0.44 15.71
C ASP C 411 -0.93 -1.03 16.13
N ALA C 412 -0.25 -1.85 15.34
CA ALA C 412 0.10 -3.23 15.74
C ALA C 412 0.90 -3.20 17.04
N LEU C 413 1.93 -2.35 17.10
CA LEU C 413 2.80 -2.18 18.30
C LEU C 413 1.96 -1.71 19.50
N PHE C 414 1.12 -0.71 19.28
CA PHE C 414 0.24 -0.12 20.32
C PHE C 414 -0.68 -1.19 20.89
N CYS C 415 -1.35 -1.94 20.02
CA CYS C 415 -2.25 -3.06 20.40
C CYS C 415 -1.48 -4.08 21.25
N ALA C 416 -0.30 -4.48 20.78
CA ALA C 416 0.53 -5.53 21.43
C ALA C 416 0.89 -5.06 22.84
N THR C 417 1.32 -3.79 22.95
CA THR C 417 1.69 -3.14 24.22
C THR C 417 0.47 -3.08 25.17
N LEU C 418 -0.68 -2.61 24.69
CA LEU C 418 -1.90 -2.49 25.56
C LEU C 418 -2.26 -3.86 26.12
N ALA C 419 -2.24 -4.88 25.27
CA ALA C 419 -2.72 -6.25 25.59
C ALA C 419 -1.79 -6.87 26.63
N THR C 420 -0.47 -6.74 26.47
CA THR C 420 0.53 -7.39 27.36
C THR C 420 0.46 -6.74 28.75
N LEU C 421 0.40 -5.41 28.83
CA LEU C 421 0.28 -4.67 30.11
C LEU C 421 -1.07 -5.04 30.76
N ALA C 422 -2.11 -5.25 29.96
CA ALA C 422 -3.45 -5.67 30.45
C ALA C 422 -3.31 -7.01 31.18
N VAL C 423 -2.59 -7.97 30.59
CA VAL C 423 -2.37 -9.32 31.19
C VAL C 423 -1.48 -9.18 32.45
N HIS C 424 -0.38 -8.42 32.35
CA HIS C 424 0.55 -8.18 33.49
C HIS C 424 -0.25 -7.70 34.71
N GLU C 425 -1.21 -6.80 34.50
CA GLU C 425 -1.95 -6.10 35.58
C GLU C 425 -3.13 -6.95 36.07
N ALA C 426 -3.86 -7.61 35.17
CA ALA C 426 -4.94 -8.56 35.51
C ALA C 426 -4.36 -9.70 36.34
N MET C 427 -3.19 -10.23 35.96
CA MET C 427 -2.49 -11.31 36.71
C MET C 427 -2.13 -10.76 38.10
N ALA C 428 -1.77 -9.48 38.19
CA ALA C 428 -1.49 -8.76 39.45
C ALA C 428 -2.80 -8.36 40.13
N GLY C 429 -3.94 -8.89 39.69
CA GLY C 429 -5.20 -8.86 40.45
C GLY C 429 -6.03 -7.61 40.21
N ALA C 430 -5.61 -6.74 39.29
CA ALA C 430 -6.41 -5.58 38.82
C ALA C 430 -7.71 -6.10 38.19
N THR C 431 -8.79 -5.34 38.35
CA THR C 431 -10.20 -5.72 38.00
C THR C 431 -11.09 -4.48 38.10
N GLY C 432 -12.14 -4.44 37.28
CA GLY C 432 -13.10 -3.33 37.22
C GLY C 432 -12.46 -2.09 36.61
N CYS C 433 -11.36 -2.27 35.87
CA CYS C 433 -10.61 -1.15 35.24
C CYS C 433 -10.39 -1.40 33.74
N ILE C 434 -10.04 -0.33 33.04
CA ILE C 434 -9.50 -0.33 31.65
C ILE C 434 -8.00 -0.03 31.72
N ILE C 435 -7.29 -0.34 30.65
CA ILE C 435 -5.90 0.17 30.41
C ILE C 435 -6.00 1.27 29.37
N ALA C 436 -5.35 2.40 29.63
CA ALA C 436 -5.37 3.59 28.75
C ALA C 436 -3.93 4.09 28.61
N MET C 437 -3.74 4.98 27.63
CA MET C 437 -2.45 5.60 27.29
C MET C 437 -2.64 7.12 27.29
N ARG C 438 -1.80 7.82 28.05
CA ARG C 438 -1.99 9.25 28.39
C ARG C 438 -0.61 9.83 28.72
N HIS C 439 -0.26 10.98 28.14
CA HIS C 439 1.05 11.65 28.32
C HIS C 439 2.16 10.63 28.07
N ASN C 440 2.02 9.80 27.02
CA ASN C 440 3.09 8.90 26.56
C ASN C 440 3.28 7.72 27.53
N ASN C 441 2.33 7.46 28.43
CA ASN C 441 2.42 6.42 29.49
C ASN C 441 1.13 5.61 29.56
N TYR C 442 1.25 4.34 29.92
CA TYR C 442 0.14 3.38 30.10
C TYR C 442 -0.34 3.47 31.55
N ILE C 443 -1.64 3.72 31.72
CA ILE C 443 -2.26 3.93 33.05
C ILE C 443 -3.44 2.96 33.19
N LEU C 444 -3.84 2.64 34.42
CA LEU C 444 -5.09 1.93 34.72
C LEU C 444 -6.13 2.96 35.17
N VAL C 445 -7.40 2.77 34.80
CA VAL C 445 -8.53 3.70 35.14
C VAL C 445 -9.71 2.85 35.56
N PRO C 446 -10.31 3.07 36.75
CA PRO C 446 -11.56 2.37 37.09
C PRO C 446 -12.62 2.67 36.03
N ILE C 447 -13.32 1.62 35.59
CA ILE C 447 -14.41 1.68 34.58
C ILE C 447 -15.44 2.72 35.03
N LYS C 448 -15.76 2.78 36.32
CA LYS C 448 -16.80 3.69 36.86
C LYS C 448 -16.54 5.11 36.36
N VAL C 449 -15.34 5.65 36.59
CA VAL C 449 -14.92 7.01 36.14
C VAL C 449 -14.89 7.03 34.60
N ALA C 450 -14.26 6.02 34.01
CA ALA C 450 -13.93 5.95 32.55
C ALA C 450 -15.19 6.09 31.71
N THR C 451 -16.33 5.63 32.24
CA THR C 451 -17.63 5.53 31.53
C THR C 451 -18.57 6.66 31.97
N SER C 452 -18.10 7.59 32.81
CA SER C 452 -18.92 8.72 33.33
C SER C 452 -18.53 10.01 32.61
N VAL C 453 -17.41 10.00 31.89
CA VAL C 453 -16.88 11.20 31.18
C VAL C 453 -16.40 10.75 29.81
N ARG C 454 -16.52 11.63 28.82
CA ARG C 454 -16.07 11.33 27.44
C ARG C 454 -15.31 12.52 26.88
N ARG C 455 -14.57 12.29 25.81
CA ARG C 455 -13.63 13.24 25.19
C ARG C 455 -14.28 13.83 23.93
N VAL C 456 -13.88 15.05 23.57
CA VAL C 456 -14.54 15.91 22.57
C VAL C 456 -13.51 16.93 22.05
N LEU C 457 -13.67 17.43 20.83
CA LEU C 457 -12.75 18.45 20.26
C LEU C 457 -12.83 19.71 21.12
N ASP C 458 -11.70 20.30 21.47
CA ASP C 458 -11.62 21.69 21.97
C ASP C 458 -11.62 22.62 20.76
N LEU C 459 -12.72 23.34 20.51
CA LEU C 459 -12.85 24.23 19.33
C LEU C 459 -11.89 25.42 19.45
N ARG C 460 -11.19 25.60 20.57
CA ARG C 460 -10.21 26.70 20.74
C ARG C 460 -8.78 26.16 20.79
N GLY C 461 -8.60 24.85 20.57
CA GLY C 461 -7.31 24.13 20.61
C GLY C 461 -6.65 24.02 19.24
N GLN C 462 -5.41 23.52 19.21
CA GLN C 462 -4.47 23.66 18.07
C GLN C 462 -5.00 22.84 16.89
N LEU C 463 -5.49 21.62 17.12
CA LEU C 463 -6.00 20.77 16.02
C LEU C 463 -7.10 21.54 15.28
N TRP C 464 -8.14 21.98 16.00
CA TRP C 464 -9.30 22.68 15.38
C TRP C 464 -8.84 23.98 14.74
N ARG C 465 -7.82 24.65 15.29
CA ARG C 465 -7.27 25.88 14.68
C ARG C 465 -6.73 25.51 13.29
N GLN C 466 -6.06 24.36 13.16
CA GLN C 466 -5.45 23.91 11.88
C GLN C 466 -6.56 23.61 10.87
N VAL C 467 -7.70 23.07 11.32
CA VAL C 467 -8.89 22.79 10.45
C VAL C 467 -9.42 24.13 9.91
N ARG C 468 -9.49 25.16 10.75
CA ARG C 468 -10.07 26.48 10.38
C ARG C 468 -9.14 27.19 9.39
N GLU C 469 -7.82 27.00 9.50
CA GLU C 469 -6.81 27.57 8.58
C GLU C 469 -7.00 27.00 7.16
N ILE C 470 -7.46 25.75 7.02
CA ILE C 470 -7.56 25.01 5.71
C ILE C 470 -8.96 25.18 5.13
N THR C 471 -10.01 25.01 5.96
CA THR C 471 -11.44 25.07 5.56
C THR C 471 -11.84 26.50 5.23
N VAL C 472 -12.92 26.67 4.46
CA VAL C 472 -13.40 27.99 3.98
C VAL C 472 -13.83 28.80 5.21
N ASP C 473 -13.48 30.08 5.19
CA ASP C 473 -13.68 31.04 6.30
C ASP C 473 -14.42 32.25 5.73
N LEU C 474 -15.64 32.53 6.22
CA LEU C 474 -16.48 33.65 5.73
C LEU C 474 -15.88 34.99 6.15
N GLY C 475 -14.95 34.99 7.11
CA GLY C 475 -14.23 36.19 7.58
C GLY C 475 -13.45 36.86 6.46
N SER C 476 -12.43 36.18 5.92
CA SER C 476 -11.51 36.68 4.87
C SER C 476 -12.32 37.23 3.69
N ASP C 477 -12.13 38.50 3.31
CA ASP C 477 -12.89 39.15 2.21
C ASP C 477 -12.43 38.47 0.91
N VAL C 478 -13.33 37.69 0.30
CA VAL C 478 -13.09 36.75 -0.83
C VAL C 478 -12.16 37.38 -1.87
N ARG C 479 -12.56 38.52 -2.44
CA ARG C 479 -12.00 39.05 -3.72
C ARG C 479 -10.74 39.87 -3.43
N LEU C 480 -10.66 40.57 -2.29
CA LEU C 480 -9.38 41.22 -1.87
C LEU C 480 -8.36 40.12 -1.59
N ALA C 481 -8.71 39.12 -0.77
CA ALA C 481 -7.84 37.96 -0.42
C ALA C 481 -7.23 37.37 -1.70
N ARG C 482 -8.01 37.34 -2.78
CA ARG C 482 -7.66 36.70 -4.08
C ARG C 482 -6.69 37.60 -4.87
N LYS C 483 -6.83 38.94 -4.76
CA LYS C 483 -5.94 39.89 -5.47
C LYS C 483 -4.48 39.62 -5.10
N LEU C 484 -4.20 39.48 -3.80
CA LEU C 484 -2.82 39.33 -3.24
C LEU C 484 -2.29 37.95 -3.63
N GLU C 485 -3.16 36.93 -3.57
CA GLU C 485 -2.87 35.56 -4.07
C GLU C 485 -2.18 35.68 -5.44
N ILE C 486 -2.80 36.42 -6.36
CA ILE C 486 -2.37 36.56 -7.77
C ILE C 486 -1.01 37.28 -7.80
N ARG C 487 -0.92 38.46 -7.17
CA ARG C 487 0.31 39.30 -7.13
C ARG C 487 1.52 38.46 -6.69
N ARG C 488 1.35 37.62 -5.66
CA ARG C 488 2.40 36.70 -5.15
C ARG C 488 2.82 35.74 -6.27
N GLU C 489 1.84 35.18 -6.99
CA GLU C 489 2.07 34.18 -8.07
C GLU C 489 2.79 34.86 -9.25
N LEU C 490 2.39 36.09 -9.61
CA LEU C 490 3.03 36.90 -10.68
C LEU C 490 4.50 37.15 -10.33
N GLU C 491 4.73 37.54 -9.07
CA GLU C 491 6.08 37.87 -8.51
C GLU C 491 6.99 36.65 -8.65
N ALA C 492 6.43 35.44 -8.45
CA ALA C 492 7.15 34.16 -8.66
C ALA C 492 7.40 33.93 -10.15
N ILE C 493 6.36 34.09 -10.97
CA ILE C 493 6.38 33.81 -12.44
C ILE C 493 7.44 34.72 -13.10
N ASN C 494 7.37 36.03 -12.82
CA ASN C 494 8.22 37.05 -13.49
C ASN C 494 9.69 36.81 -13.16
N ARG C 495 10.01 36.29 -11.97
CA ARG C 495 11.42 35.96 -11.58
C ARG C 495 11.88 34.76 -12.40
N ASN C 496 11.09 33.66 -12.35
CA ASN C 496 11.32 32.44 -13.15
C ASN C 496 11.51 32.85 -14.61
N ARG C 497 10.66 33.77 -15.09
CA ARG C 497 10.65 34.30 -16.49
C ARG C 497 12.03 34.86 -16.85
N ASP C 498 12.63 35.68 -15.98
CA ASP C 498 13.89 36.40 -16.29
C ASP C 498 15.07 35.43 -16.21
N ARG C 499 15.15 34.62 -15.13
CA ARG C 499 16.26 33.65 -14.92
C ARG C 499 16.42 32.77 -16.17
N LEU C 500 15.31 32.35 -16.78
CA LEU C 500 15.30 31.61 -18.08
C LEU C 500 15.96 32.48 -19.15
N HIS C 501 15.40 33.68 -19.39
CA HIS C 501 15.87 34.67 -20.40
C HIS C 501 17.39 34.80 -20.31
N GLU C 502 17.92 34.93 -19.09
CA GLU C 502 19.39 35.09 -18.81
C GLU C 502 20.18 34.02 -19.56
N GLU C 503 19.81 32.74 -19.39
CA GLU C 503 20.57 31.58 -19.92
C GLU C 503 20.80 31.71 -21.43
N LEU C 504 19.78 32.10 -22.19
CA LEU C 504 19.70 31.89 -23.66
C LEU C 504 20.94 32.44 -24.38
N ALA C 505 20.91 33.70 -24.85
CA ALA C 505 21.96 34.30 -25.71
C ALA C 505 23.33 34.09 -25.04
N LYS C 506 23.37 34.14 -23.70
CA LYS C 506 24.57 33.92 -22.84
C LYS C 506 24.34 32.64 -22.04
N ASN D 42 19.69 14.91 34.63
CA ASN D 42 20.84 14.43 35.47
C ASN D 42 21.49 15.65 36.15
N SER D 43 22.04 16.57 35.36
CA SER D 43 22.61 17.85 35.83
C SER D 43 22.04 19.01 35.01
N VAL D 44 20.83 18.87 34.46
CA VAL D 44 20.25 19.90 33.56
C VAL D 44 19.52 20.89 34.46
N THR D 45 19.72 22.20 34.28
CA THR D 45 19.17 23.25 35.16
C THR D 45 18.06 24.03 34.42
N GLN D 46 17.18 24.68 35.17
CA GLN D 46 16.05 25.46 34.59
C GLN D 46 16.62 26.51 33.63
N GLU D 47 17.79 27.09 33.95
CA GLU D 47 18.49 28.07 33.08
C GLU D 47 18.73 27.45 31.71
N ASP D 48 19.14 26.17 31.68
CA ASP D 48 19.45 25.44 30.42
C ASP D 48 18.22 25.43 29.51
N LEU D 49 17.02 25.39 30.09
CA LEU D 49 15.73 25.25 29.37
C LEU D 49 15.12 26.62 29.02
N LYS D 50 15.66 27.71 29.54
CA LYS D 50 15.11 29.06 29.23
C LYS D 50 15.40 29.36 27.75
N VAL D 51 14.38 29.48 26.90
CA VAL D 51 14.62 29.72 25.45
C VAL D 51 14.68 31.24 25.22
N ASP D 52 15.68 31.68 24.47
CA ASP D 52 15.90 33.06 23.99
C ASP D 52 14.67 33.62 23.26
N ARG D 53 14.49 34.92 23.41
CA ARG D 53 13.59 35.78 22.61
C ARG D 53 14.39 36.98 22.09
N LEU D 54 14.23 37.34 20.83
CA LEU D 54 14.75 38.62 20.30
C LEU D 54 14.04 39.76 21.03
N PRO D 55 14.75 40.86 21.39
CA PRO D 55 14.15 41.93 22.19
C PRO D 55 13.04 42.66 21.41
N GLY D 56 11.86 42.82 22.01
CA GLY D 56 10.71 43.53 21.42
C GLY D 56 9.66 42.59 20.86
N ALA D 57 8.40 42.80 21.22
CA ALA D 57 7.21 42.17 20.62
C ALA D 57 6.17 43.27 20.37
N ASP D 58 6.43 44.12 19.36
CA ASP D 58 5.79 45.43 19.18
C ASP D 58 4.70 45.38 18.10
N TYR D 59 4.17 44.21 17.76
CA TYR D 59 3.14 44.06 16.68
C TYR D 59 2.10 43.03 17.08
N PRO D 60 0.82 43.26 16.73
CA PRO D 60 -0.25 42.28 17.00
C PRO D 60 -0.20 41.09 16.02
N ASN D 61 -0.77 39.97 16.42
CA ASN D 61 -0.85 38.72 15.61
C ASN D 61 -1.99 38.84 14.61
N PRO D 62 -1.71 38.73 13.30
CA PRO D 62 -2.76 38.78 12.27
C PRO D 62 -3.89 37.76 12.38
N SER D 63 -3.63 36.58 12.95
CA SER D 63 -4.60 35.44 13.01
C SER D 63 -5.29 35.37 14.38
N LYS D 64 -4.49 35.21 15.45
CA LYS D 64 -4.87 35.19 16.89
C LYS D 64 -4.86 36.63 17.41
N ASP D 74 -1.57 37.34 27.20
CA ASP D 74 -0.86 36.14 26.65
C ASP D 74 0.54 36.09 27.27
N LYS D 75 0.77 35.14 28.17
CA LYS D 75 2.05 34.90 28.89
C LYS D 75 2.62 33.56 28.45
N THR D 76 3.88 33.28 28.79
CA THR D 76 4.54 31.97 28.56
C THR D 76 3.95 30.94 29.51
N ASP D 77 3.41 29.84 28.98
CA ASP D 77 2.98 28.65 29.76
C ASP D 77 4.08 27.60 29.69
N TYR D 78 4.06 26.69 30.67
CA TYR D 78 5.09 25.65 30.90
C TYR D 78 4.41 24.30 31.07
N ILE D 79 5.18 23.25 30.80
CA ILE D 79 4.85 21.84 31.13
C ILE D 79 6.01 21.26 31.92
N MET D 80 5.70 20.41 32.89
CA MET D 80 6.68 19.71 33.76
C MET D 80 7.48 18.74 32.91
N TYR D 81 8.79 18.78 33.03
CA TYR D 81 9.71 17.84 32.33
C TYR D 81 9.35 16.41 32.74
N ASN D 82 9.25 16.17 34.06
CA ASN D 82 8.88 14.85 34.62
C ASN D 82 7.59 15.00 35.40
N PRO D 83 6.44 14.53 34.84
CA PRO D 83 5.16 14.58 35.57
C PRO D 83 4.92 13.45 36.57
N ARG D 84 5.97 12.92 37.21
CA ARG D 84 5.81 11.91 38.30
C ARG D 84 5.89 12.64 39.63
N PRO D 85 5.12 12.23 40.65
CA PRO D 85 5.07 12.93 41.94
C PRO D 85 6.21 12.55 42.89
N ARG D 86 6.65 13.48 43.74
CA ARG D 86 7.67 13.27 44.81
C ARG D 86 7.08 12.36 45.88
N ASP D 87 5.90 12.70 46.42
CA ASP D 87 5.19 11.99 47.51
C ASP D 87 3.97 11.22 47.01
N GLU D 88 3.40 10.39 47.88
CA GLU D 88 2.20 9.56 47.63
C GLU D 88 1.00 10.46 47.35
N PRO D 89 -0.10 9.93 46.77
CA PRO D 89 -1.34 10.69 46.66
C PRO D 89 -1.78 11.29 48.00
N SER D 90 -2.25 12.55 48.02
CA SER D 90 -2.76 13.25 49.23
C SER D 90 -3.87 14.27 48.88
N SER D 91 -4.44 14.93 49.90
CA SER D 91 -5.55 15.92 49.77
C SER D 91 -5.14 17.08 48.84
N GLU D 92 -3.87 17.51 48.90
CA GLU D 92 -3.29 18.60 48.06
C GLU D 92 -2.75 18.02 46.74
N ASN D 93 -2.47 18.91 45.79
CA ASN D 93 -1.97 18.57 44.43
C ASN D 93 -0.56 18.03 44.55
N PRO D 94 -0.16 17.07 43.70
CA PRO D 94 1.20 16.51 43.76
C PRO D 94 2.26 17.45 43.16
N VAL D 95 3.51 17.25 43.56
CA VAL D 95 4.69 18.06 43.15
C VAL D 95 5.62 17.20 42.30
N SER D 96 6.25 17.75 41.27
CA SER D 96 7.15 17.01 40.35
C SER D 96 8.37 16.51 41.14
N VAL D 97 8.75 15.26 40.87
CA VAL D 97 10.07 14.61 41.18
C VAL D 97 11.22 15.50 40.66
N SER D 98 11.00 16.32 39.63
CA SER D 98 12.04 17.17 38.98
C SER D 98 11.65 18.64 39.13
N PRO D 99 12.63 19.57 39.22
CA PRO D 99 12.33 20.99 39.22
C PRO D 99 12.15 21.57 37.80
N LEU D 100 12.36 20.77 36.78
CA LEU D 100 12.44 21.27 35.38
C LEU D 100 11.04 21.44 34.77
N LEU D 101 10.85 22.64 34.19
CA LEU D 101 9.70 23.08 33.38
C LEU D 101 10.20 23.37 31.95
N CYS D 102 9.44 22.96 30.94
CA CYS D 102 9.68 23.26 29.51
C CYS D 102 8.67 24.30 29.03
N GLU D 103 9.12 25.29 28.28
CA GLU D 103 8.27 26.30 27.62
C GLU D 103 7.39 25.62 26.54
N LEU D 104 6.07 25.81 26.63
CA LEU D 104 5.09 25.27 25.67
C LEU D 104 5.07 26.15 24.42
N ALA D 105 5.00 25.53 23.24
CA ALA D 105 4.86 26.21 21.93
C ALA D 105 3.39 26.55 21.70
N ALA D 106 3.12 27.74 21.16
CA ALA D 106 1.77 28.28 20.89
C ALA D 106 1.87 29.61 20.13
N ALA D 107 0.88 29.89 19.30
CA ALA D 107 0.67 31.21 18.66
C ALA D 107 0.54 32.27 19.76
N ARG D 108 1.25 33.40 19.64
CA ARG D 108 1.25 34.48 20.67
C ARG D 108 0.44 35.68 20.15
N SER D 109 -0.08 36.52 21.04
CA SER D 109 -0.93 37.69 20.70
C SER D 109 -0.04 38.84 20.19
N ARG D 110 1.10 39.06 20.84
CA ARG D 110 2.14 40.04 20.38
C ARG D 110 3.28 39.23 19.76
N ILE D 111 3.87 39.72 18.67
CA ILE D 111 4.95 39.02 17.92
C ILE D 111 6.10 40.01 17.72
N HIS D 112 7.31 39.50 17.48
CA HIS D 112 8.54 40.31 17.35
C HIS D 112 8.60 40.97 15.96
N PHE D 113 8.39 40.19 14.89
CA PHE D 113 8.57 40.64 13.49
C PHE D 113 7.28 41.23 12.92
N ASN D 114 7.41 42.36 12.23
CA ASN D 114 6.33 42.99 11.42
C ASN D 114 6.03 42.06 10.25
N PRO D 115 4.88 41.34 10.24
CA PRO D 115 4.67 40.23 9.32
C PRO D 115 4.95 40.59 7.84
N THR D 116 4.38 41.70 7.36
CA THR D 116 4.41 42.11 5.94
C THR D 116 5.82 42.54 5.52
N GLU D 117 6.76 42.67 6.47
CA GLU D 117 8.16 43.08 6.20
C GLU D 117 9.13 41.92 6.44
N THR D 118 8.63 40.73 6.77
CA THR D 118 9.43 39.57 7.22
C THR D 118 9.74 38.66 6.04
N THR D 119 11.01 38.33 5.81
CA THR D 119 11.46 37.25 4.90
C THR D 119 11.75 36.00 5.75
N ILE D 120 11.16 34.85 5.38
CA ILE D 120 11.44 33.53 6.02
C ILE D 120 12.41 32.75 5.13
N GLY D 121 13.43 32.14 5.74
CA GLY D 121 14.43 31.28 5.08
C GLY D 121 14.30 29.84 5.55
N ILE D 122 14.44 28.88 4.64
CA ILE D 122 14.38 27.42 4.94
C ILE D 122 15.61 26.74 4.33
N VAL D 123 16.21 25.82 5.09
CA VAL D 123 17.36 24.98 4.64
C VAL D 123 17.16 23.57 5.20
N THR D 124 17.43 22.55 4.39
CA THR D 124 17.34 21.12 4.76
C THR D 124 18.73 20.49 4.57
N CYS D 125 19.22 19.79 5.59
CA CYS D 125 20.63 19.31 5.72
C CYS D 125 20.65 17.82 6.09
N GLY D 126 21.66 17.09 5.64
CA GLY D 126 21.92 15.68 6.01
C GLY D 126 21.00 14.70 5.30
N GLY D 127 21.02 13.43 5.71
CA GLY D 127 20.17 12.38 5.14
C GLY D 127 18.73 12.86 5.01
N ILE D 128 18.06 12.55 3.90
CA ILE D 128 16.60 12.81 3.79
C ILE D 128 15.90 11.94 4.83
N CYS D 129 14.63 12.20 5.05
CA CYS D 129 13.81 11.68 6.17
C CYS D 129 12.36 11.92 5.79
N PRO D 130 11.46 10.93 5.90
CA PRO D 130 10.08 11.10 5.43
C PRO D 130 9.43 12.29 6.15
N GLY D 131 8.98 13.29 5.41
CA GLY D 131 8.33 14.48 5.99
C GLY D 131 9.01 15.80 5.64
N LEU D 132 10.23 15.80 5.12
CA LEU D 132 10.96 17.07 4.87
C LEU D 132 10.08 18.01 4.05
N ASN D 133 9.41 17.51 3.01
CA ASN D 133 8.63 18.37 2.08
C ASN D 133 7.42 18.96 2.79
N ASP D 134 6.81 18.20 3.70
CA ASP D 134 5.71 18.65 4.59
C ASP D 134 6.17 19.85 5.43
N VAL D 135 7.33 19.72 6.08
CA VAL D 135 7.91 20.79 6.91
C VAL D 135 8.17 22.02 6.03
N ILE D 136 8.76 21.83 4.85
CA ILE D 136 8.96 22.93 3.85
C ILE D 136 7.59 23.55 3.52
N ARG D 137 6.60 22.72 3.20
CA ARG D 137 5.26 23.15 2.75
C ARG D 137 4.59 23.96 3.87
N SER D 138 4.56 23.40 5.08
CA SER D 138 3.84 24.00 6.24
C SER D 138 4.50 25.31 6.66
N ILE D 139 5.83 25.36 6.75
CA ILE D 139 6.55 26.64 7.06
C ILE D 139 6.14 27.67 6.01
N THR D 140 6.19 27.31 4.73
CA THR D 140 5.85 28.22 3.61
C THR D 140 4.39 28.68 3.75
N LEU D 141 3.43 27.76 3.89
CA LEU D 141 1.98 28.11 3.89
C LEU D 141 1.57 28.81 5.20
N THR D 142 2.12 28.43 6.36
CA THR D 142 1.87 29.13 7.65
C THR D 142 2.35 30.57 7.52
N GLY D 143 3.58 30.77 7.05
CA GLY D 143 4.15 32.09 6.73
C GLY D 143 3.20 32.94 5.88
N ILE D 144 2.73 32.39 4.76
CA ILE D 144 1.97 33.14 3.72
C ILE D 144 0.50 33.33 4.15
N ASN D 145 -0.19 32.24 4.52
CA ASN D 145 -1.66 32.24 4.72
C ASN D 145 -2.03 32.83 6.08
N VAL D 146 -1.20 32.64 7.11
CA VAL D 146 -1.51 33.07 8.50
C VAL D 146 -0.87 34.43 8.77
N TYR D 147 0.45 34.56 8.57
CA TYR D 147 1.22 35.78 8.94
C TYR D 147 1.36 36.71 7.73
N ASN D 148 1.27 36.19 6.50
CA ASN D 148 1.21 37.03 5.28
C ASN D 148 2.59 37.69 5.08
N VAL D 149 3.66 36.92 5.31
CA VAL D 149 5.08 37.40 5.25
C VAL D 149 5.39 37.86 3.83
N LYS D 150 6.30 38.82 3.68
CA LYS D 150 6.67 39.45 2.37
C LYS D 150 7.14 38.37 1.40
N ARG D 151 7.98 37.44 1.88
CA ARG D 151 8.75 36.54 1.00
C ARG D 151 9.20 35.31 1.78
N VAL D 152 9.41 34.17 1.10
CA VAL D 152 9.97 32.91 1.68
C VAL D 152 11.00 32.35 0.70
N ILE D 153 12.23 32.11 1.19
CA ILE D 153 13.39 31.61 0.42
C ILE D 153 13.69 30.17 0.85
N GLY D 154 14.00 29.30 -0.13
CA GLY D 154 14.47 27.92 0.09
C GLY D 154 15.92 27.79 -0.32
N PHE D 155 16.81 27.45 0.62
CA PHE D 155 18.26 27.32 0.37
C PHE D 155 18.58 25.88 -0.05
N ARG D 156 19.26 25.76 -1.19
CA ARG D 156 19.43 24.46 -1.90
C ARG D 156 20.61 23.72 -1.29
N PHE D 157 20.47 22.40 -1.14
CA PHE D 157 21.56 21.44 -0.82
C PHE D 157 22.26 21.88 0.47
N GLY D 158 21.46 22.04 1.54
CA GLY D 158 21.95 22.23 2.91
C GLY D 158 22.63 23.56 3.09
N TYR D 159 23.56 23.63 4.05
CA TYR D 159 24.22 24.89 4.48
C TYR D 159 24.96 25.51 3.29
N TRP D 160 25.43 24.67 2.37
CA TRP D 160 26.02 25.08 1.06
C TRP D 160 25.11 26.11 0.37
N GLY D 161 23.80 26.03 0.57
CA GLY D 161 22.78 26.93 0.00
C GLY D 161 22.94 28.38 0.44
N LEU D 162 23.58 28.62 1.60
CA LEU D 162 23.75 29.97 2.21
C LEU D 162 25.16 30.51 1.98
N SER D 163 26.14 29.67 1.62
CA SER D 163 27.48 30.13 1.14
C SER D 163 27.27 31.06 -0.07
N LYS D 164 28.16 32.03 -0.28
CA LYS D 164 28.01 33.05 -1.37
C LYS D 164 27.88 32.37 -2.74
N LYS D 165 28.47 31.19 -2.90
CA LYS D 165 28.41 30.36 -4.15
C LYS D 165 27.01 29.74 -4.32
N GLY D 166 26.46 29.13 -3.28
CA GLY D 166 25.17 28.43 -3.32
C GLY D 166 23.98 29.38 -3.18
N SER D 167 24.20 30.60 -2.69
CA SER D 167 23.14 31.64 -2.52
C SER D 167 22.53 31.96 -3.88
N GLN D 168 23.30 31.78 -4.96
CA GLN D 168 22.84 31.94 -6.36
C GLN D 168 21.66 31.00 -6.61
N THR D 169 21.74 29.75 -6.15
CA THR D 169 20.78 28.66 -6.47
C THR D 169 19.48 28.77 -5.66
N ALA D 170 19.47 29.50 -4.54
CA ALA D 170 18.31 29.62 -3.62
C ALA D 170 17.01 29.92 -4.40
N ILE D 171 15.88 29.37 -3.95
CA ILE D 171 14.55 29.35 -4.65
C ILE D 171 13.58 30.30 -3.96
N GLU D 172 12.66 30.92 -4.72
CA GLU D 172 11.50 31.63 -4.12
C GLU D 172 10.35 30.63 -3.88
N LEU D 173 9.89 30.52 -2.63
CA LEU D 173 8.80 29.59 -2.21
C LEU D 173 7.48 30.37 -2.10
N HIS D 174 6.57 30.12 -3.04
CA HIS D 174 5.17 30.62 -3.08
C HIS D 174 4.22 29.43 -2.98
N ARG D 175 2.91 29.68 -2.88
CA ARG D 175 1.86 28.64 -2.69
C ARG D 175 1.95 27.61 -3.82
N GLY D 176 2.07 28.09 -5.06
CA GLY D 176 2.16 27.24 -6.26
C GLY D 176 3.33 26.27 -6.19
N ARG D 177 4.47 26.70 -5.64
CA ARG D 177 5.75 25.96 -5.66
C ARG D 177 5.74 24.85 -4.60
N VAL D 178 4.80 24.87 -3.65
CA VAL D 178 4.77 23.91 -2.51
C VAL D 178 3.46 23.10 -2.50
N THR D 179 2.55 23.31 -3.44
CA THR D 179 1.15 22.79 -3.40
C THR D 179 1.13 21.30 -3.01
N ASN D 180 1.88 20.45 -3.72
CA ASN D 180 1.77 18.97 -3.61
C ASN D 180 3.09 18.31 -3.22
N ILE D 181 4.09 19.09 -2.81
CA ILE D 181 5.47 18.57 -2.59
C ILE D 181 5.45 17.58 -1.43
N HIS D 182 4.49 17.65 -0.51
CA HIS D 182 4.35 16.68 0.61
C HIS D 182 3.98 15.29 0.08
N HIS D 183 3.48 15.16 -1.15
CA HIS D 183 3.15 13.84 -1.74
C HIS D 183 4.42 13.04 -2.11
N TYR D 184 5.62 13.65 -2.08
CA TYR D 184 6.89 13.03 -2.55
C TYR D 184 7.94 13.02 -1.44
N GLY D 185 8.70 11.93 -1.36
CA GLY D 185 9.91 11.82 -0.51
C GLY D 185 11.02 12.77 -0.99
N GLY D 186 12.09 12.86 -0.21
CA GLY D 186 13.24 13.75 -0.46
C GLY D 186 12.90 15.17 -0.02
N THR D 187 13.56 16.15 -0.63
CA THR D 187 13.43 17.60 -0.33
C THR D 187 13.56 18.40 -1.63
N ILE D 188 12.55 19.18 -2.01
CA ILE D 188 12.58 20.02 -3.23
C ILE D 188 13.75 21.02 -3.12
N LEU D 189 14.22 21.35 -1.92
CA LEU D 189 15.39 22.26 -1.73
C LEU D 189 16.69 21.51 -2.03
N GLY D 190 16.72 20.22 -1.71
CA GLY D 190 17.95 19.41 -1.73
C GLY D 190 18.67 19.49 -0.40
N SER D 191 19.64 18.62 -0.20
CA SER D 191 20.32 18.42 1.10
C SER D 191 21.78 17.98 0.88
N SER D 192 22.70 18.57 1.65
CA SER D 192 24.12 18.13 1.80
C SER D 192 24.47 18.00 3.28
N ARG D 193 25.45 17.16 3.60
CA ARG D 193 26.14 17.12 4.91
C ARG D 193 27.18 18.24 4.92
N GLY D 194 27.64 18.64 6.11
CA GLY D 194 28.87 19.44 6.25
C GLY D 194 28.60 20.89 6.57
N PRO D 195 29.52 21.54 7.33
CA PRO D 195 29.36 22.95 7.66
C PRO D 195 29.79 23.88 6.52
N GLN D 196 29.46 25.16 6.67
CA GLN D 196 30.06 26.29 5.92
C GLN D 196 30.50 27.33 6.93
N ASP D 197 31.25 28.34 6.46
CA ASP D 197 31.70 29.51 7.25
C ASP D 197 30.48 30.28 7.77
N PRO D 198 30.22 30.29 9.10
CA PRO D 198 29.07 31.01 9.64
C PRO D 198 29.04 32.48 9.22
N LYS D 199 30.22 33.12 9.14
CA LYS D 199 30.40 34.51 8.64
C LYS D 199 29.73 34.62 7.26
N GLU D 200 30.14 33.78 6.31
CA GLU D 200 29.71 33.81 4.89
C GLU D 200 28.19 33.58 4.81
N MET D 201 27.66 32.67 5.62
CA MET D 201 26.21 32.34 5.66
C MET D 201 25.40 33.56 6.08
N VAL D 202 25.81 34.24 7.16
CA VAL D 202 25.06 35.39 7.75
C VAL D 202 25.15 36.60 6.80
N ASP D 203 26.20 36.66 5.97
CA ASP D 203 26.32 37.62 4.84
C ASP D 203 25.10 37.43 3.92
N THR D 204 24.85 36.20 3.46
CA THR D 204 23.71 35.83 2.58
C THR D 204 22.38 36.19 3.26
N LEU D 205 22.23 35.86 4.55
CA LEU D 205 20.99 36.14 5.32
C LEU D 205 20.74 37.66 5.32
N GLU D 206 21.78 38.44 5.55
CA GLU D 206 21.71 39.93 5.55
C GLU D 206 21.39 40.41 4.12
N ARG D 207 22.07 39.84 3.12
CA ARG D 207 21.96 40.26 1.69
C ARG D 207 20.53 40.06 1.18
N LEU D 208 19.88 38.94 1.52
CA LEU D 208 18.51 38.59 1.05
C LEU D 208 17.46 39.15 2.01
N GLY D 209 17.88 39.80 3.10
CA GLY D 209 17.01 40.37 4.15
C GLY D 209 16.21 39.30 4.87
N VAL D 210 16.79 38.11 5.03
CA VAL D 210 16.15 36.97 5.76
C VAL D 210 16.04 37.35 7.24
N ASN D 211 14.82 37.30 7.82
CA ASN D 211 14.55 37.70 9.23
C ASN D 211 14.45 36.45 10.11
N ILE D 212 13.91 35.35 9.59
CA ILE D 212 13.85 34.01 10.27
C ILE D 212 14.48 32.96 9.35
N LEU D 213 15.33 32.09 9.89
CA LEU D 213 15.91 30.93 9.18
C LEU D 213 15.52 29.66 9.93
N PHE D 214 14.74 28.77 9.28
CA PHE D 214 14.41 27.44 9.82
C PHE D 214 15.48 26.46 9.35
N THR D 215 16.10 25.77 10.31
CA THR D 215 17.18 24.78 10.08
C THR D 215 16.61 23.39 10.34
N VAL D 216 16.35 22.65 9.27
CA VAL D 216 15.80 21.27 9.32
C VAL D 216 16.96 20.31 9.11
N GLY D 217 17.31 19.55 10.15
CA GLY D 217 18.54 18.73 10.18
C GLY D 217 18.72 18.07 11.53
N GLY D 218 19.76 17.23 11.66
CA GLY D 218 20.11 16.53 12.91
C GLY D 218 20.95 17.38 13.84
N ASP D 219 21.48 16.78 14.91
CA ASP D 219 22.20 17.47 15.99
C ASP D 219 23.24 18.42 15.38
N GLY D 220 24.07 17.90 14.45
CA GLY D 220 25.13 18.67 13.79
C GLY D 220 24.62 19.95 13.15
N THR D 221 23.44 19.90 12.53
CA THR D 221 22.80 21.04 11.80
C THR D 221 22.42 22.12 12.81
N GLN D 222 21.78 21.75 13.92
CA GLN D 222 21.32 22.71 14.96
C GLN D 222 22.56 23.31 15.65
N ARG D 223 23.58 22.49 15.91
CA ARG D 223 24.87 22.98 16.45
C ARG D 223 25.36 24.14 15.58
N GLY D 224 25.28 23.99 14.25
CA GLY D 224 25.64 25.05 13.30
C GLY D 224 24.65 26.20 13.35
N ALA D 225 23.36 25.87 13.58
CA ALA D 225 22.25 26.84 13.64
C ALA D 225 22.52 27.83 14.77
N LEU D 226 22.89 27.33 15.96
CA LEU D 226 23.18 28.17 17.15
C LEU D 226 24.40 29.04 16.85
N VAL D 227 25.37 28.54 16.08
CA VAL D 227 26.61 29.28 15.69
C VAL D 227 26.23 30.41 14.72
N ILE D 228 25.26 30.21 13.83
CA ILE D 228 24.69 31.29 12.95
C ILE D 228 24.00 32.33 13.84
N SER D 229 23.17 31.88 14.78
CA SER D 229 22.42 32.71 15.75
C SER D 229 23.38 33.67 16.47
N GLN D 230 24.48 33.13 17.00
CA GLN D 230 25.49 33.88 17.80
C GLN D 230 26.24 34.85 16.89
N GLU D 231 26.60 34.42 15.68
CA GLU D 231 27.29 35.26 14.66
C GLU D 231 26.37 36.41 14.26
N ALA D 232 25.05 36.17 14.23
CA ALA D 232 24.03 37.16 13.86
C ALA D 232 23.92 38.24 14.94
N LYS D 233 23.63 37.84 16.19
CA LYS D 233 23.48 38.78 17.35
C LYS D 233 24.79 39.55 17.57
N ARG D 234 25.93 38.94 17.23
CA ARG D 234 27.29 39.53 17.35
C ARG D 234 27.44 40.75 16.43
N ARG D 235 26.71 40.80 15.31
CA ARG D 235 26.55 42.01 14.44
C ARG D 235 25.07 42.39 14.62
N GLY D 236 24.66 43.65 14.53
CA GLY D 236 23.30 44.07 14.96
C GLY D 236 22.20 43.57 14.04
N VAL D 237 22.08 42.26 13.81
CA VAL D 237 21.18 41.66 12.77
C VAL D 237 19.94 41.14 13.47
N ASP D 238 18.74 41.52 13.00
CA ASP D 238 17.44 41.06 13.55
C ASP D 238 17.11 39.72 12.90
N ILE D 239 17.67 38.63 13.42
CA ILE D 239 17.54 37.26 12.85
C ILE D 239 17.07 36.29 13.94
N SER D 240 16.04 35.49 13.65
CA SER D 240 15.68 34.28 14.42
C SER D 240 16.24 33.06 13.68
N VAL D 241 16.95 32.18 14.40
CA VAL D 241 17.41 30.86 13.89
C VAL D 241 16.69 29.78 14.70
N PHE D 242 15.79 29.04 14.04
CA PHE D 242 14.82 28.10 14.67
C PHE D 242 14.97 26.73 14.04
N GLY D 243 15.21 25.71 14.87
CA GLY D 243 15.42 24.33 14.43
C GLY D 243 14.14 23.53 14.43
N VAL D 244 13.87 22.83 13.32
CA VAL D 244 12.90 21.70 13.25
C VAL D 244 13.73 20.43 13.21
N PRO D 245 13.84 19.70 14.34
CA PRO D 245 14.64 18.47 14.39
C PRO D 245 14.24 17.43 13.35
N LYS D 246 15.22 17.04 12.52
CA LYS D 246 15.13 15.89 11.59
C LYS D 246 16.06 14.80 12.12
N THR D 247 15.50 13.65 12.50
CA THR D 247 16.23 12.44 12.97
C THR D 247 15.25 11.27 12.96
N ILE D 248 15.41 10.38 11.99
CA ILE D 248 14.50 9.23 11.77
C ILE D 248 14.56 8.27 12.98
N ASP D 249 15.65 8.30 13.74
CA ASP D 249 15.94 7.35 14.85
C ASP D 249 15.24 7.79 16.13
N ASN D 250 14.67 9.00 16.15
CA ASN D 250 13.83 9.48 17.26
C ASN D 250 14.69 9.52 18.54
N ASP D 251 15.92 10.04 18.45
CA ASP D 251 16.93 9.98 19.53
C ASP D 251 17.20 11.39 20.05
N LEU D 252 16.38 12.36 19.64
CA LEU D 252 16.32 13.72 20.22
C LEU D 252 15.82 13.58 21.66
N SER D 253 16.49 14.28 22.59
CA SER D 253 16.08 14.36 24.02
C SER D 253 15.05 15.47 24.17
N PHE D 254 14.31 15.48 25.28
CA PHE D 254 13.18 16.41 25.51
C PHE D 254 12.13 16.18 24.41
N SER D 255 12.03 14.93 23.91
CA SER D 255 11.18 14.46 22.78
C SER D 255 10.74 13.01 23.05
N HIS D 256 9.50 12.66 22.71
CA HIS D 256 9.06 11.25 22.61
C HIS D 256 8.82 10.88 21.13
N ARG D 257 8.96 11.84 20.22
CA ARG D 257 8.67 11.62 18.77
C ARG D 257 9.26 12.76 17.94
N THR D 258 9.97 12.39 16.86
CA THR D 258 10.43 13.31 15.80
C THR D 258 9.73 12.91 14.49
N PHE D 259 9.56 13.87 13.59
CA PHE D 259 8.84 13.62 12.32
C PHE D 259 9.66 12.58 11.54
N GLY D 260 8.95 11.68 10.86
CA GLY D 260 9.51 10.63 10.00
C GLY D 260 9.62 9.29 10.70
N PHE D 261 9.72 9.26 12.03
CA PHE D 261 10.04 8.01 12.77
C PHE D 261 8.90 7.01 12.59
N GLN D 262 7.65 7.42 12.78
CA GLN D 262 6.48 6.50 12.65
C GLN D 262 6.44 5.91 11.23
N THR D 263 6.67 6.74 10.21
CA THR D 263 6.74 6.32 8.79
C THR D 263 7.87 5.30 8.63
N ALA D 264 9.03 5.57 9.22
CA ALA D 264 10.24 4.73 9.08
C ALA D 264 9.98 3.33 9.66
N VAL D 265 9.24 3.23 10.75
CA VAL D 265 8.92 1.92 11.39
C VAL D 265 7.97 1.13 10.48
N GLU D 266 7.04 1.81 9.80
CA GLU D 266 6.11 1.18 8.83
C GLU D 266 6.92 0.45 7.76
N LYS D 267 7.93 1.12 7.21
CA LYS D 267 8.78 0.61 6.12
C LYS D 267 9.65 -0.53 6.66
N ALA D 268 10.26 -0.35 7.82
CA ALA D 268 11.09 -1.39 8.47
C ALA D 268 10.29 -2.69 8.57
N VAL D 269 9.03 -2.64 9.00
CA VAL D 269 8.18 -3.85 9.17
C VAL D 269 7.95 -4.49 7.81
N GLN D 270 7.81 -3.69 6.77
CA GLN D 270 7.62 -4.16 5.37
C GLN D 270 8.89 -4.90 4.94
N ALA D 271 10.05 -4.29 5.12
CA ALA D 271 11.37 -4.91 4.87
C ALA D 271 11.45 -6.26 5.57
N ILE D 272 10.98 -6.34 6.82
CA ILE D 272 11.10 -7.57 7.65
C ILE D 272 10.20 -8.66 7.05
N ARG D 273 8.97 -8.28 6.65
CA ARG D 273 7.98 -9.22 6.03
C ARG D 273 8.62 -9.90 4.81
N ALA D 274 9.37 -9.16 3.99
CA ALA D 274 10.10 -9.69 2.82
C ALA D 274 11.23 -10.62 3.28
N ALA D 275 12.12 -10.16 4.16
CA ALA D 275 13.22 -10.97 4.72
C ALA D 275 12.63 -12.27 5.26
N TYR D 276 11.55 -12.17 6.04
CA TYR D 276 10.88 -13.31 6.70
C TYR D 276 10.48 -14.33 5.62
N ALA D 277 9.87 -13.88 4.54
CA ALA D 277 9.36 -14.74 3.43
C ALA D 277 10.55 -15.45 2.77
N GLU D 278 11.62 -14.71 2.44
CA GLU D 278 12.87 -15.28 1.88
C GLU D 278 13.35 -16.38 2.82
N ALA D 279 13.47 -16.07 4.10
CA ALA D 279 14.16 -16.91 5.11
C ALA D 279 13.36 -18.18 5.37
N VAL D 280 12.05 -18.05 5.61
CA VAL D 280 11.20 -19.23 5.95
C VAL D 280 11.10 -20.14 4.72
N SER D 281 11.36 -19.62 3.52
CA SER D 281 11.34 -20.38 2.23
C SER D 281 12.56 -21.30 2.10
N ALA D 282 13.66 -21.01 2.80
CA ALA D 282 14.91 -21.80 2.75
C ALA D 282 15.02 -22.69 4.00
N ASN D 283 15.60 -23.88 3.85
CA ASN D 283 16.01 -24.74 4.98
C ASN D 283 17.27 -24.13 5.60
N TYR D 284 17.24 -23.83 6.89
CA TYR D 284 18.27 -23.06 7.62
C TYR D 284 18.51 -21.77 6.82
N GLY D 285 17.42 -21.02 6.64
CA GLY D 285 17.41 -19.70 6.00
C GLY D 285 17.66 -18.59 7.02
N VAL D 286 18.49 -17.61 6.69
CA VAL D 286 18.81 -16.46 7.55
C VAL D 286 18.58 -15.17 6.76
N GLY D 287 17.63 -14.36 7.21
CA GLY D 287 17.46 -12.97 6.76
C GLY D 287 18.15 -12.03 7.72
N VAL D 288 19.15 -11.30 7.25
CA VAL D 288 19.78 -10.16 7.98
C VAL D 288 19.21 -8.87 7.39
N VAL D 289 18.53 -8.06 8.21
CA VAL D 289 17.95 -6.75 7.80
C VAL D 289 18.66 -5.63 8.59
N LYS D 290 19.24 -4.64 7.90
CA LYS D 290 19.78 -3.43 8.56
C LYS D 290 18.68 -2.36 8.63
N LEU D 291 18.36 -1.89 9.84
CA LEU D 291 17.23 -0.97 10.11
C LEU D 291 17.74 0.33 10.78
N MET D 292 18.37 1.20 10.00
CA MET D 292 18.80 2.55 10.45
C MET D 292 19.43 2.41 11.83
N GLY D 293 19.42 3.46 12.67
CA GLY D 293 19.90 3.37 14.06
C GLY D 293 21.41 3.59 14.19
N ARG D 294 21.89 4.81 13.93
CA ARG D 294 23.32 5.17 14.04
C ARG D 294 23.79 5.03 15.48
N ASP D 295 23.07 5.60 16.46
CA ASP D 295 23.50 5.68 17.88
C ASP D 295 22.40 5.16 18.81
N SER D 296 21.23 4.85 18.29
CA SER D 296 20.08 4.31 19.06
C SER D 296 19.38 3.25 18.20
N GLY D 297 18.58 2.39 18.83
CA GLY D 297 17.89 1.25 18.19
C GLY D 297 16.38 1.34 18.35
N PHE D 298 15.81 2.54 18.30
CA PHE D 298 14.33 2.72 18.45
C PHE D 298 13.59 2.14 17.23
N ILE D 299 14.10 2.34 16.01
CA ILE D 299 13.46 1.74 14.80
C ILE D 299 13.61 0.23 14.86
N ALA D 300 14.84 -0.26 15.08
CA ALA D 300 15.14 -1.70 15.19
C ALA D 300 14.14 -2.33 16.18
N ALA D 301 14.02 -1.79 17.39
CA ALA D 301 13.20 -2.35 18.49
C ALA D 301 11.70 -2.32 18.15
N GLN D 302 11.16 -1.18 17.70
CA GLN D 302 9.72 -1.06 17.38
C GLN D 302 9.35 -1.99 16.21
N ALA D 303 10.12 -1.94 15.10
CA ALA D 303 9.97 -2.83 13.93
C ALA D 303 9.97 -4.29 14.37
N ALA D 304 10.92 -4.67 15.23
CA ALA D 304 11.08 -6.05 15.72
C ALA D 304 9.78 -6.50 16.41
N VAL D 305 9.25 -5.65 17.28
CA VAL D 305 8.02 -5.96 18.09
C VAL D 305 6.80 -5.95 17.17
N ALA D 306 6.65 -4.89 16.36
CA ALA D 306 5.49 -4.71 15.45
C ALA D 306 5.43 -5.90 14.49
N SER D 307 6.49 -6.12 13.72
CA SER D 307 6.62 -7.25 12.75
C SER D 307 6.26 -8.57 13.42
N ALA D 308 6.65 -8.77 14.68
CA ALA D 308 6.59 -10.08 15.38
C ALA D 308 7.34 -11.16 14.57
N GLN D 309 8.37 -10.80 13.80
CA GLN D 309 9.04 -11.76 12.87
C GLN D 309 10.57 -11.81 13.07
N ALA D 310 11.11 -10.94 13.92
CA ALA D 310 12.53 -10.88 14.32
C ALA D 310 12.80 -11.94 15.39
N ASN D 311 13.85 -12.75 15.24
CA ASN D 311 14.31 -13.72 16.27
C ASN D 311 15.58 -13.23 17.00
N ILE D 312 16.29 -12.28 16.40
CA ILE D 312 17.51 -11.64 16.96
C ILE D 312 17.45 -10.17 16.55
N CYS D 313 17.56 -9.28 17.53
CA CYS D 313 17.49 -7.81 17.33
C CYS D 313 18.75 -7.17 17.92
N LEU D 314 19.66 -6.71 17.06
CA LEU D 314 21.00 -6.22 17.46
C LEU D 314 21.00 -4.69 17.40
N VAL D 315 21.10 -4.05 18.57
CA VAL D 315 21.05 -2.57 18.71
C VAL D 315 22.33 -2.13 19.41
N PRO D 316 22.75 -0.87 19.20
CA PRO D 316 23.99 -0.34 19.79
C PRO D 316 23.96 -0.38 21.31
N GLU D 317 22.81 -0.04 21.90
CA GLU D 317 22.63 0.01 23.37
C GLU D 317 23.05 -1.32 24.00
N ASN D 318 22.94 -2.45 23.27
CA ASN D 318 23.23 -3.80 23.80
C ASN D 318 24.35 -4.42 22.98
N PRO D 319 25.60 -3.93 23.10
CA PRO D 319 26.70 -4.43 22.28
C PRO D 319 27.08 -5.84 22.75
N ILE D 320 26.80 -6.88 21.97
CA ILE D 320 27.21 -8.29 22.29
C ILE D 320 28.25 -8.71 21.26
N SER D 321 28.95 -9.82 21.54
CA SER D 321 30.05 -10.35 20.69
C SER D 321 29.46 -11.13 19.50
N GLU D 322 30.24 -11.18 18.43
CA GLU D 322 30.09 -12.14 17.31
C GLU D 322 29.75 -13.54 17.85
N GLN D 323 30.47 -14.00 18.86
CA GLN D 323 30.27 -15.37 19.42
C GLN D 323 28.87 -15.46 20.05
N GLU D 324 28.42 -14.40 20.73
CA GLU D 324 27.09 -14.37 21.40
C GLU D 324 26.00 -14.46 20.33
N VAL D 325 26.12 -13.67 19.27
CA VAL D 325 25.17 -13.68 18.11
C VAL D 325 25.01 -15.12 17.58
N MET D 326 26.12 -15.82 17.37
CA MET D 326 26.10 -17.14 16.70
C MET D 326 25.40 -18.17 17.61
N SER D 327 25.44 -18.00 18.93
CA SER D 327 24.81 -18.96 19.87
C SER D 327 23.31 -18.67 19.94
N LEU D 328 22.90 -17.43 19.69
CA LEU D 328 21.46 -17.11 19.52
C LEU D 328 20.98 -17.83 18.26
N LEU D 329 21.70 -17.66 17.15
CA LEU D 329 21.40 -18.31 15.84
C LEU D 329 21.29 -19.82 16.05
N GLU D 330 22.31 -20.39 16.71
CA GLU D 330 22.45 -21.84 17.01
C GLU D 330 21.20 -22.33 17.75
N ARG D 331 20.75 -21.59 18.76
CA ARG D 331 19.58 -21.95 19.61
C ARG D 331 18.31 -21.88 18.77
N ARG D 332 18.23 -20.90 17.86
CA ARG D 332 17.07 -20.74 16.96
C ARG D 332 16.96 -22.00 16.09
N PHE D 333 18.10 -22.47 15.57
CA PHE D 333 18.16 -23.61 14.61
C PHE D 333 18.07 -24.94 15.35
N CYS D 334 17.80 -24.96 16.65
CA CYS D 334 17.57 -26.24 17.39
C CYS D 334 16.22 -26.85 16.97
N HIS D 335 15.18 -26.03 16.88
CA HIS D 335 13.79 -26.45 16.59
C HIS D 335 13.14 -25.40 15.67
N SER D 336 13.91 -24.85 14.74
CA SER D 336 13.42 -23.92 13.68
C SER D 336 14.40 -23.91 12.51
N ARG D 337 13.89 -23.73 11.30
CA ARG D 337 14.69 -23.85 10.06
C ARG D 337 14.92 -22.47 9.44
N SER D 338 14.49 -21.41 10.13
CA SER D 338 14.68 -20.00 9.68
C SER D 338 14.98 -19.09 10.87
N CYS D 339 15.66 -17.99 10.58
CA CYS D 339 16.06 -16.94 11.55
C CYS D 339 16.10 -15.61 10.83
N VAL D 340 15.40 -14.60 11.38
CA VAL D 340 15.44 -13.18 10.92
C VAL D 340 16.26 -12.41 11.96
N ILE D 341 17.25 -11.65 11.49
CA ILE D 341 18.19 -10.88 12.35
C ILE D 341 18.06 -9.41 11.97
N ILE D 342 17.49 -8.61 12.87
CA ILE D 342 17.47 -7.12 12.75
C ILE D 342 18.83 -6.66 13.29
N VAL D 343 19.44 -5.68 12.62
CA VAL D 343 20.75 -5.09 13.05
C VAL D 343 20.72 -3.59 12.73
N ALA D 344 20.95 -2.78 13.76
CA ALA D 344 21.07 -1.31 13.64
C ALA D 344 22.45 -0.99 13.08
N GLU D 345 22.54 0.02 12.21
CA GLU D 345 23.80 0.38 11.51
C GLU D 345 24.90 0.69 12.55
N GLY D 346 24.51 1.03 13.78
CA GLY D 346 25.41 1.44 14.87
C GLY D 346 25.87 0.29 15.75
N PHE D 347 25.30 -0.90 15.60
CA PHE D 347 25.70 -2.10 16.37
C PHE D 347 27.09 -2.55 15.90
N GLY D 348 27.86 -3.13 16.83
CA GLY D 348 29.15 -3.80 16.58
C GLY D 348 30.13 -2.89 15.85
N GLN D 349 30.33 -1.67 16.35
CA GLN D 349 31.39 -0.75 15.83
C GLN D 349 32.76 -1.22 16.35
N ASP D 350 32.80 -2.24 17.21
CA ASP D 350 34.04 -2.85 17.75
C ASP D 350 34.26 -4.26 17.16
N TRP D 351 33.77 -4.50 15.94
CA TRP D 351 33.80 -5.84 15.27
C TRP D 351 34.97 -5.98 14.28
N GLY D 352 34.76 -6.60 13.10
CA GLY D 352 35.82 -7.06 12.17
C GLY D 352 36.53 -5.91 11.46
N ASP D 368 30.36 -1.02 7.97
CA ASP D 368 29.14 -1.59 7.34
C ASP D 368 28.82 -2.92 8.02
N ILE D 369 28.20 -2.83 9.21
CA ILE D 369 27.89 -3.99 10.09
C ILE D 369 26.94 -4.95 9.36
N GLY D 370 26.13 -4.42 8.43
CA GLY D 370 25.24 -5.25 7.60
C GLY D 370 25.99 -6.31 6.82
N VAL D 371 26.98 -5.90 6.02
CA VAL D 371 27.79 -6.83 5.17
C VAL D 371 28.61 -7.74 6.07
N ILE D 372 29.16 -7.21 7.17
CA ILE D 372 30.12 -7.95 8.05
C ILE D 372 29.35 -9.04 8.81
N LEU D 373 28.22 -8.70 9.43
CA LEU D 373 27.35 -9.68 10.14
C LEU D 373 26.95 -10.80 9.18
N THR D 374 26.59 -10.47 7.95
CA THR D 374 26.18 -11.44 6.89
C THR D 374 27.36 -12.39 6.57
N GLU D 375 28.57 -11.85 6.37
CA GLU D 375 29.81 -12.63 6.12
C GLU D 375 30.10 -13.55 7.31
N LYS D 376 29.93 -13.05 8.54
CA LYS D 376 30.30 -13.79 9.77
C LYS D 376 29.29 -14.91 10.02
N VAL D 377 28.00 -14.65 9.73
CA VAL D 377 26.93 -15.69 9.81
C VAL D 377 27.25 -16.78 8.77
N LYS D 378 27.55 -16.40 7.53
CA LYS D 378 27.97 -17.35 6.46
C LYS D 378 29.15 -18.20 6.92
N ALA D 379 30.23 -17.55 7.36
CA ALA D 379 31.48 -18.19 7.87
C ALA D 379 31.09 -19.23 8.94
N PHE D 380 30.22 -18.87 9.89
CA PHE D 380 29.75 -19.75 10.98
C PHE D 380 29.01 -20.95 10.39
N LEU D 381 28.06 -20.71 9.47
CA LEU D 381 27.26 -21.78 8.82
C LEU D 381 28.20 -22.69 8.01
N LYS D 382 29.25 -22.14 7.36
CA LYS D 382 30.29 -22.93 6.66
C LYS D 382 31.21 -23.55 7.74
N ALA D 383 31.43 -24.85 7.69
CA ALA D 383 32.06 -25.68 8.76
C ALA D 383 31.35 -25.45 10.11
N ASN D 384 30.03 -25.23 10.06
CA ASN D 384 29.04 -26.06 10.77
C ASN D 384 28.11 -26.75 9.75
N LYS D 385 28.52 -26.87 8.48
CA LYS D 385 27.76 -27.56 7.40
C LYS D 385 27.27 -28.90 7.97
N SER D 386 28.15 -29.57 8.73
CA SER D 386 27.90 -30.75 9.58
C SER D 386 26.43 -30.84 10.03
N ARG D 387 25.91 -29.78 10.67
CA ARG D 387 24.58 -29.80 11.33
C ARG D 387 23.56 -28.95 10.58
N TYR D 388 24.02 -27.96 9.81
CA TYR D 388 23.16 -27.07 8.97
C TYR D 388 23.49 -27.32 7.50
N PRO D 389 23.06 -28.47 6.94
CA PRO D 389 23.66 -29.07 5.74
C PRO D 389 23.59 -28.14 4.52
N ASP D 390 22.37 -27.78 4.12
CA ASP D 390 22.14 -26.67 3.15
C ASP D 390 21.70 -25.50 4.00
N SER D 391 22.29 -24.32 3.77
CA SER D 391 21.94 -23.06 4.47
C SER D 391 21.87 -21.94 3.43
N THR D 392 21.16 -20.86 3.78
CA THR D 392 20.98 -19.65 2.96
C THR D 392 20.99 -18.43 3.89
N VAL D 393 21.72 -17.39 3.49
CA VAL D 393 21.88 -16.11 4.20
C VAL D 393 21.64 -14.99 3.18
N LYS D 394 20.51 -14.30 3.31
CA LYS D 394 20.14 -13.13 2.48
C LYS D 394 20.34 -11.89 3.35
N TYR D 395 21.14 -10.91 2.89
CA TYR D 395 21.28 -9.55 3.47
C TYR D 395 20.33 -8.60 2.75
N ILE D 396 19.61 -7.75 3.50
CA ILE D 396 18.71 -6.70 2.96
C ILE D 396 19.10 -5.35 3.56
N ASP D 397 19.34 -4.34 2.72
CA ASP D 397 19.55 -2.93 3.14
C ASP D 397 18.41 -2.06 2.60
N PRO D 398 17.29 -1.94 3.33
CA PRO D 398 16.17 -1.11 2.90
C PRO D 398 16.30 0.37 3.29
N SER D 399 17.48 0.85 3.66
CA SER D 399 17.70 2.28 4.01
C SER D 399 17.06 3.18 2.94
N TYR D 400 17.42 3.00 1.67
CA TYR D 400 16.84 3.73 0.51
C TYR D 400 15.32 3.88 0.70
N MET D 401 14.63 2.80 1.04
CA MET D 401 13.16 2.68 1.00
C MET D 401 12.53 3.34 2.24
N ILE D 402 13.30 3.46 3.33
CA ILE D 402 12.79 3.92 4.64
C ILE D 402 12.86 5.46 4.71
N ARG D 403 13.92 6.05 4.19
CA ARG D 403 14.19 7.52 4.26
C ARG D 403 13.44 8.24 3.16
N ALA D 404 13.32 7.60 2.00
CA ALA D 404 13.03 8.27 0.71
C ALA D 404 11.53 8.32 0.44
N CYS D 405 10.68 7.70 1.28
CA CYS D 405 9.22 7.65 1.01
C CYS D 405 8.57 8.92 1.53
N PRO D 406 7.35 9.26 1.04
CA PRO D 406 6.56 10.32 1.67
C PRO D 406 6.03 9.85 3.02
N PRO D 407 5.61 10.76 3.91
CA PRO D 407 5.18 10.37 5.25
C PRO D 407 3.81 9.69 5.28
N SER D 408 3.59 8.82 6.25
CA SER D 408 2.25 8.32 6.67
C SER D 408 1.36 9.53 6.94
N ALA D 409 0.05 9.38 6.93
CA ALA D 409 -0.89 10.49 7.18
C ALA D 409 -0.65 11.02 8.59
N ASN D 410 -0.46 10.12 9.56
CA ASN D 410 -0.11 10.51 10.94
C ASN D 410 1.17 11.36 10.94
N ASP D 411 2.21 11.01 10.16
CA ASP D 411 3.45 11.83 10.13
C ASP D 411 3.22 13.12 9.35
N ALA D 412 2.37 13.13 8.31
CA ALA D 412 2.01 14.38 7.59
C ALA D 412 1.42 15.39 8.59
N LEU D 413 0.49 14.97 9.45
CA LEU D 413 -0.18 15.82 10.47
C LEU D 413 0.88 16.35 11.45
N PHE D 414 1.75 15.46 11.93
CA PHE D 414 2.80 15.79 12.92
C PHE D 414 3.74 16.84 12.31
N CYS D 415 4.22 16.61 11.09
CA CYS D 415 5.08 17.55 10.35
C CYS D 415 4.40 18.92 10.25
N ALA D 416 3.13 18.94 9.82
CA ALA D 416 2.35 20.18 9.59
C ALA D 416 2.25 20.96 10.90
N THR D 417 1.94 20.25 11.98
CA THR D 417 1.83 20.79 13.35
C THR D 417 3.18 21.37 13.80
N LEU D 418 4.28 20.63 13.66
CA LEU D 418 5.61 21.10 14.13
C LEU D 418 5.95 22.39 13.39
N ALA D 419 5.73 22.42 12.08
CA ALA D 419 6.14 23.53 11.18
C ALA D 419 5.34 24.79 11.53
N THR D 420 4.03 24.68 11.76
CA THR D 420 3.14 25.85 12.01
C THR D 420 3.51 26.46 13.37
N LEU D 421 3.67 25.64 14.41
CA LEU D 421 4.07 26.10 15.76
C LEU D 421 5.47 26.74 15.69
N ALA D 422 6.35 26.20 14.84
CA ALA D 422 7.70 26.75 14.62
C ALA D 422 7.59 28.18 14.13
N VAL D 423 6.71 28.43 13.15
CA VAL D 423 6.50 29.78 12.56
C VAL D 423 5.85 30.69 13.61
N HIS D 424 4.80 30.21 14.30
CA HIS D 424 4.10 30.96 15.38
C HIS D 424 5.13 31.50 16.39
N GLU D 425 6.09 30.67 16.78
CA GLU D 425 7.06 30.95 17.88
C GLU D 425 8.23 31.79 17.37
N ALA D 426 8.74 31.51 16.18
CA ALA D 426 9.80 32.31 15.53
C ALA D 426 9.28 33.74 15.31
N MET D 427 8.03 33.89 14.85
CA MET D 427 7.38 35.23 14.66
C MET D 427 7.30 35.93 16.02
N ALA D 428 7.06 35.16 17.09
CA ALA D 428 7.05 35.65 18.49
C ALA D 428 8.48 35.79 19.02
N GLY D 429 9.50 35.72 18.16
CA GLY D 429 10.87 36.15 18.47
C GLY D 429 11.71 35.07 19.14
N ALA D 430 11.20 33.84 19.26
CA ALA D 430 11.98 32.67 19.70
C ALA D 430 13.14 32.44 18.72
N THR D 431 14.28 31.97 19.22
CA THR D 431 15.56 31.83 18.47
C THR D 431 16.56 30.99 19.29
N GLY D 432 17.46 30.29 18.62
CA GLY D 432 18.46 29.42 19.27
C GLY D 432 17.82 28.20 19.88
N CYS D 433 16.61 27.85 19.43
CA CYS D 433 15.83 26.71 19.96
C CYS D 433 15.35 25.78 18.85
N ILE D 434 14.97 24.57 19.24
CA ILE D 434 14.23 23.56 18.42
C ILE D 434 12.79 23.54 18.91
N ILE D 435 11.89 22.98 18.09
CA ILE D 435 10.53 22.59 18.54
C ILE D 435 10.51 21.07 18.68
N ALA D 436 9.98 20.59 19.80
CA ALA D 436 9.93 19.16 20.13
C ALA D 436 8.54 18.83 20.67
N MET D 437 8.25 17.54 20.77
CA MET D 437 6.95 16.99 21.21
C MET D 437 7.22 15.98 22.32
N ARG D 438 6.59 16.18 23.48
CA ARG D 438 6.91 15.47 24.73
C ARG D 438 5.67 15.47 25.62
N HIS D 439 5.30 14.31 26.18
CA HIS D 439 4.09 14.17 27.03
C HIS D 439 2.88 14.75 26.29
N ASN D 440 2.78 14.49 24.98
CA ASN D 440 1.60 14.83 24.16
C ASN D 440 1.50 16.35 23.93
N ASN D 441 2.58 17.09 24.15
CA ASN D 441 2.60 18.57 24.03
C ASN D 441 3.82 19.02 23.23
N TYR D 442 3.70 20.15 22.55
CA TYR D 442 4.76 20.80 21.75
C TYR D 442 5.49 21.80 22.64
N ILE D 443 6.81 21.64 22.73
CA ILE D 443 7.67 22.44 23.65
C ILE D 443 8.79 23.08 22.83
N LEU D 444 9.36 24.16 23.35
CA LEU D 444 10.61 24.76 22.83
C LEU D 444 11.74 24.32 23.74
N VAL D 445 12.94 24.10 23.18
CA VAL D 445 14.15 23.61 23.87
C VAL D 445 15.32 24.37 23.30
N PRO D 446 16.17 25.04 24.11
CA PRO D 446 17.39 25.63 23.59
C PRO D 446 18.25 24.54 22.93
N ILE D 447 18.78 24.87 21.76
CA ILE D 447 19.70 24.00 20.98
C ILE D 447 20.86 23.55 21.88
N LYS D 448 21.41 24.47 22.69
CA LYS D 448 22.58 24.20 23.55
C LYS D 448 22.34 22.91 24.35
N VAL D 449 21.25 22.82 25.10
CA VAL D 449 20.94 21.61 25.92
C VAL D 449 20.57 20.46 24.98
N ALA D 450 19.78 20.72 23.93
CA ALA D 450 19.21 19.71 23.01
C ALA D 450 20.32 18.88 22.39
N THR D 451 21.50 19.48 22.21
CA THR D 451 22.67 18.91 21.47
C THR D 451 23.74 18.43 22.45
N SER D 452 23.49 18.48 23.76
CA SER D 452 24.46 18.12 24.83
C SER D 452 24.09 16.76 25.43
N VAL D 453 22.89 16.27 25.14
CA VAL D 453 22.34 15.00 25.69
C VAL D 453 21.54 14.37 24.55
N ARG D 454 21.49 13.05 24.49
CA ARG D 454 20.79 12.29 23.42
C ARG D 454 20.05 11.13 24.06
N ARG D 455 19.14 10.53 23.31
CA ARG D 455 18.19 9.49 23.77
C ARG D 455 18.69 8.13 23.26
N VAL D 456 18.34 7.06 23.99
CA VAL D 456 18.81 5.66 23.68
C VAL D 456 17.87 4.69 24.39
N LEU D 457 17.83 3.44 23.94
CA LEU D 457 16.92 2.41 24.51
C LEU D 457 17.26 2.19 25.98
N ASP D 458 16.24 2.14 26.81
CA ASP D 458 16.32 1.59 28.18
C ASP D 458 16.18 0.07 28.07
N LEU D 459 17.26 -0.70 28.26
CA LEU D 459 17.23 -2.19 28.18
C LEU D 459 16.36 -2.79 29.29
N ARG D 460 15.89 -1.99 30.25
CA ARG D 460 15.05 -2.48 31.38
C ARG D 460 13.62 -1.94 31.25
N GLY D 461 13.31 -1.27 30.14
CA GLY D 461 11.99 -0.66 29.84
C GLY D 461 11.08 -1.58 29.03
N GLN D 462 9.82 -1.20 28.86
CA GLN D 462 8.73 -2.07 28.33
C GLN D 462 9.01 -2.44 26.87
N LEU D 463 9.46 -1.50 26.05
CA LEU D 463 9.73 -1.78 24.62
C LEU D 463 10.75 -2.93 24.53
N TRP D 464 11.92 -2.78 25.17
CA TRP D 464 12.99 -3.80 25.10
C TRP D 464 12.52 -5.10 25.76
N ARG D 465 11.65 -5.04 26.76
CA ARG D 465 11.10 -6.26 27.38
C ARG D 465 10.31 -7.02 26.30
N GLN D 466 9.56 -6.31 25.46
CA GLN D 466 8.74 -6.93 24.38
C GLN D 466 9.66 -7.56 23.33
N VAL D 467 10.82 -6.95 23.04
CA VAL D 467 11.84 -7.52 22.11
C VAL D 467 12.35 -8.84 22.69
N ARG D 468 12.63 -8.90 23.99
CA ARG D 468 13.18 -10.11 24.66
C ARG D 468 12.14 -11.24 24.68
N GLU D 469 10.85 -10.90 24.82
CA GLU D 469 9.72 -11.89 24.80
C GLU D 469 9.66 -12.58 23.43
N ILE D 470 10.05 -11.90 22.33
CA ILE D 470 9.90 -12.42 20.93
C ILE D 470 11.20 -13.10 20.49
N THR D 471 12.34 -12.44 20.72
CA THR D 471 13.68 -12.87 20.25
C THR D 471 14.16 -14.10 21.02
N VAL D 472 15.11 -14.83 20.45
CA VAL D 472 15.62 -16.11 21.03
C VAL D 472 16.32 -15.76 22.33
N ASP D 473 16.14 -16.61 23.34
CA ASP D 473 16.64 -16.42 24.71
C ASP D 473 17.49 -17.62 25.11
N LEU D 474 18.78 -17.40 25.42
CA LEU D 474 19.75 -18.46 25.81
C LEU D 474 19.37 -19.04 27.18
N GLY D 475 18.58 -18.31 27.97
CA GLY D 475 18.15 -18.69 29.32
C GLY D 475 17.38 -19.99 29.33
N SER D 476 16.19 -20.01 28.71
CA SER D 476 15.23 -21.15 28.71
C SER D 476 15.95 -22.42 28.27
N ASP D 477 15.90 -23.48 29.09
CA ASP D 477 16.45 -24.83 28.78
C ASP D 477 15.77 -25.35 27.50
N VAL D 478 16.54 -25.42 26.42
CA VAL D 478 16.12 -25.73 25.02
C VAL D 478 15.08 -26.85 25.00
N ARG D 479 15.43 -28.02 25.52
CA ARG D 479 14.76 -29.32 25.28
C ARG D 479 13.55 -29.45 26.22
N LEU D 480 13.65 -28.96 27.47
CA LEU D 480 12.48 -28.88 28.39
C LEU D 480 11.46 -27.90 27.78
N ALA D 481 11.89 -26.69 27.43
CA ALA D 481 11.05 -25.62 26.81
C ALA D 481 10.23 -26.22 25.66
N ARG D 482 10.85 -27.14 24.89
CA ARG D 482 10.29 -27.74 23.66
C ARG D 482 9.27 -28.84 24.02
N LYS D 483 9.47 -29.57 25.13
CA LYS D 483 8.55 -30.63 25.60
C LYS D 483 7.15 -30.03 25.77
N LEU D 484 7.06 -28.88 26.44
CA LEU D 484 5.78 -28.22 26.83
C LEU D 484 5.14 -27.67 25.56
N GLU D 485 5.95 -27.08 24.67
CA GLU D 485 5.54 -26.64 23.31
C GLU D 485 4.66 -27.73 22.70
N ILE D 486 5.19 -28.96 22.66
CA ILE D 486 4.58 -30.14 21.99
C ILE D 486 3.27 -30.47 22.71
N ARG D 487 3.32 -30.69 24.03
CA ARG D 487 2.15 -31.06 24.87
C ARG D 487 0.98 -30.12 24.59
N ARG D 488 1.24 -28.81 24.53
CA ARG D 488 0.22 -27.76 24.24
C ARG D 488 -0.37 -28.01 22.85
N GLU D 489 0.48 -28.30 21.87
CA GLU D 489 0.08 -28.51 20.45
C GLU D 489 -0.73 -29.79 20.32
N LEU D 490 -0.34 -30.86 21.01
CA LEU D 490 -1.06 -32.17 21.05
C LEU D 490 -2.46 -31.95 21.62
N GLU D 491 -2.54 -31.21 22.73
CA GLU D 491 -3.78 -30.90 23.47
C GLU D 491 -4.75 -30.16 22.54
N ALA D 492 -4.23 -29.28 21.67
CA ALA D 492 -5.01 -28.58 20.63
C ALA D 492 -5.46 -29.59 19.56
N ILE D 493 -4.51 -30.38 19.03
CA ILE D 493 -4.73 -31.34 17.90
C ILE D 493 -5.80 -32.35 18.34
N ASN D 494 -5.63 -32.97 19.50
CA ASN D 494 -6.47 -34.11 19.96
C ASN D 494 -7.91 -33.65 20.16
N ARG D 495 -8.14 -32.37 20.53
CA ARG D 495 -9.51 -31.80 20.67
C ARG D 495 -10.11 -31.64 19.28
N ASN D 496 -9.39 -30.95 18.39
CA ASN D 496 -9.76 -30.75 16.97
C ASN D 496 -10.07 -32.13 16.38
N ARG D 497 -9.24 -33.13 16.70
CA ARG D 497 -9.34 -34.52 16.20
C ARG D 497 -10.71 -35.11 16.55
N ASP D 498 -11.16 -34.95 17.80
CA ASP D 498 -12.42 -35.57 18.29
C ASP D 498 -13.63 -34.84 17.72
N ARG D 499 -13.64 -33.50 17.77
CA ARG D 499 -14.78 -32.67 17.29
C ARG D 499 -15.11 -33.07 15.85
N LEU D 500 -14.10 -33.31 15.02
CA LEU D 500 -14.26 -33.83 13.63
C LEU D 500 -14.95 -35.20 13.69
N HIS D 501 -14.34 -36.16 14.39
CA HIS D 501 -14.84 -37.56 14.57
C HIS D 501 -16.32 -37.53 14.90
N GLU D 502 -16.74 -36.64 15.82
CA GLU D 502 -18.15 -36.47 16.27
C GLU D 502 -19.08 -36.36 15.05
N GLU D 503 -18.78 -35.45 14.11
CA GLU D 503 -19.66 -35.16 12.94
C GLU D 503 -20.02 -36.45 12.18
N LEU D 504 -19.03 -37.31 11.91
CA LEU D 504 -19.26 -38.62 11.24
C LEU D 504 -20.14 -39.50 12.13
#